data_7PFU
#
_entry.id   7PFU
#
_cell.length_a   1.00
_cell.length_b   1.00
_cell.length_c   1.00
_cell.angle_alpha   90.00
_cell.angle_beta   90.00
_cell.angle_gamma   90.00
#
_symmetry.space_group_name_H-M   'P 1'
#
loop_
_entity.id
_entity.type
_entity.pdbx_description
1 polymer 'Histone H3.2'
2 polymer 'Histone H4'
3 polymer 'Histone H2A type 1-B/E'
4 polymer 'Histone H2B type 1-K'
5 polymer 'Histone H1.4'
6 polymer 'DNA (591-MER)'
7 polymer 'DNA (591-MER)'
#
loop_
_entity_poly.entity_id
_entity_poly.type
_entity_poly.pdbx_seq_one_letter_code
_entity_poly.pdbx_strand_id
1 'polypeptide(L)'
;MARTKQTARKSTGGKAPRKQLATKAARKSAPATGGVKKPHRYRPGTVALREIRRYQKSTELLIRKLPFQRLVREIAQDFK
TDLRFQSSAVMALQEASEAYLVGLFEDTNLAAIHAKRVTIMPKDIQLARRIRGERA
;
A,E,K,O
2 'polypeptide(L)'
;MSGRGKGGKGLGKGGAKRHRKVLRDNIQGITKPAIRRLARRGGVKRISGLIYEETRGVLKVFLENVIRDAVTYTEHAKRK
TVTAMDVVYALKRQGRTLYGFGG
;
B,F,L,P
3 'polypeptide(L)'
;HHHHHHENLYFQSNAPWMSGRGKQGGKARAKAKTRSSRAGLQFPVGRVHRLLRKGNYSERVGAGAPVYLAAVLEYLTAEI
LELAGNAARDNKKTRIIPRHLQLAIRNDEELNKLLGRVTIAQGGVLPNIQAVLLPKKTESHHKAKGK
;
C,G,M,Q
4 'polypeptide(L)'
;MPEPAKSAPAPKKGSKKAVTKAQKKDGKKRKRSRKESYSVYVYKVLKQVHPDTGISSKAMGIMNSFVNDIFERIAGEASR
LAHYNKRSTITSREIQTAVRLLLPGELAKHAVSEGTKAVTKYTSAK
;
D,H,N,R
5 'polypeptide(L)'
;SETAPAAPAAPAPAEKTPVKKKARKSAGAAKRKASGPPVSELITKAVAASKERSGVSLAALKKALAAAGYDVEKNNSRIK
LGLKSLVSKGTLVQTKGTGASGSFKLNKKAASGEAKPKAKKAGAAKAKKPAGAAKKPKKATGAATPKKSAKKTPKKAKKP
AAAAGAKKAKSPKKAKAAKPKKAPKSPAKAKAVKPKAAKPKTAKPKAAKPKKAAAKKK
;
U,S
6 'polydeoxyribonucleotide'
;(DA)(DT)(DC)(DC)(DT)(DG)(DG)(DC)(DC)(DG)(DC)(DC)(DA)(DC)(DT)(DG)(DG)(DC)(DC)(DG)
(DC)(DC)(DA)(DC)(DT)(DG)(DG)(DC)(DC)(DA)(DC)(DT)(DG)(DG)(DA)(DG)(DA)(DA)(DT)(DC)
(DC)(DC)(DG)(DG)(DT)(DG)(DC)(DC)(DG)(DA)(DG)(DG)(DC)(DC)(DG)(DC)(DT)(DC)(DA)(DA)
(DT)(DT)(DG)(DG)(DT)(DC)(DG)(DT)(DA)(DG)(DA)(DC)(DA)(DG)(DC)(DT)(DC)(DT)(DA)(DG)
(DC)(DA)(DC)(DC)(DG)(DC)(DT)(DT)(DA)(DA)(DA)(DC)(DG)(DC)(DA)(DC)(DG)(DT)(DA)(DC)
(DG)(DC)(DG)(DC)(DT)(DG)(DT)(DC)(DC)(DC)(DC)(DC)(DG)(DC)(DG)(DT)(DT)(DT)(DT)(DA)
(DA)(DC)(DC)(DG)(DC)(DC)(DA)(DA)(DG)(DG)(DG)(DG)(DA)(DT)(DT)(DA)(DC)(DT)(DC)(DC)
(DC)(DT)(DA)(DG)(DT)(DC)(DT)(DC)(DC)(DA)(DG)(DG)(DC)(DA)(DC)(DG)(DT)(DG)(DT)(DC)
(DA)(DC)(DA)(DT)(DA)(DT)(DA)(DT)(DA)(DC)(DA)(DT)(DC)(DC)(DT)(DG)(DT)(DG)(DC)(DA)
(DT)(DG)(DT)(DA)(DA)(DG)(DT)(DG)(DC)(DA)(DT)(DG)(DT)(DA)(DA)(DG)(DT)(DG)(DC)(DA)
(DT)(DG)(DT)(DA)(DA)(DG)(DT)(DA)(DC)(DT)(DC)(DT)(DG)(DG)(DC)(DC)(DG)(DC)(DC)(DA)
(DC)(DT)(DG)(DG)(DC)(DC)(DG)(DC)(DC)(DA)(DC)(DT)(DG)(DG)(DC)(DC)(DA)(DC)(DT)(DG)
(DG)(DA)(DG)(DA)(DA)(DT)(DC)(DC)(DC)(DG)(DG)(DT)(DG)(DC)(DC)(DG)(DA)(DG)(DG)(DC)
(DC)(DG)(DC)(DT)(DC)(DA)(DA)(DT)(DT)(DG)(DG)(DT)(DC)(DG)(DT)(DA)(DG)(DA)(DC)(DA)
(DG)(DC)(DT)(DC)(DT)(DA)(DG)(DC)(DA)(DC)(DC)(DG)(DC)(DT)(DT)(DA)(DA)(DA)(DC)(DG)
(DC)(DA)(DC)(DG)(DT)(DA)(DC)(DG)(DC)(DG)(DC)(DT)(DG)(DT)(DC)(DC)(DC)(DC)(DC)(DG)
(DC)(DG)(DT)(DT)(DT)(DT)(DA)(DA)(DC)(DC)(DG)(DC)(DC)(DA)(DA)(DG)(DG)(DG)(DG)(DA)
(DT)(DT)(DA)(DC)(DT)(DC)(DC)(DC)(DT)(DA)(DG)(DT)(DC)(DT)(DC)(DC)(DA)(DG)(DG)(DC)
(DA)(DC)(DG)(DT)(DG)(DT)(DC)(DA)(DC)(DA)(DT)(DA)(DT)(DA)(DT)(DA)(DC)(DA)(DT)(DC)
(DC)(DT)(DG)(DT)(DG)(DC)(DA)(DT)(DG)(DT)(DA)(DA)(DG)(DT)(DG)(DC)(DA)(DT)(DG)(DT)
(DA)(DA)(DG)(DT)(DG)(DC)(DA)(DT)(DG)(DT)(DA)(DA)(DG)(DT)(DA)(DC)(DT)(DC)(DT)(DG)
(DG)(DC)(DC)(DG)(DC)(DC)(DA)(DC)(DT)(DG)(DG)(DC)(DC)(DG)(DC)(DC)(DA)(DC)(DT)(DG)
(DG)(DC)(DC)(DA)(DC)(DT)(DG)(DG)(DA)(DG)(DA)(DA)(DT)(DC)(DC)(DC)(DG)(DG)(DT)(DG)
(DC)(DC)(DG)(DA)(DG)(DG)(DC)(DC)(DG)(DC)(DT)(DC)(DA)(DA)(DT)(DT)(DG)(DG)(DT)(DC)
(DG)(DT)(DA)(DG)(DA)(DC)(DA)(DG)(DC)(DT)(DC)(DT)(DA)(DG)(DC)(DA)(DC)(DC)(DG)(DC)
(DT)(DT)(DA)(DA)(DA)(DC)(DG)(DC)(DA)(DC)(DG)(DT)(DA)(DC)(DG)(DC)(DG)(DC)(DT)(DG)
(DT)(DC)(DC)(DC)(DC)(DC)(DG)(DC)(DG)(DT)(DT)(DT)(DT)(DA)(DA)(DC)(DC)(DG)(DC)(DC)
(DA)(DA)(DG)(DG)(DG)(DG)(DA)(DT)(DT)(DA)(DC)(DT)(DC)(DC)(DC)(DT)(DA)(DG)(DT)(DC)
(DT)(DC)(DC)(DA)(DG)(DG)(DC)(DA)(DC)(DG)(DT)(DG)(DT)(DC)(DA)(DC)(DA)(DT)(DA)(DT)
(DA)(DT)(DA)(DC)(DA)(DT)(DC)(DC)(DT)(DG)(DT)(DG)(DC)(DA)(DT)(DG)(DT)(DA)(DA)(DG)
(DT)(DG)(DC)(DA)(DT)(DG)(DT)(DA)(DA)(DG)(DT)(DG)(DC)(DA)(DT)(DG)(DT)(DA)(DA)(DG)
(DT)(DA)(DC)(DT)(DC)(DT)(DG)(DG)(DC)(DC)(DG)(DC)(DC)(DA)(DC)(DT)(DG)(DG)(DC)(DC)
(DG)(DC)(DC)(DA)(DC)(DT)(DG)(DG)(DC)(DC)(DA)(DC)(DT)(DG)(DG)(DA)(DG)(DA)(DA)(DT)
(DC)(DC)(DC)(DG)(DG)(DT)(DG)(DC)(DC)(DG)(DA)(DG)(DG)(DC)(DC)(DG)(DC)(DT)(DC)(DA)
(DA)(DT)(DT)(DG)(DG)(DT)(DC)(DG)(DT)(DA)(DG)(DA)(DC)(DA)(DG)(DC)(DT)(DC)(DT)(DA)
(DG)(DC)(DA)(DC)(DC)(DG)(DC)(DT)(DT)(DA)(DA)(DA)(DC)(DG)(DC)(DA)(DC)(DG)(DT)(DA)
(DC)(DG)(DC)(DG)(DC)(DT)(DG)(DT)(DC)(DC)(DC)(DC)(DC)(DG)(DC)(DG)(DT)(DT)(DT)(DT)
(DA)(DA)(DC)(DC)(DG)(DC)(DC)(DA)(DA)(DG)(DG)(DG)(DG)(DA)(DT)(DT)(DA)(DC)(DT)(DC)
(DC)(DC)(DT)(DA)(DG)(DT)(DC)(DT)(DC)(DC)(DA)(DG)(DG)(DC)(DA)(DC)(DG)(DT)(DG)(DT)
(DC)(DA)(DC)(DA)(DT)(DA)(DT)(DA)(DT)(DA)(DC)(DA)(DT)(DC)(DC)(DT)(DG)(DT)(DG)(DC)
(DA)(DT)(DG)(DT)(DA)(DA)(DG)(DT)(DG)(DC)(DA)(DT)(DG)(DT)(DA)(DA)(DG)(DT)(DG)(DC)
(DA)(DT)(DG)(DT)(DA)(DG)(DA)(DT)
;
I
7 'polydeoxyribonucleotide'
;(DA)(DT)(DC)(DT)(DA)(DC)(DA)(DT)(DG)(DC)(DA)(DC)(DT)(DT)(DA)(DC)(DA)(DT)(DG)(DC)
(DA)(DC)(DT)(DT)(DA)(DC)(DA)(DT)(DG)(DC)(DA)(DC)(DA)(DG)(DG)(DA)(DT)(DG)(DT)(DA)
(DT)(DA)(DT)(DA)(DT)(DG)(DT)(DG)(DA)(DC)(DA)(DC)(DG)(DT)(DG)(DC)(DC)(DT)(DG)(DG)
(DA)(DG)(DA)(DC)(DT)(DA)(DG)(DG)(DG)(DA)(DG)(DT)(DA)(DA)(DT)(DC)(DC)(DC)(DC)(DT)
(DT)(DG)(DG)(DC)(DG)(DG)(DT)(DT)(DA)(DA)(DA)(DA)(DC)(DG)(DC)(DG)(DG)(DG)(DG)(DG)
(DA)(DC)(DA)(DG)(DC)(DG)(DC)(DG)(DT)(DA)(DC)(DG)(DT)(DG)(DC)(DG)(DT)(DT)(DT)(DA)
(DA)(DG)(DC)(DG)(DG)(DT)(DG)(DC)(DT)(DA)(DG)(DA)(DG)(DC)(DT)(DG)(DT)(DC)(DT)(DA)
(DC)(DG)(DA)(DC)(DC)(DA)(DA)(DT)(DT)(DG)(DA)(DG)(DC)(DG)(DG)(DC)(DC)(DT)(DC)(DG)
(DG)(DC)(DA)(DC)(DC)(DG)(DG)(DG)(DA)(DT)(DT)(DC)(DT)(DC)(DC)(DA)(DG)(DT)(DG)(DG)
(DC)(DC)(DA)(DG)(DT)(DG)(DG)(DC)(DG)(DG)(DC)(DC)(DA)(DG)(DT)(DG)(DG)(DC)(DG)(DG)
(DC)(DC)(DA)(DG)(DA)(DG)(DT)(DA)(DC)(DT)(DT)(DA)(DC)(DA)(DT)(DG)(DC)(DA)(DC)(DT)
(DT)(DA)(DC)(DA)(DT)(DG)(DC)(DA)(DC)(DT)(DT)(DA)(DC)(DA)(DT)(DG)(DC)(DA)(DC)(DA)
(DG)(DG)(DA)(DT)(DG)(DT)(DA)(DT)(DA)(DT)(DA)(DT)(DG)(DT)(DG)(DA)(DC)(DA)(DC)(DG)
(DT)(DG)(DC)(DC)(DT)(DG)(DG)(DA)(DG)(DA)(DC)(DT)(DA)(DG)(DG)(DG)(DA)(DG)(DT)(DA)
(DA)(DT)(DC)(DC)(DC)(DC)(DT)(DT)(DG)(DG)(DC)(DG)(DG)(DT)(DT)(DA)(DA)(DA)(DA)(DC)
(DG)(DC)(DG)(DG)(DG)(DG)(DG)(DA)(DC)(DA)(DG)(DC)(DG)(DC)(DG)(DT)(DA)(DC)(DG)(DT)
(DG)(DC)(DG)(DT)(DT)(DT)(DA)(DA)(DG)(DC)(DG)(DG)(DT)(DG)(DC)(DT)(DA)(DG)(DA)(DG)
(DC)(DT)(DG)(DT)(DC)(DT)(DA)(DC)(DG)(DA)(DC)(DC)(DA)(DA)(DT)(DT)(DG)(DA)(DG)(DC)
(DG)(DG)(DC)(DC)(DT)(DC)(DG)(DG)(DC)(DA)(DC)(DC)(DG)(DG)(DG)(DA)(DT)(DT)(DC)(DT)
(DC)(DC)(DA)(DG)(DT)(DG)(DG)(DC)(DC)(DA)(DG)(DT)(DG)(DG)(DC)(DG)(DG)(DC)(DC)(DA)
(DG)(DT)(DG)(DG)(DC)(DG)(DG)(DC)(DC)(DA)(DG)(DA)(DG)(DT)(DA)(DC)(DT)(DT)(DA)(DC)
(DA)(DT)(DG)(DC)(DA)(DC)(DT)(DT)(DA)(DC)(DA)(DT)(DG)(DC)(DA)(DC)(DT)(DT)(DA)(DC)
(DA)(DT)(DG)(DC)(DA)(DC)(DA)(DG)(DG)(DA)(DT)(DG)(DT)(DA)(DT)(DA)(DT)(DA)(DT)(DG)
(DT)(DG)(DA)(DC)(DA)(DC)(DG)(DT)(DG)(DC)(DC)(DT)(DG)(DG)(DA)(DG)(DA)(DC)(DT)(DA)
(DG)(DG)(DG)(DA)(DG)(DT)(DA)(DA)(DT)(DC)(DC)(DC)(DC)(DT)(DT)(DG)(DG)(DC)(DG)(DG)
(DT)(DT)(DA)(DA)(DA)(DA)(DC)(DG)(DC)(DG)(DG)(DG)(DG)(DG)(DA)(DC)(DA)(DG)(DC)(DG)
(DC)(DG)(DT)(DA)(DC)(DG)(DT)(DG)(DC)(DG)(DT)(DT)(DT)(DA)(DA)(DG)(DC)(DG)(DG)(DT)
(DG)(DC)(DT)(DA)(DG)(DA)(DG)(DC)(DT)(DG)(DT)(DC)(DT)(DA)(DC)(DG)(DA)(DC)(DC)(DA)
(DA)(DT)(DT)(DG)(DA)(DG)(DC)(DG)(DG)(DC)(DC)(DT)(DC)(DG)(DG)(DC)(DA)(DC)(DC)(DG)
(DG)(DG)(DA)(DT)(DT)(DC)(DT)(DC)(DC)(DA)(DG)(DT)(DG)(DG)(DC)(DC)(DA)(DG)(DT)(DG)
(DG)(DC)(DG)(DG)(DC)(DC)(DA)(DG)(DT)(DG)(DG)(DC)(DG)(DG)(DC)(DC)(DA)(DG)(DA)(DG)
(DT)(DA)(DC)(DT)(DT)(DA)(DC)(DA)(DT)(DG)(DC)(DA)(DC)(DT)(DT)(DA)(DC)(DA)(DT)(DG)
(DC)(DA)(DC)(DT)(DT)(DA)(DC)(DA)(DT)(DG)(DC)(DA)(DC)(DA)(DG)(DG)(DA)(DT)(DG)(DT)
(DA)(DT)(DA)(DT)(DA)(DT)(DG)(DT)(DG)(DA)(DC)(DA)(DC)(DG)(DT)(DG)(DC)(DC)(DT)(DG)
(DG)(DA)(DG)(DA)(DC)(DT)(DA)(DG)(DG)(DG)(DA)(DG)(DT)(DA)(DA)(DT)(DC)(DC)(DC)(DC)
(DT)(DT)(DG)(DG)(DC)(DG)(DG)(DT)(DT)(DA)(DA)(DA)(DA)(DC)(DG)(DC)(DG)(DG)(DG)(DG)
(DG)(DA)(DC)(DA)(DG)(DC)(DG)(DC)(DG)(DT)(DA)(DC)(DG)(DT)(DG)(DC)(DG)(DT)(DT)(DT)
(DA)(DA)(DG)(DC)(DG)(DG)(DT)(DG)(DC)(DT)(DA)(DG)(DA)(DG)(DC)(DT)(DG)(DT)(DC)(DT)
(DA)(DC)(DG)(DA)(DC)(DC)(DA)(DA)(DT)(DT)(DG)(DA)(DG)(DC)(DG)(DG)(DC)(DC)(DT)(DC)
(DG)(DG)(DC)(DA)(DC)(DC)(DG)(DG)(DG)(DA)(DT)(DT)(DC)(DT)(DC)(DC)(DA)(DG)(DT)(DG)
(DG)(DC)(DC)(DA)(DG)(DT)(DG)(DG)(DC)(DG)(DG)(DC)(DC)(DA)(DG)(DT)(DG)(DG)(DC)(DG)
(DG)(DC)(DC)(DA)(DG)(DG)(DA)(DT)
;
J
#
loop_
_chem_comp.id
_chem_comp.type
_chem_comp.name
_chem_comp.formula
DA DNA linking 2'-DEOXYADENOSINE-5'-MONOPHOSPHATE 'C10 H14 N5 O6 P'
DC DNA linking 2'-DEOXYCYTIDINE-5'-MONOPHOSPHATE 'C9 H14 N3 O7 P'
DG DNA linking 2'-DEOXYGUANOSINE-5'-MONOPHOSPHATE 'C10 H14 N5 O7 P'
DT DNA linking THYMIDINE-5'-MONOPHOSPHATE 'C10 H15 N2 O8 P'
#
# COMPACT_ATOMS: atom_id res chain seq x y z
N LYS A 38 13.21 5.17 -52.24
CA LYS A 38 12.21 6.14 -51.81
C LYS A 38 12.65 6.82 -50.51
N PRO A 39 12.22 8.06 -50.31
CA PRO A 39 12.50 8.73 -49.03
C PRO A 39 11.67 8.13 -47.91
N HIS A 40 12.17 8.30 -46.69
CA HIS A 40 11.48 7.80 -45.51
C HIS A 40 10.20 8.59 -45.27
N ARG A 41 9.14 7.89 -44.88
CA ARG A 41 7.86 8.53 -44.58
C ARG A 41 7.11 7.67 -43.59
N TYR A 42 6.83 8.23 -42.42
CA TYR A 42 6.06 7.51 -41.42
C TYR A 42 4.58 7.44 -41.83
N ARG A 43 3.94 6.35 -41.44
CA ARG A 43 2.49 6.21 -41.64
C ARG A 43 1.75 7.15 -40.70
N PRO A 44 0.50 7.52 -41.03
CA PRO A 44 -0.25 8.43 -40.15
C PRO A 44 -0.46 7.88 -38.75
N GLY A 45 -0.26 8.76 -37.77
CA GLY A 45 -0.39 8.43 -36.36
C GLY A 45 0.92 8.19 -35.64
N THR A 46 1.97 7.78 -36.36
CA THR A 46 3.25 7.49 -35.72
C THR A 46 3.91 8.75 -35.18
N VAL A 47 4.01 9.78 -36.03
CA VAL A 47 4.52 11.07 -35.59
C VAL A 47 3.60 11.67 -34.55
N ALA A 48 2.28 11.46 -34.71
CA ALA A 48 1.32 11.90 -33.73
C ALA A 48 1.54 11.23 -32.39
N LEU A 49 1.80 9.92 -32.39
CA LEU A 49 2.11 9.21 -31.14
C LEU A 49 3.38 9.74 -30.51
N ARG A 50 4.42 9.97 -31.32
CA ARG A 50 5.69 10.45 -30.78
C ARG A 50 5.54 11.83 -30.16
N GLU A 51 4.81 12.72 -30.83
CA GLU A 51 4.65 14.06 -30.29
C GLU A 51 3.67 14.08 -29.11
N ILE A 52 2.70 13.17 -29.09
CA ILE A 52 1.84 13.03 -27.93
C ILE A 52 2.66 12.61 -26.71
N ARG A 53 3.54 11.62 -26.90
CA ARG A 53 4.39 11.18 -25.80
C ARG A 53 5.34 12.28 -25.38
N ARG A 54 5.89 13.02 -26.35
CA ARG A 54 6.83 14.11 -26.05
C ARG A 54 6.15 15.19 -25.22
N TYR A 55 5.01 15.68 -25.68
CA TYR A 55 4.36 16.78 -24.98
C TYR A 55 3.70 16.32 -23.69
N GLN A 56 3.39 15.03 -23.57
CA GLN A 56 3.02 14.51 -22.25
C GLN A 56 4.21 14.52 -21.31
N LYS A 57 5.39 14.13 -21.79
CA LYS A 57 6.58 14.22 -20.94
C LYS A 57 7.00 15.67 -20.72
N SER A 58 6.91 16.48 -21.77
CA SER A 58 7.42 17.84 -21.66
C SER A 58 6.42 18.73 -20.93
N THR A 59 6.91 19.85 -20.41
CA THR A 59 6.09 20.81 -19.68
C THR A 59 6.10 22.21 -20.25
N GLU A 60 7.01 22.53 -21.17
CA GLU A 60 7.15 23.87 -21.68
C GLU A 60 5.98 24.27 -22.57
N LEU A 61 5.87 25.58 -22.80
CA LEU A 61 4.65 26.19 -23.30
C LEU A 61 4.38 25.80 -24.75
N LEU A 62 3.11 25.55 -25.06
CA LEU A 62 2.69 25.22 -26.41
C LEU A 62 2.21 26.42 -27.19
N ILE A 63 2.30 27.62 -26.61
CA ILE A 63 1.83 28.86 -27.23
C ILE A 63 3.01 29.80 -27.39
N ARG A 64 3.13 30.40 -28.58
CA ARG A 64 4.09 31.48 -28.77
C ARG A 64 3.71 32.65 -27.87
N LYS A 65 4.68 33.14 -27.10
CA LYS A 65 4.36 33.98 -25.94
C LYS A 65 3.93 35.38 -26.37
N LEU A 66 4.64 35.97 -27.33
CA LEU A 66 4.35 37.35 -27.72
C LEU A 66 2.96 37.55 -28.34
N PRO A 67 2.49 36.72 -29.30
CA PRO A 67 1.09 36.90 -29.75
C PRO A 67 0.07 36.59 -28.68
N PHE A 68 0.39 35.70 -27.73
CA PHE A 68 -0.50 35.47 -26.60
C PHE A 68 -0.65 36.74 -25.75
N GLN A 69 0.47 37.36 -25.39
CA GLN A 69 0.43 38.59 -24.60
C GLN A 69 -0.28 39.71 -25.35
N ARG A 70 -0.03 39.79 -26.66
CA ARG A 70 -0.69 40.78 -27.50
C ARG A 70 -2.20 40.55 -27.53
N LEU A 71 -2.63 39.28 -27.58
CA LEU A 71 -4.06 38.97 -27.51
C LEU A 71 -4.66 39.32 -26.16
N VAL A 72 -3.91 39.10 -25.07
CA VAL A 72 -4.38 39.46 -23.74
C VAL A 72 -4.59 40.97 -23.65
N ARG A 73 -3.64 41.74 -24.17
CA ARG A 73 -3.79 43.19 -24.20
C ARG A 73 -4.97 43.60 -25.08
N GLU A 74 -5.17 42.89 -26.19
CA GLU A 74 -6.30 43.15 -27.09
C GLU A 74 -7.64 42.96 -26.38
N ILE A 75 -7.77 41.88 -25.62
CA ILE A 75 -9.02 41.60 -24.94
C ILE A 75 -9.21 42.58 -23.78
N ALA A 76 -8.13 42.85 -23.03
CA ALA A 76 -8.24 43.67 -21.85
C ALA A 76 -8.50 45.14 -22.18
N GLN A 77 -7.98 45.61 -23.31
CA GLN A 77 -8.22 46.99 -23.73
C GLN A 77 -9.70 47.23 -24.01
N ASP A 78 -10.41 46.19 -24.44
CA ASP A 78 -11.84 46.29 -24.69
C ASP A 78 -12.64 46.59 -23.42
N PHE A 79 -12.15 46.18 -22.26
CA PHE A 79 -12.89 46.36 -21.02
C PHE A 79 -12.39 47.53 -20.20
N LYS A 80 -11.10 47.82 -20.27
CA LYS A 80 -10.54 48.98 -19.60
C LYS A 80 -9.32 49.43 -20.40
N THR A 81 -9.17 50.75 -20.55
CA THR A 81 -8.19 51.25 -21.49
C THR A 81 -6.79 51.31 -20.88
N ASP A 82 -5.79 51.13 -21.75
CA ASP A 82 -4.37 51.27 -21.44
C ASP A 82 -3.96 50.35 -20.28
N LEU A 83 -4.35 49.10 -20.35
CA LEU A 83 -4.04 48.18 -19.27
C LEU A 83 -2.64 47.63 -19.42
N ARG A 84 -1.84 47.79 -18.37
CA ARG A 84 -0.47 47.29 -18.32
C ARG A 84 -0.45 45.99 -17.53
N PHE A 85 0.55 45.17 -17.82
CA PHE A 85 0.56 43.79 -17.34
C PHE A 85 1.90 43.46 -16.69
N GLN A 86 1.84 42.90 -15.49
CA GLN A 86 2.93 42.07 -15.03
C GLN A 86 3.10 40.91 -15.99
N SER A 87 4.34 40.61 -16.36
CA SER A 87 4.59 39.45 -17.21
C SER A 87 4.19 38.16 -16.52
N SER A 88 4.37 38.13 -15.20
CA SER A 88 3.92 36.98 -14.41
C SER A 88 2.40 36.84 -14.47
N ALA A 89 1.69 37.96 -14.52
CA ALA A 89 0.23 37.89 -14.66
C ALA A 89 -0.15 37.30 -16.01
N VAL A 90 0.55 37.69 -17.07
CA VAL A 90 0.32 37.11 -18.40
C VAL A 90 0.63 35.62 -18.37
N MET A 91 1.69 35.22 -17.67
CA MET A 91 2.03 33.82 -17.57
C MET A 91 0.97 33.03 -16.80
N ALA A 92 0.48 33.59 -15.69
CA ALA A 92 -0.55 32.88 -14.93
C ALA A 92 -1.82 32.73 -15.75
N LEU A 93 -2.19 33.80 -16.48
CA LEU A 93 -3.26 33.71 -17.47
C LEU A 93 -2.98 32.63 -18.49
N GLN A 94 -1.71 32.48 -18.87
CA GLN A 94 -1.32 31.46 -19.82
C GLN A 94 -1.60 30.07 -19.24
N GLU A 95 -0.94 29.67 -18.12
CA GLU A 95 -1.14 28.29 -17.65
C GLU A 95 -2.59 28.01 -17.30
N ALA A 96 -3.33 29.02 -16.82
CA ALA A 96 -4.76 28.84 -16.65
C ALA A 96 -5.44 28.52 -17.97
N SER A 97 -5.04 29.23 -19.04
CA SER A 97 -5.65 29.03 -20.34
C SER A 97 -5.39 27.64 -20.88
N GLU A 98 -4.11 27.23 -21.00
CA GLU A 98 -3.98 25.93 -21.64
C GLU A 98 -4.32 24.80 -20.68
N ALA A 99 -4.35 25.03 -19.37
CA ALA A 99 -4.87 24.01 -18.47
C ALA A 99 -6.34 23.76 -18.75
N TYR A 100 -7.12 24.84 -18.89
CA TYR A 100 -8.52 24.71 -19.27
C TYR A 100 -8.67 24.01 -20.62
N LEU A 101 -7.86 24.43 -21.59
CA LEU A 101 -7.92 23.82 -22.91
C LEU A 101 -7.55 22.34 -22.88
N VAL A 102 -6.49 21.96 -22.17
CA VAL A 102 -6.06 20.57 -22.21
C VAL A 102 -7.07 19.69 -21.49
N GLY A 103 -7.67 20.19 -20.39
CA GLY A 103 -8.71 19.43 -19.72
C GLY A 103 -9.91 19.22 -20.63
N LEU A 104 -10.32 20.27 -21.33
CA LEU A 104 -11.35 20.15 -22.36
C LEU A 104 -10.94 19.18 -23.44
N PHE A 105 -9.63 19.03 -23.66
CA PHE A 105 -9.17 18.13 -24.71
C PHE A 105 -9.26 16.66 -24.31
N GLU A 106 -8.96 16.29 -23.04
CA GLU A 106 -9.25 14.87 -22.76
C GLU A 106 -10.74 14.64 -22.68
N ASP A 107 -11.52 15.66 -22.32
CA ASP A 107 -12.97 15.52 -22.40
C ASP A 107 -13.41 15.25 -23.84
N THR A 108 -12.82 15.98 -24.79
CA THR A 108 -13.09 15.77 -26.20
C THR A 108 -12.65 14.37 -26.65
N ASN A 109 -11.49 13.92 -26.16
CA ASN A 109 -10.98 12.61 -26.52
C ASN A 109 -11.88 11.50 -25.98
N LEU A 110 -12.38 11.66 -24.76
CA LEU A 110 -13.32 10.69 -24.20
C LEU A 110 -14.62 10.68 -24.98
N ALA A 111 -15.07 11.86 -25.42
CA ALA A 111 -16.25 11.92 -26.28
C ALA A 111 -16.01 11.20 -27.61
N ALA A 112 -14.80 11.36 -28.17
CA ALA A 112 -14.51 10.76 -29.47
C ALA A 112 -14.42 9.25 -29.38
N ILE A 113 -13.75 8.74 -28.34
CA ILE A 113 -13.67 7.30 -28.17
C ILE A 113 -15.02 6.72 -27.75
N HIS A 114 -15.86 7.54 -27.13
CA HIS A 114 -17.25 7.15 -26.93
C HIS A 114 -17.99 7.03 -28.24
N ALA A 115 -17.69 7.91 -29.19
CA ALA A 115 -18.31 7.89 -30.51
C ALA A 115 -17.59 6.96 -31.47
N LYS A 116 -16.71 6.08 -30.96
CA LYS A 116 -15.99 5.07 -31.75
C LYS A 116 -15.09 5.69 -32.80
N ARG A 117 -14.59 6.90 -32.57
CA ARG A 117 -13.85 7.65 -33.57
C ARG A 117 -12.45 7.96 -33.05
N VAL A 118 -11.58 8.37 -33.97
CA VAL A 118 -10.28 8.94 -33.63
C VAL A 118 -10.14 10.37 -34.12
N THR A 119 -11.03 10.85 -34.98
CA THR A 119 -11.00 12.24 -35.43
C THR A 119 -12.07 13.02 -34.69
N ILE A 120 -11.64 14.04 -33.97
CA ILE A 120 -12.56 14.86 -33.19
C ILE A 120 -13.18 15.93 -34.07
N MET A 121 -14.38 16.36 -33.69
CA MET A 121 -15.12 17.45 -34.31
C MET A 121 -15.54 18.44 -33.24
N PRO A 122 -15.81 19.71 -33.62
CA PRO A 122 -16.17 20.71 -32.59
C PRO A 122 -17.45 20.42 -31.83
N LYS A 123 -18.34 19.55 -32.34
CA LYS A 123 -19.48 19.16 -31.54
C LYS A 123 -19.07 18.37 -30.31
N ASP A 124 -17.93 17.67 -30.36
CA ASP A 124 -17.40 17.01 -29.17
C ASP A 124 -17.02 18.03 -28.10
N ILE A 125 -16.36 19.12 -28.51
CA ILE A 125 -16.02 20.19 -27.59
C ILE A 125 -17.28 20.84 -27.04
N GLN A 126 -18.28 21.05 -27.90
CA GLN A 126 -19.55 21.61 -27.47
C GLN A 126 -20.22 20.70 -26.44
N LEU A 127 -20.19 19.39 -26.67
CA LEU A 127 -20.75 18.44 -25.72
C LEU A 127 -20.02 18.49 -24.38
N ALA A 128 -18.69 18.57 -24.42
CA ALA A 128 -17.91 18.60 -23.19
C ALA A 128 -18.18 19.87 -22.40
N ARG A 129 -18.24 21.01 -23.08
CA ARG A 129 -18.57 22.27 -22.43
C ARG A 129 -19.97 22.26 -21.83
N ARG A 130 -20.93 21.70 -22.57
CA ARG A 130 -22.32 21.80 -22.14
C ARG A 130 -22.60 20.81 -21.01
N ILE A 131 -21.97 19.64 -21.04
CA ILE A 131 -22.09 18.70 -19.93
C ILE A 131 -21.36 19.25 -18.71
N ARG A 132 -20.20 19.89 -18.91
CA ARG A 132 -19.62 20.65 -17.82
C ARG A 132 -20.50 21.84 -17.45
N GLY A 133 -21.24 22.38 -18.41
CA GLY A 133 -22.13 23.49 -18.13
C GLY A 133 -21.55 24.84 -18.48
N GLU A 134 -20.69 24.91 -19.49
CA GLU A 134 -20.08 26.17 -19.86
C GLU A 134 -21.01 26.99 -20.74
N LYS B 21 -0.75 49.62 -31.06
CA LYS B 21 -1.65 49.97 -29.97
C LYS B 21 -3.02 49.32 -30.16
N VAL B 22 -3.74 49.77 -31.19
CA VAL B 22 -5.04 49.19 -31.50
C VAL B 22 -4.84 47.83 -32.13
N LEU B 23 -5.52 46.82 -31.58
CA LEU B 23 -5.29 45.43 -31.94
C LEU B 23 -6.58 44.84 -32.51
N ARG B 24 -6.44 43.96 -33.49
CA ARG B 24 -7.55 43.58 -34.36
C ARG B 24 -7.94 42.11 -34.33
N ASP B 25 -7.07 41.16 -34.69
CA ASP B 25 -7.50 39.77 -34.78
C ASP B 25 -6.44 38.83 -34.23
N ASN B 26 -5.90 39.18 -33.06
CA ASN B 26 -4.86 38.38 -32.40
C ASN B 26 -5.39 37.07 -31.84
N ILE B 27 -6.69 36.80 -31.95
CA ILE B 27 -7.22 35.46 -31.68
C ILE B 27 -6.61 34.45 -32.65
N GLN B 28 -6.35 34.87 -33.88
CA GLN B 28 -5.61 34.05 -34.83
C GLN B 28 -4.11 34.15 -34.62
N GLY B 29 -3.65 34.99 -33.70
CA GLY B 29 -2.26 34.94 -33.27
C GLY B 29 -1.91 33.67 -32.54
N ILE B 30 -2.92 32.95 -32.03
CA ILE B 30 -2.75 31.59 -31.54
C ILE B 30 -2.82 30.68 -32.77
N THR B 31 -1.68 30.18 -33.21
CA THR B 31 -1.59 29.50 -34.49
C THR B 31 -2.26 28.13 -34.43
N LYS B 32 -2.64 27.63 -35.61
CA LYS B 32 -3.12 26.27 -35.73
C LYS B 32 -2.14 25.21 -35.25
N PRO B 33 -0.84 25.23 -35.59
CA PRO B 33 0.07 24.23 -35.00
C PRO B 33 0.21 24.33 -33.49
N ALA B 34 0.03 25.52 -32.91
CA ALA B 34 -0.03 25.63 -31.45
C ALA B 34 -1.23 24.86 -30.91
N ILE B 35 -2.36 24.94 -31.61
CA ILE B 35 -3.55 24.20 -31.21
C ILE B 35 -3.31 22.70 -31.36
N ARG B 36 -2.60 22.30 -32.42
CA ARG B 36 -2.23 20.89 -32.57
C ARG B 36 -1.32 20.43 -31.43
N ARG B 37 -0.37 21.28 -31.01
CA ARG B 37 0.47 20.99 -29.86
C ARG B 37 -0.36 20.79 -28.61
N LEU B 38 -1.35 21.67 -28.41
CA LEU B 38 -2.23 21.57 -27.27
C LEU B 38 -3.03 20.28 -27.28
N ALA B 39 -3.50 19.88 -28.46
CA ALA B 39 -4.24 18.63 -28.59
C ALA B 39 -3.35 17.42 -28.35
N ARG B 40 -2.09 17.47 -28.81
CA ARG B 40 -1.20 16.34 -28.62
C ARG B 40 -0.77 16.21 -27.16
N ARG B 41 -0.66 17.34 -26.44
CA ARG B 41 -0.43 17.22 -25.00
C ARG B 41 -1.64 16.60 -24.31
N GLY B 42 -2.84 16.86 -24.83
CA GLY B 42 -4.01 16.12 -24.41
C GLY B 42 -4.16 14.76 -25.05
N GLY B 43 -3.20 14.36 -25.88
CA GLY B 43 -3.23 13.03 -26.46
C GLY B 43 -4.24 12.85 -27.55
N VAL B 44 -4.69 13.93 -28.18
CA VAL B 44 -5.65 13.83 -29.26
C VAL B 44 -4.94 13.32 -30.51
N LYS B 45 -5.54 12.32 -31.17
CA LYS B 45 -4.89 11.71 -32.31
C LYS B 45 -5.14 12.49 -33.59
N ARG B 46 -6.40 12.68 -33.96
CA ARG B 46 -6.72 13.34 -35.22
C ARG B 46 -7.61 14.54 -34.97
N ILE B 47 -7.25 15.66 -35.60
CA ILE B 47 -7.88 16.95 -35.38
C ILE B 47 -8.56 17.38 -36.66
N SER B 48 -9.84 17.75 -36.57
CA SER B 48 -10.51 18.29 -37.75
C SER B 48 -10.04 19.70 -38.04
N GLY B 49 -10.25 20.12 -39.29
CA GLY B 49 -9.96 21.50 -39.65
C GLY B 49 -10.92 22.49 -39.03
N LEU B 50 -12.13 22.04 -38.67
CA LEU B 50 -13.12 22.89 -38.03
C LEU B 50 -12.79 23.17 -36.57
N ILE B 51 -11.81 22.47 -36.01
CA ILE B 51 -11.55 22.51 -34.58
C ILE B 51 -11.02 23.87 -34.16
N TYR B 52 -10.07 24.40 -34.93
CA TYR B 52 -9.21 25.48 -34.47
C TYR B 52 -9.97 26.77 -34.20
N GLU B 53 -10.88 27.15 -35.09
CA GLU B 53 -11.61 28.39 -34.91
C GLU B 53 -12.61 28.28 -33.76
N GLU B 54 -13.26 27.11 -33.63
CA GLU B 54 -14.21 26.90 -32.55
C GLU B 54 -13.51 26.92 -31.20
N THR B 55 -12.34 26.28 -31.11
CA THR B 55 -11.56 26.34 -29.89
C THR B 55 -11.04 27.74 -29.63
N ARG B 56 -10.73 28.50 -30.69
CA ARG B 56 -10.36 29.90 -30.52
C ARG B 56 -11.49 30.69 -29.89
N GLY B 57 -12.72 30.46 -30.36
CA GLY B 57 -13.86 31.13 -29.75
C GLY B 57 -14.09 30.72 -28.32
N VAL B 58 -13.89 29.43 -28.02
CA VAL B 58 -14.08 28.92 -26.67
C VAL B 58 -13.06 29.53 -25.72
N LEU B 59 -11.78 29.53 -26.13
CA LEU B 59 -10.75 30.14 -25.29
C LEU B 59 -10.93 31.63 -25.19
N LYS B 60 -11.48 32.26 -26.25
CA LYS B 60 -11.79 33.68 -26.19
C LYS B 60 -12.82 33.96 -25.11
N VAL B 61 -13.86 33.14 -25.04
CA VAL B 61 -14.89 33.29 -24.01
C VAL B 61 -14.28 33.09 -22.62
N PHE B 62 -13.45 32.07 -22.48
CA PHE B 62 -12.82 31.77 -21.20
C PHE B 62 -11.93 32.91 -20.74
N LEU B 63 -11.09 33.42 -21.65
CA LEU B 63 -10.20 34.52 -21.35
C LEU B 63 -10.96 35.79 -21.04
N GLU B 64 -12.06 36.07 -21.75
CA GLU B 64 -12.76 37.31 -21.46
C GLU B 64 -13.50 37.23 -20.12
N ASN B 65 -13.96 36.04 -19.73
CA ASN B 65 -14.47 35.85 -18.37
C ASN B 65 -13.41 36.17 -17.33
N VAL B 66 -12.24 35.53 -17.47
CA VAL B 66 -11.24 35.68 -16.41
C VAL B 66 -10.65 37.09 -16.43
N ILE B 67 -10.57 37.73 -17.59
CA ILE B 67 -9.99 39.06 -17.59
C ILE B 67 -11.02 40.07 -17.15
N ARG B 68 -12.31 39.81 -17.34
CA ARG B 68 -13.34 40.66 -16.75
C ARG B 68 -13.24 40.63 -15.24
N ASP B 69 -13.08 39.43 -14.68
CA ASP B 69 -12.94 39.29 -13.24
C ASP B 69 -11.68 40.00 -12.74
N ALA B 70 -10.55 39.75 -13.41
CA ALA B 70 -9.27 40.32 -12.99
C ALA B 70 -9.27 41.83 -13.13
N VAL B 71 -9.88 42.34 -14.19
CA VAL B 71 -10.02 43.78 -14.35
C VAL B 71 -10.81 44.35 -13.19
N THR B 72 -11.99 43.76 -12.92
CA THR B 72 -12.87 44.26 -11.85
C THR B 72 -12.16 44.32 -10.51
N TYR B 73 -11.34 43.30 -10.24
CA TYR B 73 -10.40 43.38 -9.12
C TYR B 73 -9.48 44.58 -9.25
N THR B 74 -8.95 44.82 -10.46
CA THR B 74 -7.89 45.81 -10.60
C THR B 74 -8.41 47.23 -10.44
N GLU B 75 -9.56 47.57 -11.02
CA GLU B 75 -10.06 48.92 -10.72
C GLU B 75 -10.60 49.01 -9.30
N HIS B 76 -11.02 47.88 -8.71
CA HIS B 76 -11.30 47.98 -7.29
C HIS B 76 -10.02 48.18 -6.49
N ALA B 77 -8.91 47.61 -6.96
CA ALA B 77 -7.64 47.71 -6.24
C ALA B 77 -7.02 49.09 -6.32
N LYS B 78 -7.58 49.99 -7.13
CA LYS B 78 -7.02 51.31 -7.45
C LYS B 78 -5.61 51.19 -8.03
N ARG B 79 -5.38 50.13 -8.80
CA ARG B 79 -4.18 50.01 -9.63
C ARG B 79 -4.58 50.10 -11.09
N LYS B 80 -3.71 50.68 -11.89
CA LYS B 80 -3.96 50.77 -13.32
C LYS B 80 -3.43 49.56 -14.05
N THR B 81 -2.47 48.85 -13.45
CA THR B 81 -1.84 47.69 -14.05
C THR B 81 -2.35 46.42 -13.39
N VAL B 82 -2.51 45.37 -14.20
CA VAL B 82 -2.95 44.08 -13.70
C VAL B 82 -1.81 43.39 -12.97
N THR B 83 -2.10 42.86 -11.78
CA THR B 83 -1.18 41.98 -11.06
C THR B 83 -1.69 40.55 -11.05
N ALA B 84 -0.75 39.62 -10.86
CA ALA B 84 -1.07 38.20 -10.93
C ALA B 84 -1.88 37.75 -9.72
N MET B 85 -1.78 38.46 -8.61
CA MET B 85 -2.59 38.13 -7.43
C MET B 85 -4.08 38.33 -7.70
N ASP B 86 -4.42 39.39 -8.45
CA ASP B 86 -5.77 39.52 -8.97
C ASP B 86 -6.13 38.35 -9.89
N VAL B 87 -5.15 37.88 -10.69
CA VAL B 87 -5.42 36.80 -11.64
C VAL B 87 -5.76 35.51 -10.89
N VAL B 88 -4.99 35.19 -9.86
CA VAL B 88 -5.25 33.95 -9.14
C VAL B 88 -6.54 34.05 -8.33
N TYR B 89 -6.89 35.27 -7.87
CA TYR B 89 -8.22 35.43 -7.26
C TYR B 89 -9.32 35.18 -8.28
N ALA B 90 -9.12 35.63 -9.52
CA ALA B 90 -10.11 35.40 -10.56
C ALA B 90 -10.26 33.92 -10.86
N LEU B 91 -9.16 33.19 -10.91
CA LEU B 91 -9.24 31.77 -11.21
C LEU B 91 -9.86 30.98 -10.07
N LYS B 92 -9.57 31.34 -8.81
CA LYS B 92 -10.25 30.63 -7.74
C LYS B 92 -11.70 31.05 -7.61
N ARG B 93 -12.06 32.22 -8.13
CA ARG B 93 -13.47 32.58 -8.24
C ARG B 93 -14.18 31.65 -9.20
N GLN B 94 -13.50 31.14 -10.21
CA GLN B 94 -14.13 30.29 -11.21
C GLN B 94 -13.96 28.82 -10.91
N GLY B 95 -13.49 28.47 -9.73
CA GLY B 95 -13.28 27.07 -9.38
C GLY B 95 -12.15 26.44 -10.15
N ARG B 96 -11.18 27.23 -10.58
CA ARG B 96 -10.07 26.79 -11.43
C ARG B 96 -8.76 27.23 -10.82
N THR B 97 -8.56 26.86 -9.56
CA THR B 97 -7.41 27.29 -8.77
C THR B 97 -6.09 26.85 -9.40
N LEU B 98 -5.13 27.77 -9.45
CA LEU B 98 -3.81 27.51 -10.00
C LEU B 98 -2.77 27.83 -8.94
N TYR B 99 -1.71 27.03 -8.91
CA TYR B 99 -0.70 27.17 -7.88
C TYR B 99 0.59 27.70 -8.49
N GLY B 100 1.30 28.51 -7.72
CA GLY B 100 2.63 28.95 -8.08
C GLY B 100 2.82 30.40 -8.46
N PHE B 101 2.02 31.32 -7.95
CA PHE B 101 2.22 32.74 -8.23
C PHE B 101 2.02 33.57 -6.98
N GLY B 102 2.55 33.11 -5.85
CA GLY B 102 2.48 33.88 -4.63
C GLY B 102 1.11 33.96 -4.00
N GLY B 103 0.19 33.09 -4.39
CA GLY B 103 -1.16 33.10 -3.84
C GLY B 103 -1.23 32.65 -2.40
N ALA C 28 -35.84 63.33 24.76
CA ALA C 28 -35.68 64.30 23.68
C ALA C 28 -35.36 63.60 22.37
N ARG C 29 -35.64 62.29 22.33
CA ARG C 29 -35.38 61.51 21.12
C ARG C 29 -36.38 61.88 20.03
N ALA C 30 -35.90 61.91 18.80
CA ALA C 30 -36.79 62.08 17.66
C ALA C 30 -37.55 60.78 17.40
N LYS C 31 -38.47 60.85 16.44
CA LYS C 31 -39.22 59.67 16.07
C LYS C 31 -38.29 58.64 15.41
N ALA C 32 -38.38 57.40 15.89
CA ALA C 32 -37.50 56.33 15.43
C ALA C 32 -37.89 55.96 14.00
N LYS C 33 -37.16 56.48 13.04
CA LYS C 33 -37.44 56.23 11.64
C LYS C 33 -36.56 55.09 11.12
N THR C 34 -37.01 54.46 10.04
CA THR C 34 -36.39 53.24 9.55
C THR C 34 -35.53 53.54 8.33
N ARG C 35 -34.36 52.88 8.28
CA ARG C 35 -33.40 53.15 7.23
C ARG C 35 -33.84 52.59 5.89
N SER C 36 -34.68 51.55 5.88
CA SER C 36 -35.23 51.05 4.63
C SER C 36 -36.10 52.10 3.96
N SER C 37 -36.92 52.79 4.74
CA SER C 37 -37.67 53.92 4.21
C SER C 37 -36.77 55.08 3.85
N ARG C 38 -35.64 55.24 4.55
CA ARG C 38 -34.67 56.27 4.21
C ARG C 38 -34.08 56.03 2.84
N ALA C 39 -33.83 54.76 2.51
CA ALA C 39 -33.42 54.37 1.17
C ALA C 39 -34.59 53.95 0.30
N GLY C 40 -35.81 54.14 0.78
CA GLY C 40 -37.00 53.79 0.00
C GLY C 40 -37.12 52.31 -0.30
N LEU C 41 -36.72 51.47 0.65
CA LEU C 41 -36.57 50.04 0.41
C LEU C 41 -37.52 49.26 1.29
N GLN C 42 -37.64 47.97 0.96
CA GLN C 42 -38.45 47.03 1.72
C GLN C 42 -37.62 46.17 2.68
N PHE C 43 -36.41 45.82 2.29
CA PHE C 43 -35.61 44.91 3.08
C PHE C 43 -35.07 45.59 4.33
N PRO C 44 -34.97 44.88 5.45
CA PRO C 44 -34.51 45.51 6.70
C PRO C 44 -33.03 45.84 6.63
N VAL C 45 -32.74 47.14 6.61
CA VAL C 45 -31.35 47.59 6.61
C VAL C 45 -30.67 47.22 7.92
N GLY C 46 -31.37 47.42 9.04
CA GLY C 46 -30.79 47.14 10.34
C GLY C 46 -30.50 45.67 10.56
N ARG C 47 -31.41 44.80 10.13
CA ARG C 47 -31.19 43.37 10.28
C ARG C 47 -30.03 42.89 9.42
N VAL C 48 -29.91 43.41 8.20
CA VAL C 48 -28.81 43.03 7.33
C VAL C 48 -27.47 43.53 7.88
N HIS C 49 -27.46 44.76 8.40
CA HIS C 49 -26.25 45.29 9.04
C HIS C 49 -25.88 44.47 10.27
N ARG C 50 -26.89 44.04 11.04
CA ARG C 50 -26.64 43.17 12.18
C ARG C 50 -26.04 41.84 11.75
N LEU C 51 -26.57 41.26 10.68
CA LEU C 51 -26.06 39.99 10.17
C LEU C 51 -24.63 40.14 9.69
N LEU C 52 -24.31 41.25 9.01
CA LEU C 52 -22.94 41.46 8.56
C LEU C 52 -22.00 41.72 9.72
N ARG C 53 -22.44 42.45 10.74
CA ARG C 53 -21.58 42.68 11.90
C ARG C 53 -21.34 41.40 12.68
N LYS C 54 -22.31 40.48 12.67
CA LYS C 54 -22.15 39.23 13.39
C LYS C 54 -21.87 38.04 12.48
N GLY C 55 -21.84 38.22 11.17
CA GLY C 55 -21.39 37.16 10.28
C GLY C 55 -19.90 37.07 10.12
N ASN C 56 -19.17 38.00 10.74
CA ASN C 56 -17.71 38.02 10.80
C ASN C 56 -17.08 38.07 9.42
N TYR C 57 -17.34 39.16 8.71
CA TYR C 57 -16.69 39.46 7.44
C TYR C 57 -15.72 40.62 7.53
N SER C 58 -16.00 41.57 8.41
CA SER C 58 -15.01 42.53 8.90
C SER C 58 -15.49 43.03 10.24
N GLU C 59 -14.56 43.57 11.03
CA GLU C 59 -14.95 44.15 12.31
C GLU C 59 -15.66 45.48 12.15
N ARG C 60 -15.45 46.17 11.03
CA ARG C 60 -16.11 47.43 10.74
C ARG C 60 -16.89 47.29 9.44
N VAL C 61 -18.06 47.92 9.38
CA VAL C 61 -18.92 47.89 8.21
C VAL C 61 -19.27 49.32 7.83
N GLY C 62 -18.97 49.71 6.60
CA GLY C 62 -19.39 51.01 6.11
C GLY C 62 -20.90 51.13 6.09
N ALA C 63 -21.38 52.34 6.38
CA ALA C 63 -22.81 52.53 6.62
C ALA C 63 -23.63 52.29 5.36
N GLY C 64 -23.13 52.73 4.20
CA GLY C 64 -23.87 52.53 2.98
C GLY C 64 -23.83 51.13 2.42
N ALA C 65 -22.92 50.30 2.92
CA ALA C 65 -22.78 48.94 2.40
C ALA C 65 -24.02 48.07 2.62
N PRO C 66 -24.62 47.97 3.82
CA PRO C 66 -25.84 47.15 3.91
C PRO C 66 -27.00 47.74 3.16
N VAL C 67 -27.05 49.06 3.02
CA VAL C 67 -28.06 49.70 2.20
C VAL C 67 -27.93 49.26 0.75
N TYR C 68 -26.70 49.29 0.24
CA TYR C 68 -26.42 48.90 -1.14
C TYR C 68 -26.74 47.43 -1.35
N LEU C 69 -26.36 46.60 -0.38
CA LEU C 69 -26.65 45.18 -0.44
C LEU C 69 -28.14 44.90 -0.44
N ALA C 70 -28.88 45.57 0.45
CA ALA C 70 -30.32 45.36 0.55
C ALA C 70 -31.01 45.82 -0.72
N ALA C 71 -30.52 46.90 -1.33
CA ALA C 71 -31.11 47.35 -2.58
C ALA C 71 -30.85 46.36 -3.71
N VAL C 72 -29.63 45.80 -3.77
CA VAL C 72 -29.31 44.80 -4.78
C VAL C 72 -30.20 43.57 -4.60
N LEU C 73 -30.35 43.13 -3.35
CA LEU C 73 -31.20 42.00 -3.04
C LEU C 73 -32.65 42.30 -3.39
N GLU C 74 -33.09 43.54 -3.14
CA GLU C 74 -34.46 43.91 -3.45
C GLU C 74 -34.70 43.88 -4.95
N TYR C 75 -33.73 44.33 -5.74
CA TYR C 75 -33.84 44.26 -7.19
C TYR C 75 -33.92 42.81 -7.66
N LEU C 76 -33.06 41.95 -7.10
CA LEU C 76 -33.04 40.55 -7.52
C LEU C 76 -34.33 39.83 -7.15
N THR C 77 -34.79 40.03 -5.91
CA THR C 77 -36.03 39.43 -5.47
C THR C 77 -37.21 39.96 -6.26
N ALA C 78 -37.18 41.26 -6.59
CA ALA C 78 -38.26 41.86 -7.36
C ALA C 78 -38.34 41.25 -8.75
N GLU C 79 -37.21 41.10 -9.42
CA GLU C 79 -37.26 40.56 -10.77
C GLU C 79 -37.63 39.09 -10.77
N ILE C 80 -37.14 38.30 -9.80
CA ILE C 80 -37.47 36.88 -9.81
C ILE C 80 -38.94 36.67 -9.42
N LEU C 81 -39.46 37.50 -8.53
CA LEU C 81 -40.87 37.39 -8.18
C LEU C 81 -41.75 37.87 -9.31
N GLU C 82 -41.28 38.86 -10.08
CA GLU C 82 -42.01 39.29 -11.26
C GLU C 82 -42.07 38.18 -12.30
N LEU C 83 -40.95 37.49 -12.51
CA LEU C 83 -40.94 36.35 -13.42
C LEU C 83 -41.82 35.22 -12.91
N ALA C 84 -41.83 35.00 -11.60
CA ALA C 84 -42.69 33.98 -11.01
C ALA C 84 -44.15 34.32 -11.19
N GLY C 85 -44.52 35.59 -11.01
CA GLY C 85 -45.88 36.01 -11.24
C GLY C 85 -46.29 35.89 -12.70
N ASN C 86 -45.36 36.18 -13.60
CA ASN C 86 -45.62 35.97 -15.03
C ASN C 86 -45.86 34.51 -15.34
N ALA C 87 -45.05 33.62 -14.76
CA ALA C 87 -45.21 32.19 -15.00
C ALA C 87 -46.51 31.66 -14.41
N ALA C 88 -46.87 32.15 -13.22
CA ALA C 88 -48.13 31.74 -12.60
C ALA C 88 -49.33 32.23 -13.40
N ARG C 89 -49.22 33.45 -13.96
CA ARG C 89 -50.26 33.96 -14.84
C ARG C 89 -50.35 33.15 -16.12
N ASP C 90 -49.21 32.66 -16.62
CA ASP C 90 -49.21 31.83 -17.83
C ASP C 90 -49.93 30.52 -17.58
N ASN C 91 -49.78 29.95 -16.39
CA ASN C 91 -50.51 28.76 -16.01
C ASN C 91 -51.79 29.09 -15.25
N LYS C 92 -52.34 30.30 -15.46
CA LYS C 92 -53.62 30.80 -14.92
C LYS C 92 -53.76 30.58 -13.41
N LYS C 93 -52.64 30.63 -12.70
CA LYS C 93 -52.57 30.30 -11.29
C LYS C 93 -52.34 31.57 -10.50
N THR C 94 -53.17 31.81 -9.48
CA THR C 94 -53.14 33.07 -8.75
C THR C 94 -52.27 33.04 -7.52
N ARG C 95 -51.57 31.94 -7.25
CA ARG C 95 -50.68 31.85 -6.11
C ARG C 95 -49.41 31.17 -6.58
N ILE C 96 -48.25 31.77 -6.29
CA ILE C 96 -47.01 31.36 -6.93
C ILE C 96 -46.60 29.98 -6.44
N ILE C 97 -45.97 29.22 -7.34
CA ILE C 97 -45.70 27.81 -7.14
C ILE C 97 -44.19 27.59 -7.33
N PRO C 98 -43.58 26.68 -6.58
CA PRO C 98 -42.18 26.32 -6.86
C PRO C 98 -41.94 25.79 -8.26
N ARG C 99 -42.95 25.15 -8.89
CA ARG C 99 -42.84 24.83 -10.31
C ARG C 99 -42.70 26.10 -11.15
N HIS C 100 -43.50 27.11 -10.84
CA HIS C 100 -43.35 28.40 -11.51
C HIS C 100 -41.99 29.01 -11.22
N LEU C 101 -41.47 28.81 -10.01
CA LEU C 101 -40.14 29.30 -9.67
C LEU C 101 -39.07 28.62 -10.51
N GLN C 102 -39.19 27.30 -10.69
CA GLN C 102 -38.26 26.56 -11.55
C GLN C 102 -38.32 27.04 -12.98
N LEU C 103 -39.54 27.20 -13.51
CA LEU C 103 -39.71 27.62 -14.90
C LEU C 103 -39.17 29.03 -15.10
N ALA C 104 -39.29 29.88 -14.08
CA ALA C 104 -38.74 31.23 -14.18
C ALA C 104 -37.22 31.24 -14.07
N ILE C 105 -36.67 30.48 -13.12
CA ILE C 105 -35.24 30.60 -12.84
C ILE C 105 -34.41 29.89 -13.91
N ARG C 106 -34.97 28.88 -14.58
CA ARG C 106 -34.22 28.15 -15.59
C ARG C 106 -34.38 28.73 -16.99
N ASN C 107 -35.42 29.50 -17.25
CA ASN C 107 -35.63 30.07 -18.57
C ASN C 107 -34.94 31.41 -18.77
N ASP C 108 -34.35 31.98 -17.71
CA ASP C 108 -33.52 33.17 -17.84
C ASP C 108 -32.07 32.74 -17.94
N GLU C 109 -31.38 33.25 -18.96
CA GLU C 109 -29.99 32.88 -19.17
C GLU C 109 -29.09 33.42 -18.07
N GLU C 110 -29.29 34.68 -17.68
CA GLU C 110 -28.46 35.27 -16.64
C GLU C 110 -28.72 34.63 -15.29
N LEU C 111 -29.98 34.29 -15.00
CA LEU C 111 -30.29 33.63 -13.76
C LEU C 111 -29.77 32.20 -13.73
N ASN C 112 -29.90 31.48 -14.84
CA ASN C 112 -29.43 30.10 -14.89
C ASN C 112 -27.91 30.03 -14.80
N LYS C 113 -27.20 30.92 -15.50
CA LYS C 113 -25.76 30.97 -15.33
C LYS C 113 -25.37 31.49 -13.96
N LEU C 114 -26.25 32.28 -13.33
CA LEU C 114 -25.99 32.68 -11.96
C LEU C 114 -26.18 31.51 -11.01
N LEU C 115 -27.15 30.64 -11.27
CA LEU C 115 -27.58 29.62 -10.33
C LEU C 115 -27.67 28.25 -11.00
N GLY C 116 -26.65 27.87 -11.75
CA GLY C 116 -26.65 26.57 -12.39
C GLY C 116 -26.54 25.41 -11.42
N ARG C 117 -25.73 25.57 -10.38
CA ARG C 117 -25.46 24.51 -9.42
C ARG C 117 -26.42 24.53 -8.24
N VAL C 118 -27.44 25.38 -8.29
CA VAL C 118 -28.41 25.51 -7.21
C VAL C 118 -29.70 24.84 -7.65
N THR C 119 -30.25 23.99 -6.78
CA THR C 119 -31.42 23.20 -7.09
C THR C 119 -32.58 23.65 -6.21
N ILE C 120 -33.78 23.66 -6.78
CA ILE C 120 -35.00 23.95 -6.04
C ILE C 120 -35.71 22.63 -5.72
N ALA C 121 -36.23 22.53 -4.50
CA ALA C 121 -37.04 21.38 -4.14
C ALA C 121 -38.38 21.44 -4.87
N GLN C 122 -38.82 20.29 -5.38
CA GLN C 122 -40.12 20.13 -6.06
C GLN C 122 -40.27 21.04 -7.28
N GLY C 123 -39.16 21.41 -7.90
CA GLY C 123 -39.24 22.27 -9.07
C GLY C 123 -39.62 21.55 -10.33
N GLY C 124 -39.41 20.24 -10.37
CA GLY C 124 -39.56 19.57 -11.64
C GLY C 124 -38.36 19.92 -12.52
N VAL C 125 -38.55 19.72 -13.82
CA VAL C 125 -37.52 20.04 -14.80
C VAL C 125 -38.15 20.88 -15.91
N LEU C 126 -37.29 21.48 -16.70
CA LEU C 126 -37.76 22.18 -17.89
C LEU C 126 -38.35 21.20 -18.89
N PRO C 127 -39.40 21.58 -19.60
CA PRO C 127 -39.87 20.75 -20.71
C PRO C 127 -38.86 20.77 -21.86
N ASN C 128 -38.16 19.67 -22.04
CA ASN C 128 -37.09 19.60 -23.02
C ASN C 128 -37.01 18.21 -23.60
N ILE C 129 -37.26 18.10 -24.91
CA ILE C 129 -37.12 16.85 -25.64
C ILE C 129 -36.22 17.14 -26.83
N GLN C 130 -35.18 16.33 -27.00
CA GLN C 130 -34.29 16.51 -28.13
C GLN C 130 -35.03 16.17 -29.43
N ALA C 131 -34.62 16.83 -30.51
CA ALA C 131 -35.26 16.61 -31.80
C ALA C 131 -35.00 15.20 -32.31
N VAL C 132 -33.85 14.63 -31.99
CA VAL C 132 -33.59 13.23 -32.32
C VAL C 132 -34.49 12.30 -31.52
N LEU C 133 -34.89 12.71 -30.31
CA LEU C 133 -35.90 11.95 -29.58
C LEU C 133 -37.27 12.11 -30.21
N LEU C 134 -37.51 13.23 -30.88
CA LEU C 134 -38.79 13.44 -31.53
C LEU C 134 -38.90 12.58 -32.78
N PRO C 135 -40.07 12.02 -33.05
CA PRO C 135 -40.24 11.18 -34.24
C PRO C 135 -40.34 12.01 -35.51
N LYS C 136 -40.40 11.29 -36.64
CA LYS C 136 -40.55 11.91 -37.94
C LYS C 136 -41.93 12.53 -38.08
N LYS D 31 -45.43 30.39 24.54
CA LYS D 31 -44.75 30.66 23.27
C LYS D 31 -43.28 30.28 23.36
N ARG D 32 -42.57 30.45 22.25
CA ARG D 32 -41.16 30.09 22.15
C ARG D 32 -40.35 31.32 21.75
N SER D 33 -39.06 31.12 21.56
CA SER D 33 -38.17 32.20 21.16
C SER D 33 -38.44 32.60 19.72
N ARG D 34 -38.14 33.86 19.41
CA ARG D 34 -38.38 34.37 18.06
C ARG D 34 -37.37 33.78 17.08
N LYS D 35 -37.87 33.36 15.93
CA LYS D 35 -37.06 32.82 14.85
C LYS D 35 -37.12 33.78 13.68
N GLU D 36 -35.96 34.12 13.13
CA GLU D 36 -35.89 35.13 12.07
C GLU D 36 -36.49 34.60 10.78
N SER D 37 -37.15 35.49 10.04
CA SER D 37 -37.70 35.15 8.74
C SER D 37 -37.71 36.40 7.87
N TYR D 38 -37.81 36.17 6.57
CA TYR D 38 -37.91 37.23 5.57
C TYR D 38 -39.25 37.24 4.86
N SER D 39 -40.28 36.74 5.54
CA SER D 39 -41.58 36.53 4.90
C SER D 39 -42.26 37.85 4.59
N VAL D 40 -42.21 38.79 5.53
CA VAL D 40 -42.93 40.05 5.40
C VAL D 40 -42.32 40.89 4.28
N TYR D 41 -41.00 40.86 4.13
CA TYR D 41 -40.35 41.66 3.10
C TYR D 41 -40.60 41.05 1.72
N VAL D 42 -40.60 39.71 1.64
CA VAL D 42 -40.97 39.02 0.41
C VAL D 42 -42.41 39.37 0.03
N TYR D 43 -43.32 39.41 1.01
CA TYR D 43 -44.70 39.74 0.71
C TYR D 43 -44.85 41.19 0.25
N LYS D 44 -44.11 42.11 0.88
CA LYS D 44 -44.17 43.51 0.47
C LYS D 44 -43.63 43.72 -0.93
N VAL D 45 -42.49 43.10 -1.25
CA VAL D 45 -41.93 43.20 -2.59
C VAL D 45 -42.86 42.53 -3.61
N LEU D 46 -43.48 41.42 -3.21
CA LEU D 46 -44.45 40.74 -4.06
C LEU D 46 -45.62 41.65 -4.40
N LYS D 47 -46.14 42.36 -3.40
CA LYS D 47 -47.24 43.27 -3.66
C LYS D 47 -46.78 44.51 -4.41
N GLN D 48 -45.49 44.86 -4.33
CA GLN D 48 -44.97 45.88 -5.22
C GLN D 48 -44.99 45.42 -6.66
N VAL D 49 -44.63 44.16 -6.93
CA VAL D 49 -44.55 43.72 -8.31
C VAL D 49 -45.85 43.05 -8.78
N HIS D 50 -46.60 42.43 -7.88
CA HIS D 50 -47.84 41.74 -8.26
C HIS D 50 -48.78 41.81 -7.07
N PRO D 51 -49.61 42.85 -7.01
CA PRO D 51 -50.68 42.88 -5.99
C PRO D 51 -51.70 41.77 -6.17
N ASP D 52 -51.86 41.27 -7.39
CA ASP D 52 -52.97 40.37 -7.71
C ASP D 52 -52.74 38.95 -7.20
N THR D 53 -51.49 38.48 -7.19
CA THR D 53 -51.22 37.07 -6.99
C THR D 53 -50.92 36.76 -5.53
N GLY D 54 -50.95 35.46 -5.22
CA GLY D 54 -50.65 34.97 -3.90
C GLY D 54 -49.30 34.28 -3.83
N ILE D 55 -48.96 33.86 -2.62
CA ILE D 55 -47.69 33.19 -2.36
C ILE D 55 -47.96 31.94 -1.54
N SER D 56 -47.22 30.87 -1.84
CA SER D 56 -47.17 29.70 -0.99
C SER D 56 -46.01 29.84 -0.02
N SER D 57 -46.21 29.34 1.21
CA SER D 57 -45.21 29.50 2.24
C SER D 57 -43.97 28.66 1.96
N LYS D 58 -44.12 27.56 1.24
CA LYS D 58 -42.95 26.82 0.80
C LYS D 58 -42.14 27.61 -0.22
N ALA D 59 -42.80 28.35 -1.10
CA ALA D 59 -42.08 29.26 -1.99
C ALA D 59 -41.44 30.40 -1.21
N MET D 60 -42.10 30.84 -0.14
CA MET D 60 -41.52 31.81 0.78
C MET D 60 -40.24 31.26 1.41
N GLY D 61 -40.24 29.99 1.81
CA GLY D 61 -39.03 29.39 2.34
C GLY D 61 -37.94 29.26 1.30
N ILE D 62 -38.32 28.94 0.06
CA ILE D 62 -37.34 28.89 -1.03
C ILE D 62 -36.72 30.25 -1.26
N MET D 63 -37.53 31.31 -1.22
CA MET D 63 -36.99 32.65 -1.38
C MET D 63 -36.14 33.05 -0.18
N ASN D 64 -36.47 32.56 1.01
CA ASN D 64 -35.61 32.81 2.16
C ASN D 64 -34.25 32.16 1.97
N SER D 65 -34.25 30.92 1.46
CA SER D 65 -33.00 30.24 1.12
C SER D 65 -32.24 31.00 0.03
N PHE D 66 -32.96 31.53 -0.95
CA PHE D 66 -32.36 32.32 -2.02
C PHE D 66 -31.65 33.55 -1.49
N VAL D 67 -32.37 34.35 -0.70
CA VAL D 67 -31.81 35.61 -0.23
C VAL D 67 -30.69 35.36 0.77
N ASN D 68 -30.80 34.32 1.59
CA ASN D 68 -29.70 33.98 2.49
C ASN D 68 -28.47 33.52 1.72
N ASP D 69 -28.67 32.74 0.66
CA ASP D 69 -27.57 32.23 -0.14
C ASP D 69 -26.84 33.38 -0.85
N ILE D 70 -27.59 34.27 -1.49
CA ILE D 70 -26.97 35.38 -2.18
C ILE D 70 -26.30 36.32 -1.18
N PHE D 71 -26.92 36.51 -0.01
CA PHE D 71 -26.36 37.35 1.03
C PHE D 71 -25.02 36.81 1.51
N GLU D 72 -24.94 35.51 1.80
CA GLU D 72 -23.69 34.96 2.28
C GLU D 72 -22.64 34.92 1.19
N ARG D 73 -23.04 34.74 -0.07
CA ARG D 73 -22.10 34.82 -1.19
C ARG D 73 -21.44 36.19 -1.23
N ILE D 74 -22.25 37.24 -1.33
CA ILE D 74 -21.75 38.60 -1.44
C ILE D 74 -20.92 38.97 -0.22
N ALA D 75 -21.37 38.54 0.96
CA ALA D 75 -20.61 38.80 2.17
C ALA D 75 -19.26 38.11 2.15
N GLY D 76 -19.22 36.89 1.60
CA GLY D 76 -17.96 36.17 1.50
C GLY D 76 -16.96 36.87 0.61
N GLU D 77 -17.40 37.28 -0.59
CA GLU D 77 -16.41 37.93 -1.46
C GLU D 77 -16.09 39.34 -0.98
N ALA D 78 -17.01 40.00 -0.27
CA ALA D 78 -16.69 41.29 0.33
C ALA D 78 -15.62 41.13 1.39
N SER D 79 -15.71 40.07 2.19
CA SER D 79 -14.66 39.78 3.16
C SER D 79 -13.33 39.48 2.48
N ARG D 80 -13.38 38.71 1.39
CA ARG D 80 -12.18 38.42 0.61
C ARG D 80 -11.54 39.70 0.09
N LEU D 81 -12.34 40.57 -0.49
CA LEU D 81 -11.81 41.80 -1.06
C LEU D 81 -11.33 42.75 0.01
N ALA D 82 -11.94 42.71 1.19
CA ALA D 82 -11.46 43.50 2.31
C ALA D 82 -10.06 43.06 2.73
N HIS D 83 -9.82 41.75 2.80
CA HIS D 83 -8.45 41.32 3.07
C HIS D 83 -7.51 41.52 1.89
N TYR D 84 -8.03 41.54 0.66
CA TYR D 84 -7.14 41.74 -0.49
C TYR D 84 -6.55 43.14 -0.49
N ASN D 85 -7.35 44.14 -0.16
CA ASN D 85 -6.85 45.48 0.04
C ASN D 85 -6.53 45.77 1.49
N LYS D 86 -6.57 44.74 2.35
CA LYS D 86 -6.20 44.84 3.77
C LYS D 86 -7.10 45.84 4.48
N ARG D 87 -8.39 45.79 4.20
CA ARG D 87 -9.33 46.80 4.64
C ARG D 87 -10.06 46.32 5.89
N SER D 88 -9.88 47.05 6.99
CA SER D 88 -10.54 46.74 8.25
C SER D 88 -12.03 47.03 8.22
N THR D 89 -12.49 47.84 7.26
CA THR D 89 -13.89 48.18 7.13
C THR D 89 -14.40 47.65 5.81
N ILE D 90 -15.56 47.00 5.83
CA ILE D 90 -16.24 46.63 4.60
C ILE D 90 -17.22 47.73 4.23
N THR D 91 -17.05 48.29 3.03
CA THR D 91 -17.83 49.42 2.53
C THR D 91 -18.57 49.02 1.26
N SER D 92 -19.27 49.99 0.67
CA SER D 92 -20.19 49.68 -0.42
C SER D 92 -19.47 49.50 -1.76
N ARG D 93 -18.26 50.05 -1.90
CA ARG D 93 -17.57 50.00 -3.19
C ARG D 93 -17.18 48.57 -3.56
N GLU D 94 -16.70 47.80 -2.60
CA GLU D 94 -16.45 46.40 -2.92
C GLU D 94 -17.73 45.56 -2.89
N ILE D 95 -18.80 46.05 -2.27
CA ILE D 95 -20.09 45.40 -2.49
C ILE D 95 -20.49 45.52 -3.96
N GLN D 96 -20.28 46.71 -4.51
CA GLN D 96 -20.45 46.95 -5.94
C GLN D 96 -19.54 46.04 -6.77
N THR D 97 -18.28 45.91 -6.34
CA THR D 97 -17.34 45.04 -7.05
C THR D 97 -17.81 43.59 -7.03
N ALA D 98 -18.31 43.12 -5.88
CA ALA D 98 -18.73 41.74 -5.76
C ALA D 98 -19.99 41.46 -6.56
N VAL D 99 -20.95 42.38 -6.53
CA VAL D 99 -22.18 42.13 -7.27
C VAL D 99 -21.92 42.25 -8.77
N ARG D 100 -20.97 43.10 -9.17
CA ARG D 100 -20.55 43.08 -10.57
C ARG D 100 -19.84 41.79 -10.90
N LEU D 101 -19.13 41.21 -9.94
CA LEU D 101 -18.39 39.98 -10.18
C LEU D 101 -19.34 38.80 -10.39
N LEU D 102 -20.33 38.65 -9.50
CA LEU D 102 -21.16 37.45 -9.59
C LEU D 102 -22.26 37.60 -10.62
N LEU D 103 -22.99 38.69 -10.57
CA LEU D 103 -24.16 38.84 -11.44
C LEU D 103 -23.70 39.02 -12.88
N PRO D 104 -24.26 38.27 -13.82
CA PRO D 104 -23.86 38.42 -15.23
C PRO D 104 -24.58 39.59 -15.87
N GLY D 105 -23.82 40.56 -16.36
CA GLY D 105 -24.31 41.55 -17.31
C GLY D 105 -25.42 42.43 -16.81
N GLU D 106 -26.59 42.23 -17.41
CA GLU D 106 -27.77 43.08 -17.22
C GLU D 106 -28.18 43.14 -15.77
N LEU D 107 -28.13 41.97 -15.10
CA LEU D 107 -28.38 41.90 -13.67
C LEU D 107 -27.40 42.77 -12.91
N ALA D 108 -26.12 42.70 -13.30
CA ALA D 108 -25.09 43.45 -12.57
C ALA D 108 -25.26 44.95 -12.73
N LYS D 109 -25.44 45.45 -13.96
CA LYS D 109 -25.58 46.89 -14.14
C LYS D 109 -26.87 47.42 -13.50
N HIS D 110 -27.99 46.71 -13.61
CA HIS D 110 -29.18 47.26 -12.96
C HIS D 110 -29.17 47.06 -11.45
N ALA D 111 -28.45 46.07 -10.94
CA ALA D 111 -28.25 45.99 -9.51
C ALA D 111 -27.41 47.16 -9.01
N VAL D 112 -26.36 47.51 -9.76
CA VAL D 112 -25.59 48.72 -9.47
C VAL D 112 -26.47 49.94 -9.50
N SER D 113 -27.37 50.02 -10.49
CA SER D 113 -28.25 51.17 -10.62
C SER D 113 -29.19 51.31 -9.42
N GLU D 114 -29.84 50.20 -9.04
CA GLU D 114 -30.75 50.21 -7.90
C GLU D 114 -30.02 50.52 -6.61
N GLY D 115 -28.85 49.90 -6.41
CA GLY D 115 -28.09 50.13 -5.20
C GLY D 115 -27.56 51.55 -5.11
N THR D 116 -27.09 52.09 -6.23
CA THR D 116 -26.59 53.46 -6.25
C THR D 116 -27.72 54.44 -5.97
N LYS D 117 -28.90 54.17 -6.53
CA LYS D 117 -30.07 55.02 -6.27
C LYS D 117 -30.43 55.01 -4.79
N ALA D 118 -30.45 53.82 -4.18
CA ALA D 118 -30.81 53.74 -2.77
C ALA D 118 -29.72 54.33 -1.87
N VAL D 119 -28.46 54.18 -2.27
CA VAL D 119 -27.35 54.77 -1.53
C VAL D 119 -27.43 56.29 -1.58
N THR D 120 -27.78 56.85 -2.75
CA THR D 120 -27.96 58.29 -2.85
C THR D 120 -29.16 58.76 -2.01
N LYS D 121 -30.24 57.98 -2.00
CA LYS D 121 -31.41 58.41 -1.23
C LYS D 121 -31.14 58.35 0.27
N TYR D 122 -30.41 57.32 0.73
CA TYR D 122 -30.03 57.29 2.14
C TYR D 122 -28.97 58.35 2.44
N THR D 123 -28.15 58.69 1.45
CA THR D 123 -27.19 59.78 1.62
C THR D 123 -27.91 61.10 1.83
N SER D 124 -29.01 61.30 1.13
CA SER D 124 -29.92 62.42 1.37
C SER D 124 -30.88 62.15 2.52
N ALA D 125 -30.65 61.10 3.30
CA ALA D 125 -31.48 60.67 4.44
C ALA D 125 -32.94 60.46 4.05
N LYS E 38 -59.84 -5.69 -31.38
CA LYS E 38 -58.42 -5.96 -31.13
C LYS E 38 -57.93 -5.06 -30.00
N PRO E 39 -57.24 -5.65 -29.03
CA PRO E 39 -56.67 -4.84 -27.93
C PRO E 39 -55.56 -3.95 -28.46
N HIS E 40 -55.75 -2.64 -28.27
CA HIS E 40 -54.84 -1.67 -28.85
C HIS E 40 -53.46 -1.75 -28.21
N ARG E 41 -52.43 -1.64 -29.03
CA ARG E 41 -51.05 -1.62 -28.55
C ARG E 41 -50.32 -0.47 -29.21
N TYR E 42 -49.82 0.45 -28.40
CA TYR E 42 -49.08 1.58 -28.92
C TYR E 42 -47.72 1.13 -29.45
N ARG E 43 -47.26 1.79 -30.50
CA ARG E 43 -45.95 1.51 -31.05
C ARG E 43 -44.87 1.99 -30.07
N PRO E 44 -43.74 1.28 -30.00
CA PRO E 44 -42.78 1.51 -28.91
C PRO E 44 -42.17 2.90 -28.93
N GLY E 45 -41.96 3.45 -27.73
CA GLY E 45 -41.42 4.77 -27.55
C GLY E 45 -42.46 5.87 -27.50
N THR E 46 -43.66 5.62 -28.05
CA THR E 46 -44.73 6.61 -28.00
C THR E 46 -45.17 6.87 -26.57
N VAL E 47 -45.44 5.79 -25.83
CA VAL E 47 -45.76 5.91 -24.42
C VAL E 47 -44.56 6.41 -23.63
N ALA E 48 -43.35 6.07 -24.08
CA ALA E 48 -42.14 6.60 -23.45
C ALA E 48 -42.05 8.11 -23.59
N LEU E 49 -42.35 8.64 -24.78
CA LEU E 49 -42.34 10.09 -24.97
C LEU E 49 -43.47 10.76 -24.20
N ARG E 50 -44.63 10.10 -24.12
CA ARG E 50 -45.72 10.63 -23.32
C ARG E 50 -45.36 10.66 -21.85
N GLU E 51 -44.64 9.65 -21.38
CA GLU E 51 -44.10 9.65 -20.02
C GLU E 51 -43.09 10.77 -19.83
N ILE E 52 -42.26 11.01 -20.84
CA ILE E 52 -41.29 12.11 -20.76
C ILE E 52 -42.02 13.44 -20.60
N ARG E 53 -43.05 13.65 -21.40
CA ARG E 53 -43.84 14.87 -21.31
C ARG E 53 -44.53 14.99 -19.95
N ARG E 54 -45.08 13.88 -19.46
CA ARG E 54 -45.80 13.86 -18.20
C ARG E 54 -44.88 14.15 -17.02
N TYR E 55 -43.74 13.47 -16.97
CA TYR E 55 -42.84 13.62 -15.83
C TYR E 55 -41.96 14.87 -15.93
N GLN E 56 -41.81 15.45 -17.12
CA GLN E 56 -41.29 16.81 -17.18
C GLN E 56 -42.33 17.80 -16.69
N LYS E 57 -43.60 17.54 -16.99
CA LYS E 57 -44.67 18.38 -16.47
C LYS E 57 -44.82 18.23 -14.96
N SER E 58 -44.67 17.01 -14.44
CA SER E 58 -44.87 16.79 -13.02
C SER E 58 -43.69 17.31 -12.22
N THR E 59 -43.93 17.54 -10.92
CA THR E 59 -42.93 18.05 -10.01
C THR E 59 -42.65 17.13 -8.83
N GLU E 60 -43.46 16.11 -8.61
CA GLU E 60 -43.39 15.31 -7.40
C GLU E 60 -42.20 14.34 -7.46
N LEU E 61 -41.89 13.77 -6.29
CA LEU E 61 -40.84 12.77 -6.18
C LEU E 61 -41.28 11.45 -6.80
N LEU E 62 -40.34 10.79 -7.47
CA LEU E 62 -40.60 9.52 -8.14
C LEU E 62 -40.12 8.32 -7.36
N ILE E 63 -39.51 8.53 -6.19
CA ILE E 63 -38.97 7.47 -5.35
C ILE E 63 -39.98 7.17 -4.25
N ARG E 64 -40.22 5.87 -4.01
CA ARG E 64 -41.00 5.46 -2.84
C ARG E 64 -40.33 5.95 -1.57
N LYS E 65 -41.11 6.61 -0.71
CA LYS E 65 -40.54 7.38 0.39
C LYS E 65 -39.95 6.47 1.46
N LEU E 66 -40.70 5.46 1.87
CA LEU E 66 -40.27 4.62 2.97
C LEU E 66 -39.14 3.66 2.59
N PRO E 67 -39.11 3.04 1.40
CA PRO E 67 -37.86 2.36 1.00
C PRO E 67 -36.67 3.27 0.92
N PHE E 68 -36.87 4.52 0.49
CA PHE E 68 -35.79 5.50 0.50
C PHE E 68 -35.30 5.76 1.92
N GLN E 69 -36.24 5.88 2.87
CA GLN E 69 -35.87 6.08 4.26
C GLN E 69 -35.14 4.86 4.81
N ARG E 70 -35.57 3.66 4.39
CA ARG E 70 -34.90 2.43 4.78
C ARG E 70 -33.45 2.43 4.32
N LEU E 71 -33.21 2.80 3.06
CA LEU E 71 -31.86 2.83 2.53
C LEU E 71 -31.02 3.92 3.20
N VAL E 72 -31.65 5.07 3.48
CA VAL E 72 -30.96 6.16 4.16
C VAL E 72 -30.50 5.74 5.55
N ARG E 73 -31.39 5.08 6.30
CA ARG E 73 -31.01 4.60 7.62
C ARG E 73 -29.98 3.48 7.54
N GLU E 74 -30.08 2.63 6.52
CA GLU E 74 -29.12 1.55 6.33
C GLU E 74 -27.71 2.08 6.09
N ILE E 75 -27.60 3.15 5.31
CA ILE E 75 -26.29 3.74 5.08
C ILE E 75 -25.87 4.57 6.29
N ALA E 76 -26.84 5.10 7.04
CA ALA E 76 -26.53 5.87 8.23
C ALA E 76 -25.88 5.02 9.30
N GLN E 77 -26.39 3.80 9.53
CA GLN E 77 -25.78 2.94 10.53
C GLN E 77 -24.42 2.43 10.08
N ASP E 78 -24.14 2.47 8.78
CA ASP E 78 -22.80 2.17 8.30
C ASP E 78 -21.80 3.24 8.73
N PHE E 79 -22.27 4.44 9.04
CA PHE E 79 -21.45 5.47 9.66
C PHE E 79 -21.71 5.60 11.14
N LYS E 80 -22.96 5.57 11.57
CA LYS E 80 -23.27 5.62 12.99
C LYS E 80 -24.63 4.96 13.22
N THR E 81 -24.64 3.93 14.05
CA THR E 81 -25.81 3.08 14.20
C THR E 81 -26.83 3.73 15.16
N ASP E 82 -28.11 3.54 14.82
CA ASP E 82 -29.26 3.87 15.68
C ASP E 82 -29.41 5.38 15.88
N LEU E 83 -29.22 6.14 14.81
CA LEU E 83 -29.52 7.57 14.83
C LEU E 83 -31.01 7.80 14.64
N ARG E 84 -31.44 9.04 14.89
CA ARG E 84 -32.79 9.44 14.52
C ARG E 84 -32.74 10.39 13.34
N PHE E 85 -33.89 10.51 12.68
CA PHE E 85 -34.00 11.29 11.45
C PHE E 85 -35.20 12.20 11.50
N GLN E 86 -35.00 13.45 11.09
CA GLN E 86 -36.12 14.29 10.68
C GLN E 86 -36.60 13.80 9.31
N SER E 87 -37.93 13.72 9.16
CA SER E 87 -38.48 13.37 7.85
C SER E 87 -38.15 14.43 6.81
N SER E 88 -38.03 15.68 7.24
CA SER E 88 -37.62 16.77 6.35
C SER E 88 -36.26 16.51 5.75
N ALA E 89 -35.34 15.94 6.54
CA ALA E 89 -34.06 15.51 6.01
C ALA E 89 -34.24 14.42 4.96
N VAL E 90 -35.20 13.51 5.18
CA VAL E 90 -35.44 12.44 4.24
C VAL E 90 -35.94 12.97 2.91
N MET E 91 -36.92 13.89 2.95
CA MET E 91 -37.38 14.48 1.69
C MET E 91 -36.33 15.37 1.04
N ALA E 92 -35.49 16.02 1.84
CA ALA E 92 -34.42 16.84 1.27
C ALA E 92 -33.41 15.98 0.53
N LEU E 93 -33.03 14.85 1.14
CA LEU E 93 -32.14 13.90 0.46
C LEU E 93 -32.81 13.31 -0.76
N GLN E 94 -34.13 13.07 -0.69
CA GLN E 94 -34.85 12.52 -1.83
C GLN E 94 -34.87 13.52 -2.99
N GLU E 95 -35.12 14.79 -2.70
CA GLU E 95 -35.11 15.82 -3.74
C GLU E 95 -33.73 15.96 -4.36
N ALA E 96 -32.68 16.04 -3.52
CA ALA E 96 -31.33 16.22 -4.03
C ALA E 96 -30.89 15.01 -4.85
N SER E 97 -31.23 13.81 -4.39
CA SER E 97 -30.86 12.59 -5.09
C SER E 97 -31.56 12.50 -6.44
N GLU E 98 -32.87 12.77 -6.46
CA GLU E 98 -33.62 12.71 -7.71
C GLU E 98 -33.13 13.75 -8.70
N ALA E 99 -32.82 14.96 -8.22
CA ALA E 99 -32.32 16.01 -9.10
C ALA E 99 -30.96 15.64 -9.68
N TYR E 100 -30.05 15.13 -8.84
CA TYR E 100 -28.74 14.70 -9.32
C TYR E 100 -28.86 13.57 -10.34
N LEU E 101 -29.72 12.59 -10.05
CA LEU E 101 -29.93 11.48 -10.97
C LEU E 101 -30.48 11.97 -12.30
N VAL E 102 -31.47 12.88 -12.26
CA VAL E 102 -32.10 13.35 -13.48
C VAL E 102 -31.11 14.13 -14.34
N GLY E 103 -30.34 15.03 -13.71
CA GLY E 103 -29.32 15.75 -14.46
C GLY E 103 -28.25 14.84 -15.03
N LEU E 104 -27.90 13.78 -14.29
CA LEU E 104 -27.02 12.76 -14.82
C LEU E 104 -27.65 12.06 -16.03
N PHE E 105 -28.98 11.88 -16.01
CA PHE E 105 -29.60 11.26 -17.18
C PHE E 105 -29.67 12.19 -18.37
N GLU E 106 -29.83 13.51 -18.17
CA GLU E 106 -29.72 14.38 -19.33
C GLU E 106 -28.31 14.38 -19.90
N ASP E 107 -27.29 14.32 -19.03
CA ASP E 107 -25.92 14.21 -19.53
C ASP E 107 -25.70 12.89 -20.27
N THR E 108 -26.27 11.81 -19.74
CA THR E 108 -26.18 10.51 -20.39
C THR E 108 -26.90 10.52 -21.74
N ASN E 109 -28.05 11.18 -21.79
CA ASN E 109 -28.81 11.28 -23.03
C ASN E 109 -28.03 12.09 -24.07
N LEU E 110 -27.38 13.17 -23.63
CA LEU E 110 -26.52 13.96 -24.51
C LEU E 110 -25.36 13.14 -25.04
N ALA E 111 -24.76 12.31 -24.17
CA ALA E 111 -23.67 11.44 -24.62
C ALA E 111 -24.16 10.41 -25.63
N ALA E 112 -25.33 9.82 -25.38
CA ALA E 112 -25.83 8.76 -26.26
C ALA E 112 -26.22 9.32 -27.63
N ILE E 113 -26.93 10.46 -27.66
CA ILE E 113 -27.26 11.06 -28.94
C ILE E 113 -26.01 11.63 -29.58
N HIS E 114 -25.00 11.97 -28.78
CA HIS E 114 -23.73 12.39 -29.33
C HIS E 114 -22.99 11.21 -29.94
N ALA E 115 -23.22 10.01 -29.43
CA ALA E 115 -22.76 8.79 -30.07
C ALA E 115 -23.74 8.27 -31.10
N LYS E 116 -24.67 9.11 -31.55
CA LYS E 116 -25.65 8.79 -32.61
C LYS E 116 -26.55 7.63 -32.24
N ARG E 117 -26.82 7.46 -30.94
CA ARG E 117 -27.68 6.41 -30.43
C ARG E 117 -28.81 7.01 -29.62
N VAL E 118 -29.88 6.23 -29.46
CA VAL E 118 -30.97 6.61 -28.56
C VAL E 118 -31.09 5.69 -27.37
N THR E 119 -30.39 4.56 -27.36
CA THR E 119 -30.40 3.64 -26.24
C THR E 119 -29.17 3.88 -25.39
N ILE E 120 -29.38 4.21 -24.13
CA ILE E 120 -28.27 4.50 -23.24
C ILE E 120 -27.73 3.20 -22.65
N MET E 121 -26.43 3.18 -22.38
CA MET E 121 -25.74 2.11 -21.71
C MET E 121 -24.95 2.70 -20.55
N PRO E 122 -24.63 1.90 -19.53
CA PRO E 122 -23.94 2.47 -18.35
C PRO E 122 -22.56 3.03 -18.63
N LYS E 123 -21.95 2.62 -19.74
CA LYS E 123 -20.73 3.27 -20.22
C LYS E 123 -20.93 4.76 -20.46
N ASP E 124 -22.14 5.15 -20.88
CA ASP E 124 -22.45 6.56 -21.08
C ASP E 124 -22.47 7.29 -19.74
N ILE E 125 -23.03 6.63 -18.72
CA ILE E 125 -23.09 7.22 -17.38
C ILE E 125 -21.70 7.38 -16.81
N GLN E 126 -20.85 6.37 -16.98
CA GLN E 126 -19.47 6.46 -16.53
C GLN E 126 -18.72 7.57 -17.24
N LEU E 127 -18.97 7.72 -18.54
CA LEU E 127 -18.39 8.81 -19.32
C LEU E 127 -18.81 10.16 -18.77
N ALA E 128 -20.11 10.31 -18.48
CA ALA E 128 -20.61 11.59 -17.97
C ALA E 128 -20.04 11.90 -16.59
N ARG E 129 -19.91 10.88 -15.74
CA ARG E 129 -19.28 11.05 -14.44
C ARG E 129 -17.82 11.45 -14.59
N ARG E 130 -17.13 10.89 -15.59
CA ARG E 130 -15.73 11.24 -15.78
C ARG E 130 -15.59 12.67 -16.29
N ILE E 131 -16.53 13.10 -17.13
CA ILE E 131 -16.55 14.50 -17.58
C ILE E 131 -16.81 15.43 -16.41
N ARG E 132 -17.74 15.06 -15.52
CA ARG E 132 -18.06 15.90 -14.37
C ARG E 132 -16.94 15.96 -13.35
N GLY E 133 -15.92 15.11 -13.47
CA GLY E 133 -14.80 15.14 -12.54
C GLY E 133 -15.06 14.35 -11.29
N GLU E 134 -15.63 13.16 -11.41
CA GLU E 134 -16.08 12.40 -10.26
C GLU E 134 -15.38 11.05 -10.17
N LYS F 21 -33.26 -4.58 13.89
CA LYS F 21 -32.15 -3.72 14.29
C LYS F 21 -31.38 -3.23 13.07
N VAL F 22 -30.56 -4.12 12.51
CA VAL F 22 -29.75 -3.78 11.36
C VAL F 22 -30.53 -4.02 10.08
N LEU F 23 -30.02 -3.49 8.98
CA LEU F 23 -30.63 -3.61 7.67
C LEU F 23 -29.60 -4.16 6.69
N ARG F 24 -30.06 -4.96 5.73
CA ARG F 24 -29.16 -5.67 4.83
C ARG F 24 -29.31 -5.28 3.37
N ASP F 25 -30.53 -5.08 2.88
CA ASP F 25 -30.75 -4.78 1.46
C ASP F 25 -31.92 -3.80 1.33
N ASN F 26 -31.61 -2.53 1.10
CA ASN F 26 -32.61 -1.55 0.72
C ASN F 26 -32.21 -0.77 -0.53
N ILE F 27 -31.05 -1.04 -1.11
CA ILE F 27 -30.66 -0.41 -2.37
C ILE F 27 -31.60 -0.86 -3.49
N GLN F 28 -32.13 -2.08 -3.40
CA GLN F 28 -33.11 -2.54 -4.39
C GLN F 28 -34.48 -1.92 -4.19
N GLY F 29 -34.69 -1.21 -3.08
CA GLY F 29 -35.91 -0.44 -2.90
C GLY F 29 -36.08 0.69 -3.89
N ILE F 30 -34.99 1.17 -4.48
CA ILE F 30 -35.08 2.09 -5.59
C ILE F 30 -35.33 1.25 -6.83
N THR F 31 -36.60 0.98 -7.11
CA THR F 31 -36.96 -0.07 -8.04
C THR F 31 -36.73 0.37 -9.48
N LYS F 32 -36.77 -0.62 -10.38
CA LYS F 32 -36.64 -0.34 -11.82
C LYS F 32 -37.70 0.62 -12.36
N PRO F 33 -39.00 0.50 -12.04
CA PRO F 33 -39.94 1.53 -12.53
C PRO F 33 -39.66 2.92 -12.00
N ALA F 34 -39.12 3.05 -10.79
CA ALA F 34 -38.71 4.37 -10.29
C ALA F 34 -37.58 4.95 -11.12
N ILE F 35 -36.61 4.11 -11.50
CA ILE F 35 -35.53 4.53 -12.37
C ILE F 35 -36.09 4.91 -13.74
N ARG F 36 -37.08 4.18 -14.21
CA ARG F 36 -37.72 4.50 -15.48
C ARG F 36 -38.42 5.86 -15.42
N ARG F 37 -39.11 6.13 -14.31
CA ARG F 37 -39.76 7.43 -14.10
C ARG F 37 -38.74 8.55 -14.10
N LEU F 38 -37.62 8.35 -13.40
CA LEU F 38 -36.59 9.38 -13.34
C LEU F 38 -35.95 9.61 -14.72
N ALA F 39 -35.79 8.53 -15.49
CA ALA F 39 -35.21 8.65 -16.82
C ALA F 39 -36.14 9.37 -17.78
N ARG F 40 -37.46 9.12 -17.65
CA ARG F 40 -38.40 9.87 -18.46
C ARG F 40 -38.46 11.34 -18.04
N ARG F 41 -38.30 11.60 -16.73
CA ARG F 41 -38.08 12.98 -16.30
C ARG F 41 -36.76 13.50 -16.83
N GLY F 42 -35.75 12.64 -16.89
CA GLY F 42 -34.50 13.00 -17.51
C GLY F 42 -34.52 13.02 -19.02
N GLY F 43 -35.65 12.69 -19.64
CA GLY F 43 -35.77 12.72 -21.08
C GLY F 43 -35.18 11.52 -21.79
N VAL F 44 -34.83 10.46 -21.06
CA VAL F 44 -34.29 9.27 -21.69
C VAL F 44 -35.43 8.51 -22.34
N LYS F 45 -35.30 8.23 -23.63
CA LYS F 45 -36.34 7.52 -24.36
C LYS F 45 -36.22 6.01 -24.20
N ARG F 46 -35.01 5.48 -24.23
CA ARG F 46 -34.79 4.04 -24.17
C ARG F 46 -33.72 3.71 -23.15
N ILE F 47 -34.01 2.75 -22.28
CA ILE F 47 -33.19 2.42 -21.13
C ILE F 47 -32.73 0.98 -21.27
N SER F 48 -31.43 0.75 -21.17
CA SER F 48 -30.95 -0.62 -21.23
C SER F 48 -31.26 -1.34 -19.91
N GLY F 49 -31.18 -2.67 -19.97
CA GLY F 49 -31.32 -3.46 -18.76
C GLY F 49 -30.13 -3.36 -17.84
N LEU F 50 -28.98 -2.94 -18.36
CA LEU F 50 -27.78 -2.81 -17.55
C LEU F 50 -27.76 -1.51 -16.75
N ILE F 51 -28.70 -0.61 -17.02
CA ILE F 51 -28.68 0.74 -16.45
C ILE F 51 -28.93 0.70 -14.95
N TYR F 52 -29.91 -0.10 -14.51
CA TYR F 52 -30.53 0.09 -13.21
C TYR F 52 -29.57 -0.18 -12.05
N GLU F 53 -28.78 -1.25 -12.14
CA GLU F 53 -27.84 -1.55 -11.06
C GLU F 53 -26.69 -0.54 -11.01
N GLU F 54 -26.25 -0.07 -12.18
CA GLU F 54 -25.17 0.92 -12.20
C GLU F 54 -25.63 2.25 -11.64
N THR F 55 -26.88 2.62 -11.95
CA THR F 55 -27.46 3.81 -11.34
C THR F 55 -27.67 3.63 -9.84
N ARG F 56 -28.01 2.41 -9.40
CA ARG F 56 -28.08 2.14 -7.98
C ARG F 56 -26.73 2.34 -7.31
N GLY F 57 -25.65 1.88 -7.96
CA GLY F 57 -24.32 2.10 -7.42
C GLY F 57 -23.91 3.57 -7.39
N VAL F 58 -24.19 4.29 -8.47
CA VAL F 58 -23.84 5.71 -8.56
C VAL F 58 -24.63 6.52 -7.54
N LEU F 59 -25.93 6.24 -7.44
CA LEU F 59 -26.77 6.86 -6.42
C LEU F 59 -26.28 6.53 -5.03
N LYS F 60 -25.84 5.28 -4.82
CA LYS F 60 -25.28 4.87 -3.54
C LYS F 60 -24.05 5.69 -3.20
N VAL F 61 -23.18 5.91 -4.18
CA VAL F 61 -21.97 6.70 -3.97
C VAL F 61 -22.33 8.14 -3.59
N PHE F 62 -23.28 8.74 -4.33
CA PHE F 62 -23.64 10.12 -4.05
C PHE F 62 -24.29 10.26 -2.67
N LEU F 63 -25.18 9.33 -2.33
CA LEU F 63 -25.86 9.43 -1.05
C LEU F 63 -24.90 9.18 0.10
N GLU F 64 -23.95 8.25 -0.06
CA GLU F 64 -23.02 8.01 1.03
C GLU F 64 -22.06 9.18 1.20
N ASN F 65 -21.68 9.82 0.08
CA ASN F 65 -20.81 11.00 0.17
C ASN F 65 -21.52 12.13 0.88
N VAL F 66 -22.80 12.34 0.61
CA VAL F 66 -23.46 13.43 1.32
C VAL F 66 -23.78 13.05 2.76
N ILE F 67 -24.11 11.78 3.03
CA ILE F 67 -24.59 11.43 4.36
C ILE F 67 -23.43 11.27 5.33
N ARG F 68 -22.23 10.95 4.85
CA ARG F 68 -21.05 10.96 5.71
C ARG F 68 -20.83 12.32 6.32
N ASP F 69 -20.91 13.36 5.48
CA ASP F 69 -20.70 14.71 5.94
C ASP F 69 -21.87 15.17 6.81
N ALA F 70 -23.09 14.73 6.47
CA ALA F 70 -24.25 15.08 7.28
C ALA F 70 -24.15 14.47 8.66
N VAL F 71 -23.66 13.23 8.74
CA VAL F 71 -23.36 12.62 10.02
C VAL F 71 -22.34 13.46 10.77
N THR F 72 -21.24 13.81 10.09
CA THR F 72 -20.13 14.54 10.72
C THR F 72 -20.59 15.86 11.30
N TYR F 73 -21.52 16.52 10.61
CA TYR F 73 -22.23 17.66 11.18
C TYR F 73 -23.00 17.25 12.43
N THR F 74 -23.71 16.12 12.37
CA THR F 74 -24.65 15.78 13.44
C THR F 74 -23.94 15.44 14.75
N GLU F 75 -22.86 14.64 14.71
CA GLU F 75 -22.12 14.52 15.97
C GLU F 75 -21.33 15.78 16.27
N HIS F 76 -20.94 16.55 15.24
CA HIS F 76 -20.34 17.83 15.57
C HIS F 76 -21.36 18.80 16.14
N ALA F 77 -22.64 18.60 15.83
CA ALA F 77 -23.72 19.29 16.52
C ALA F 77 -24.08 18.63 17.84
N LYS F 78 -23.38 17.55 18.20
CA LYS F 78 -23.60 16.79 19.44
C LYS F 78 -25.02 16.23 19.52
N ARG F 79 -25.61 15.92 18.37
CA ARG F 79 -26.94 15.35 18.30
C ARG F 79 -26.87 13.91 17.83
N LYS F 80 -27.89 13.13 18.20
CA LYS F 80 -28.08 11.80 17.64
C LYS F 80 -29.24 11.79 16.65
N THR F 81 -30.03 12.85 16.61
CA THR F 81 -31.08 13.01 15.62
C THR F 81 -30.51 13.78 14.43
N VAL F 82 -30.70 13.23 13.24
CA VAL F 82 -30.24 13.87 12.02
C VAL F 82 -31.24 14.93 11.60
N THR F 83 -30.77 16.16 11.41
CA THR F 83 -31.62 17.27 11.01
C THR F 83 -31.38 17.63 9.55
N ALA F 84 -32.42 18.20 8.93
CA ALA F 84 -32.34 18.62 7.55
C ALA F 84 -31.41 19.80 7.35
N MET F 85 -31.17 20.60 8.39
CA MET F 85 -30.35 21.79 8.20
C MET F 85 -28.90 21.39 7.97
N ASP F 86 -28.47 20.32 8.64
CA ASP F 86 -27.18 19.72 8.36
C ASP F 86 -27.13 19.08 6.97
N VAL F 87 -28.25 18.55 6.51
CA VAL F 87 -28.33 18.04 5.13
C VAL F 87 -28.09 19.17 4.15
N VAL F 88 -28.67 20.34 4.43
CA VAL F 88 -28.45 21.52 3.60
C VAL F 88 -26.98 21.93 3.64
N TYR F 89 -26.38 21.93 4.82
CA TYR F 89 -24.96 22.26 4.95
C TYR F 89 -24.08 21.32 4.14
N ALA F 90 -24.36 20.02 4.23
CA ALA F 90 -23.56 19.04 3.51
C ALA F 90 -23.75 19.15 2.00
N LEU F 91 -24.99 19.38 1.56
CA LEU F 91 -25.24 19.49 0.12
C LEU F 91 -24.61 20.75 -0.46
N LYS F 92 -24.67 21.86 0.26
CA LYS F 92 -24.01 23.06 -0.25
C LYS F 92 -22.51 23.01 -0.09
N ARG F 93 -21.99 22.11 0.76
CA ARG F 93 -20.54 21.88 0.79
C ARG F 93 -20.07 21.31 -0.54
N GLN F 94 -20.80 20.36 -1.11
CA GLN F 94 -20.39 19.69 -2.34
C GLN F 94 -20.87 20.40 -3.59
N GLY F 95 -21.18 21.69 -3.51
CA GLY F 95 -21.64 22.42 -4.67
C GLY F 95 -23.01 22.01 -5.16
N ARG F 96 -23.83 21.43 -4.30
CA ARG F 96 -25.16 20.95 -4.65
C ARG F 96 -26.20 21.58 -3.75
N THR F 97 -26.15 22.91 -3.65
CA THR F 97 -27.03 23.66 -2.78
C THR F 97 -28.49 23.49 -3.21
N LEU F 98 -29.34 23.16 -2.24
CA LEU F 98 -30.75 22.90 -2.50
C LEU F 98 -31.60 23.98 -1.83
N TYR F 99 -32.57 24.49 -2.57
CA TYR F 99 -33.49 25.48 -2.06
C TYR F 99 -34.78 24.80 -1.64
N GLY F 100 -35.32 25.24 -0.51
CA GLY F 100 -36.55 24.67 0.03
C GLY F 100 -36.40 24.01 1.38
N PHE F 101 -35.21 23.99 1.97
CA PHE F 101 -35.02 23.40 3.27
C PHE F 101 -34.12 24.23 4.17
N GLY F 102 -33.59 25.35 3.68
CA GLY F 102 -32.76 26.21 4.51
C GLY F 102 -33.61 26.87 5.58
N GLY F 103 -33.24 26.67 6.83
CA GLY F 103 -34.01 27.22 7.94
C GLY F 103 -35.24 26.41 8.27
N ALA G 28 13.71 36.67 36.47
CA ALA G 28 12.67 37.70 36.45
C ALA G 28 11.61 37.36 35.42
N ARG G 29 12.03 36.68 34.35
CA ARG G 29 11.12 36.28 33.28
C ARG G 29 11.55 34.92 32.78
N ALA G 30 10.57 34.12 32.34
CA ALA G 30 10.88 32.81 31.80
C ALA G 30 11.56 32.94 30.44
N LYS G 31 12.44 31.98 30.16
CA LYS G 31 13.15 31.95 28.88
C LYS G 31 12.18 31.62 27.76
N ALA G 32 12.44 32.18 26.58
CA ALA G 32 11.52 32.07 25.47
C ALA G 32 11.47 30.65 24.92
N LYS G 33 10.26 30.10 24.85
CA LYS G 33 10.06 28.73 24.38
C LYS G 33 8.88 28.72 23.43
N THR G 34 9.08 28.20 22.23
CA THR G 34 8.07 28.28 21.20
C THR G 34 6.93 27.31 21.49
N ARG G 35 5.72 27.74 21.14
CA ARG G 35 4.56 26.87 21.24
C ARG G 35 4.59 25.76 20.20
N SER G 36 5.33 25.95 19.11
CA SER G 36 5.54 24.87 18.15
C SER G 36 6.30 23.72 18.78
N SER G 37 7.33 24.05 19.57
CA SER G 37 8.03 23.03 20.33
C SER G 37 7.17 22.48 21.45
N ARG G 38 6.25 23.29 21.97
CA ARG G 38 5.30 22.80 22.97
C ARG G 38 4.37 21.76 22.37
N ALA G 39 4.00 21.93 21.11
CA ALA G 39 3.35 20.87 20.36
C ALA G 39 4.34 19.82 19.88
N GLY G 40 5.62 20.13 19.86
CA GLY G 40 6.58 19.29 19.18
C GLY G 40 6.46 19.40 17.67
N LEU G 41 5.90 20.49 17.18
CA LEU G 41 5.60 20.66 15.77
C LEU G 41 6.54 21.69 15.17
N GLN G 42 6.63 21.71 13.85
CA GLN G 42 7.53 22.63 13.15
C GLN G 42 6.84 23.87 12.61
N PHE G 43 5.64 23.74 12.06
CA PHE G 43 4.92 24.93 11.58
C PHE G 43 4.60 25.86 12.75
N PRO G 44 4.71 27.17 12.56
CA PRO G 44 4.66 28.11 13.69
C PRO G 44 3.26 28.26 14.25
N VAL G 45 3.12 27.96 15.54
CA VAL G 45 1.83 28.07 16.21
C VAL G 45 1.41 29.53 16.34
N GLY G 46 2.34 30.41 16.68
CA GLY G 46 2.01 31.82 16.81
C GLY G 46 1.62 32.46 15.49
N ARG G 47 2.30 32.09 14.40
CA ARG G 47 1.96 32.65 13.10
C ARG G 47 0.59 32.17 12.62
N VAL G 48 0.30 30.88 12.79
CA VAL G 48 -0.99 30.35 12.39
C VAL G 48 -2.11 30.93 13.26
N HIS G 49 -1.83 31.09 14.55
CA HIS G 49 -2.79 31.72 15.46
C HIS G 49 -3.06 33.17 15.05
N ARG G 50 -2.00 33.90 14.69
CA ARG G 50 -2.17 35.29 14.26
C ARG G 50 -2.94 35.37 12.95
N LEU G 51 -2.68 34.44 12.03
CA LEU G 51 -3.41 34.42 10.76
C LEU G 51 -4.88 34.09 10.98
N LEU G 52 -5.18 33.19 11.91
CA LEU G 52 -6.57 32.84 12.18
C LEU G 52 -7.29 33.96 12.90
N ARG G 53 -6.61 34.65 13.82
CA ARG G 53 -7.21 35.80 14.50
C ARG G 53 -7.49 36.93 13.53
N LYS G 54 -6.56 37.20 12.63
CA LYS G 54 -6.74 38.27 11.67
C LYS G 54 -7.47 37.82 10.42
N GLY G 55 -7.72 36.53 10.27
CA GLY G 55 -8.49 36.03 9.15
C GLY G 55 -9.98 36.05 9.35
N ASN G 56 -10.44 36.45 10.54
CA ASN G 56 -11.84 36.73 10.85
C ASN G 56 -12.73 35.50 10.61
N TYR G 57 -12.50 34.48 11.42
CA TYR G 57 -13.29 33.26 11.39
C TYR G 57 -14.13 33.06 12.63
N SER G 58 -13.64 33.49 13.78
CA SER G 58 -14.44 33.65 14.99
C SER G 58 -13.73 34.65 15.89
N GLU G 59 -14.49 35.31 16.76
CA GLU G 59 -13.90 36.33 17.62
C GLU G 59 -13.10 35.76 18.78
N ARG G 60 -13.33 34.50 19.15
CA ARG G 60 -12.41 33.74 19.97
C ARG G 60 -12.01 32.46 19.25
N VAL G 61 -10.93 31.85 19.71
CA VAL G 61 -10.44 30.61 19.13
C VAL G 61 -9.86 29.74 20.24
N GLY G 62 -10.15 28.44 20.16
CA GLY G 62 -9.55 27.50 21.09
C GLY G 62 -8.05 27.43 20.88
N ALA G 63 -7.34 27.23 21.99
CA ALA G 63 -5.88 27.22 21.94
C ALA G 63 -5.35 26.01 21.17
N GLY G 64 -6.02 24.88 21.31
CA GLY G 64 -5.60 23.71 20.56
C GLY G 64 -5.96 23.72 19.10
N ALA G 65 -6.83 24.63 18.67
CA ALA G 65 -7.23 24.69 17.27
C ALA G 65 -6.10 25.03 16.31
N PRO G 66 -5.29 26.09 16.49
CA PRO G 66 -4.21 26.33 15.53
C PRO G 66 -3.08 25.33 15.66
N VAL G 67 -2.89 24.78 16.86
CA VAL G 67 -1.92 23.71 17.07
C VAL G 67 -2.31 22.50 16.24
N TYR G 68 -3.58 22.11 16.34
CA TYR G 68 -4.13 21.00 15.56
C TYR G 68 -4.03 21.30 14.09
N LEU G 69 -4.30 22.55 13.71
CA LEU G 69 -4.26 22.96 12.32
C LEU G 69 -2.86 22.84 11.74
N ALA G 70 -1.88 23.39 12.45
CA ALA G 70 -0.49 23.33 12.02
C ALA G 70 0.00 21.90 11.98
N ALA G 71 -0.47 21.06 12.91
CA ALA G 71 -0.14 19.64 12.86
C ALA G 71 -0.70 18.98 11.60
N VAL G 72 -1.94 19.31 11.24
CA VAL G 72 -2.56 18.71 10.06
C VAL G 72 -1.83 19.11 8.80
N LEU G 73 -1.53 20.40 8.66
CA LEU G 73 -0.79 20.87 7.50
C LEU G 73 0.63 20.35 7.48
N GLU G 74 1.24 20.14 8.64
CA GLU G 74 2.57 19.55 8.65
C GLU G 74 2.53 18.10 8.21
N TYR G 75 1.48 17.37 8.59
CA TYR G 75 1.32 16.00 8.14
C TYR G 75 1.13 15.94 6.63
N LEU G 76 0.29 16.82 6.10
CA LEU G 76 0.03 16.80 4.67
C LEU G 76 1.24 17.27 3.87
N THR G 77 1.93 18.31 4.34
CA THR G 77 3.13 18.78 3.68
C THR G 77 4.21 17.71 3.71
N ALA G 78 4.33 17.01 4.84
CA ALA G 78 5.28 15.91 4.95
C ALA G 78 4.98 14.83 3.93
N GLU G 79 3.73 14.37 3.86
CA GLU G 79 3.43 13.20 3.03
C GLU G 79 3.55 13.53 1.54
N ILE G 80 3.13 14.74 1.15
CA ILE G 80 3.34 15.11 -0.24
C ILE G 80 4.82 15.34 -0.52
N LEU G 81 5.60 15.66 0.51
CA LEU G 81 7.03 15.80 0.30
C LEU G 81 7.72 14.44 0.11
N GLU G 82 7.32 13.38 0.84
CA GLU G 82 7.89 12.08 0.46
C GLU G 82 7.44 11.64 -0.92
N LEU G 83 6.17 11.92 -1.27
CA LEU G 83 5.69 11.49 -2.58
C LEU G 83 6.46 12.19 -3.70
N ALA G 84 6.74 13.48 -3.51
CA ALA G 84 7.61 14.22 -4.42
C ALA G 84 9.02 13.67 -4.42
N GLY G 85 9.53 13.25 -3.26
CA GLY G 85 10.87 12.68 -3.21
C GLY G 85 10.99 11.39 -3.99
N ASN G 86 9.97 10.53 -3.88
CA ASN G 86 9.97 9.29 -4.67
C ASN G 86 9.83 9.57 -6.16
N ALA G 87 9.00 10.54 -6.53
CA ALA G 87 8.90 10.90 -7.94
C ALA G 87 10.23 11.43 -8.48
N ALA G 88 10.94 12.22 -7.67
CA ALA G 88 12.24 12.73 -8.08
C ALA G 88 13.28 11.61 -8.19
N ARG G 89 13.27 10.70 -7.22
CA ARG G 89 14.23 9.60 -7.22
C ARG G 89 13.98 8.63 -8.37
N ASP G 90 12.72 8.41 -8.72
CA ASP G 90 12.41 7.57 -9.87
C ASP G 90 12.86 8.21 -11.18
N ASN G 91 12.90 9.54 -11.24
CA ASN G 91 13.42 10.25 -12.39
C ASN G 91 14.81 10.81 -12.15
N LYS G 92 15.53 10.26 -11.15
CA LYS G 92 16.96 10.45 -10.88
C LYS G 92 17.37 11.92 -10.82
N LYS G 93 16.47 12.79 -10.36
CA LYS G 93 16.81 14.18 -10.14
C LYS G 93 16.80 14.45 -8.65
N THR G 94 17.82 15.16 -8.17
CA THR G 94 17.96 15.36 -6.74
C THR G 94 16.99 16.38 -6.18
N ARG G 95 16.43 17.24 -7.02
CA ARG G 95 15.64 18.37 -6.56
C ARG G 95 14.20 18.27 -7.04
N ILE G 96 13.28 18.75 -6.21
CA ILE G 96 11.86 18.66 -6.54
C ILE G 96 11.51 19.64 -7.64
N ILE G 97 10.81 19.15 -8.66
CA ILE G 97 10.43 19.95 -9.81
C ILE G 97 8.90 19.90 -9.85
N PRO G 98 8.24 20.98 -10.28
CA PRO G 98 6.77 20.94 -10.40
C PRO G 98 6.23 19.86 -11.33
N ARG G 99 7.02 19.39 -12.29
CA ARG G 99 6.66 18.17 -12.99
C ARG G 99 6.55 16.99 -12.03
N HIS G 100 7.48 16.87 -11.09
CA HIS G 100 7.41 15.78 -10.13
C HIS G 100 6.24 15.98 -9.19
N LEU G 101 5.92 17.23 -8.85
CA LEU G 101 4.72 17.51 -8.06
C LEU G 101 3.47 17.08 -8.81
N GLN G 102 3.40 17.38 -10.11
CA GLN G 102 2.25 16.98 -10.93
C GLN G 102 2.12 15.47 -11.01
N LEU G 103 3.25 14.79 -11.25
CA LEU G 103 3.22 13.34 -11.39
C LEU G 103 2.87 12.68 -10.06
N ALA G 104 3.35 13.24 -8.95
CA ALA G 104 2.98 12.72 -7.64
C ALA G 104 1.53 12.99 -7.31
N ILE G 105 1.01 14.17 -7.69
CA ILE G 105 -0.31 14.55 -7.22
C ILE G 105 -1.39 13.85 -8.04
N ARG G 106 -1.14 13.60 -9.33
CA ARG G 106 -2.13 12.95 -10.18
C ARG G 106 -2.15 11.44 -10.04
N ASN G 107 -1.05 10.82 -9.63
CA ASN G 107 -1.00 9.37 -9.51
C ASN G 107 -1.49 8.86 -8.16
N ASP G 108 -1.93 9.74 -7.27
CA ASP G 108 -2.58 9.35 -6.03
C ASP G 108 -4.06 9.69 -6.17
N GLU G 109 -4.90 8.65 -6.20
CA GLU G 109 -6.33 8.84 -6.39
C GLU G 109 -6.95 9.56 -5.19
N GLU G 110 -6.43 9.29 -3.99
CA GLU G 110 -6.77 10.08 -2.81
C GLU G 110 -6.45 11.56 -3.01
N LEU G 111 -5.22 11.86 -3.41
CA LEU G 111 -4.84 13.25 -3.60
C LEU G 111 -5.46 13.84 -4.85
N ASN G 112 -5.73 13.01 -5.87
CA ASN G 112 -6.44 13.49 -7.04
C ASN G 112 -7.85 13.92 -6.69
N LYS G 113 -8.54 13.13 -5.86
CA LYS G 113 -9.86 13.54 -5.43
C LYS G 113 -9.81 14.69 -4.43
N LEU G 114 -8.66 14.85 -3.75
CA LEU G 114 -8.45 16.05 -2.96
C LEU G 114 -8.35 17.28 -3.86
N LEU G 115 -7.67 17.17 -5.00
CA LEU G 115 -7.36 18.31 -5.85
C LEU G 115 -7.79 18.04 -7.29
N GLY G 116 -9.05 17.68 -7.50
CA GLY G 116 -9.55 17.45 -8.84
C GLY G 116 -9.75 18.71 -9.65
N ARG G 117 -9.84 19.87 -9.00
CA ARG G 117 -10.03 21.14 -9.67
C ARG G 117 -8.81 22.05 -9.57
N VAL G 118 -7.66 21.50 -9.17
CA VAL G 118 -6.47 22.30 -8.90
C VAL G 118 -5.50 22.13 -10.06
N THR G 119 -4.99 23.25 -10.57
CA THR G 119 -4.01 23.24 -11.63
C THR G 119 -2.66 23.72 -11.10
N ILE G 120 -1.59 23.26 -11.73
CA ILE G 120 -0.22 23.53 -11.28
C ILE G 120 0.53 24.17 -12.44
N ALA G 121 1.26 25.25 -12.14
CA ALA G 121 2.00 25.96 -13.17
C ALA G 121 3.18 25.12 -13.65
N GLN G 122 3.29 24.98 -14.98
CA GLN G 122 4.31 24.16 -15.65
C GLN G 122 4.30 22.72 -15.17
N GLY G 123 3.10 22.21 -14.87
CA GLY G 123 2.99 20.88 -14.31
C GLY G 123 2.89 19.82 -15.38
N GLY G 124 2.23 20.14 -16.48
CA GLY G 124 1.96 19.12 -17.46
C GLY G 124 0.85 18.19 -16.99
N VAL G 125 0.78 17.03 -17.61
CA VAL G 125 -0.24 16.04 -17.32
C VAL G 125 0.45 14.69 -17.07
N LEU G 126 -0.36 13.70 -16.75
CA LEU G 126 0.13 12.33 -16.75
C LEU G 126 0.44 11.89 -18.18
N PRO G 127 1.52 11.16 -18.37
CA PRO G 127 1.67 10.43 -19.64
C PRO G 127 0.60 9.36 -19.72
N ASN G 128 -0.36 9.57 -20.61
CA ASN G 128 -1.56 8.74 -20.64
C ASN G 128 -2.11 8.69 -22.05
N ILE G 129 -2.35 7.48 -22.54
CA ILE G 129 -2.87 7.28 -23.88
C ILE G 129 -4.07 6.34 -23.78
N GLN G 130 -5.01 6.49 -24.70
CA GLN G 130 -6.08 5.53 -24.82
C GLN G 130 -5.62 4.33 -25.63
N ALA G 131 -6.22 3.17 -25.33
CA ALA G 131 -5.82 1.94 -25.99
C ALA G 131 -6.15 1.94 -27.47
N VAL G 132 -7.28 2.54 -27.85
CA VAL G 132 -7.66 2.60 -29.25
C VAL G 132 -6.75 3.56 -30.02
N LEU G 133 -6.10 4.49 -29.35
CA LEU G 133 -5.16 5.38 -30.02
C LEU G 133 -3.86 4.68 -30.36
N LEU G 134 -3.54 3.59 -29.68
CA LEU G 134 -2.38 2.78 -30.00
C LEU G 134 -2.65 1.93 -31.24
N PRO G 135 -1.61 1.64 -32.03
CA PRO G 135 -1.82 0.90 -33.29
C PRO G 135 -2.17 -0.56 -33.03
N LYS G 136 -2.67 -1.20 -34.10
CA LYS G 136 -3.05 -2.61 -34.14
C LYS G 136 -4.10 -2.96 -33.09
N LYS H 31 15.56 50.40 2.03
CA LYS H 31 14.34 50.26 2.81
C LYS H 31 13.26 49.53 2.02
N ARG H 32 13.12 48.23 2.27
CA ARG H 32 12.08 47.41 1.65
C ARG H 32 11.40 46.59 2.73
N SER H 33 10.11 46.34 2.53
CA SER H 33 9.29 45.69 3.55
C SER H 33 9.45 44.17 3.51
N ARG H 34 9.40 43.57 4.70
CA ARG H 34 9.48 42.11 4.83
C ARG H 34 8.20 41.45 4.32
N LYS H 35 8.35 40.28 3.71
CA LYS H 35 7.24 39.53 3.14
C LYS H 35 7.22 38.14 3.75
N GLU H 36 6.02 37.58 3.94
CA GLU H 36 5.85 36.32 4.64
C GLU H 36 5.92 35.14 3.68
N SER H 37 6.57 34.07 4.12
CA SER H 37 6.70 32.86 3.32
C SER H 37 6.72 31.66 4.25
N TYR H 38 6.57 30.48 3.67
CA TYR H 38 6.64 29.22 4.40
C TYR H 38 7.96 28.51 4.15
N SER H 39 8.99 29.25 3.73
CA SER H 39 10.15 28.66 3.08
C SER H 39 10.98 27.84 4.05
N VAL H 40 11.30 28.41 5.22
CA VAL H 40 12.18 27.74 6.16
C VAL H 40 11.51 26.48 6.71
N TYR H 41 10.21 26.55 6.99
CA TYR H 41 9.49 25.41 7.53
C TYR H 41 9.39 24.26 6.53
N VAL H 42 9.03 24.57 5.28
CA VAL H 42 8.93 23.51 4.27
C VAL H 42 10.31 22.93 3.98
N TYR H 43 11.35 23.77 3.96
CA TYR H 43 12.70 23.28 3.71
C TYR H 43 13.18 22.35 4.82
N LYS H 44 12.88 22.71 6.08
CA LYS H 44 13.22 21.82 7.19
C LYS H 44 12.46 20.50 7.09
N VAL H 45 11.14 20.54 6.89
CA VAL H 45 10.37 19.29 6.91
C VAL H 45 10.73 18.43 5.70
N LEU H 46 11.17 19.06 4.61
CA LEU H 46 11.77 18.31 3.51
C LEU H 46 13.03 17.60 3.98
N LYS H 47 13.85 18.29 4.79
CA LYS H 47 15.05 17.64 5.29
C LYS H 47 14.78 16.49 6.26
N GLN H 48 13.71 16.54 7.07
CA GLN H 48 13.40 15.30 7.80
C GLN H 48 12.85 14.22 6.89
N VAL H 49 11.92 14.56 6.00
CA VAL H 49 11.34 13.47 5.21
C VAL H 49 12.33 12.94 4.18
N HIS H 50 13.22 13.79 3.67
CA HIS H 50 14.25 13.38 2.71
C HIS H 50 15.45 14.31 2.84
N PRO H 51 16.46 13.91 3.61
CA PRO H 51 17.66 14.76 3.75
C PRO H 51 18.42 15.01 2.47
N ASP H 52 18.38 14.08 1.51
CA ASP H 52 19.20 14.16 0.32
C ASP H 52 18.49 14.80 -0.87
N THR H 53 17.26 15.26 -0.70
CA THR H 53 16.43 15.71 -1.81
C THR H 53 16.34 17.23 -1.80
N GLY H 54 16.58 17.84 -2.95
CA GLY H 54 16.59 19.28 -3.09
C GLY H 54 15.23 19.86 -3.41
N ILE H 55 15.24 21.09 -3.91
CA ILE H 55 14.01 21.83 -4.17
C ILE H 55 14.29 22.83 -5.29
N SER H 56 13.27 23.06 -6.12
CA SER H 56 13.25 24.22 -7.01
C SER H 56 12.35 25.28 -6.43
N SER H 57 12.63 26.55 -6.78
CA SER H 57 12.00 27.67 -6.11
C SER H 57 10.52 27.80 -6.49
N LYS H 58 10.18 27.53 -7.74
CA LYS H 58 8.79 27.71 -8.12
C LYS H 58 7.95 26.52 -7.64
N ALA H 59 8.58 25.38 -7.39
CA ALA H 59 7.91 24.32 -6.65
C ALA H 59 7.58 24.77 -5.24
N MET H 60 8.47 25.55 -4.61
CA MET H 60 8.14 26.16 -3.34
C MET H 60 7.01 27.18 -3.46
N GLY H 61 6.94 27.91 -4.58
CA GLY H 61 5.80 28.77 -4.80
C GLY H 61 4.49 28.00 -4.88
N ILE H 62 4.51 26.87 -5.58
CA ILE H 62 3.33 26.00 -5.68
C ILE H 62 2.94 25.46 -4.31
N MET H 63 3.94 25.04 -3.52
CA MET H 63 3.66 24.56 -2.17
C MET H 63 3.12 25.67 -1.27
N ASN H 64 3.61 26.90 -1.45
CA ASN H 64 3.07 28.04 -0.73
C ASN H 64 1.59 28.22 -1.05
N SER H 65 1.27 28.14 -2.35
CA SER H 65 -0.13 28.25 -2.77
C SER H 65 -0.98 27.13 -2.20
N PHE H 66 -0.45 25.91 -2.16
CA PHE H 66 -1.21 24.79 -1.61
C PHE H 66 -1.46 24.95 -0.12
N VAL H 67 -0.41 25.29 0.64
CA VAL H 67 -0.54 25.38 2.09
C VAL H 67 -1.48 26.52 2.46
N ASN H 68 -1.35 27.66 1.80
CA ASN H 68 -2.29 28.75 1.99
C ASN H 68 -3.72 28.34 1.62
N ASP H 69 -3.88 27.66 0.48
CA ASP H 69 -5.19 27.29 -0.02
C ASP H 69 -5.92 26.39 0.97
N ILE H 70 -5.25 25.35 1.44
CA ILE H 70 -5.85 24.46 2.42
C ILE H 70 -6.06 25.19 3.74
N PHE H 71 -5.22 26.19 4.05
CA PHE H 71 -5.39 26.94 5.29
C PHE H 71 -6.71 27.69 5.31
N GLU H 72 -7.01 28.48 4.26
CA GLU H 72 -8.32 29.10 4.27
C GLU H 72 -9.47 28.14 3.96
N ARG H 73 -9.23 26.99 3.32
CA ARG H 73 -10.32 26.00 3.23
C ARG H 73 -10.76 25.53 4.61
N ILE H 74 -9.79 25.09 5.42
CA ILE H 74 -10.11 24.61 6.76
C ILE H 74 -10.62 25.75 7.63
N ALA H 75 -10.06 26.95 7.47
CA ALA H 75 -10.46 28.09 8.28
C ALA H 75 -11.88 28.54 7.96
N GLY H 76 -12.25 28.53 6.68
CA GLY H 76 -13.62 28.86 6.31
C GLY H 76 -14.61 27.82 6.79
N GLU H 77 -14.25 26.53 6.68
CA GLU H 77 -15.07 25.48 7.27
C GLU H 77 -15.24 25.67 8.77
N ALA H 78 -14.16 26.03 9.46
CA ALA H 78 -14.23 26.27 10.90
C ALA H 78 -15.13 27.43 11.21
N SER H 79 -15.06 28.50 10.41
CA SER H 79 -15.91 29.66 10.62
C SER H 79 -17.38 29.32 10.45
N ARG H 80 -17.72 28.62 9.37
CA ARG H 80 -19.15 28.31 9.16
C ARG H 80 -19.65 27.27 10.15
N LEU H 81 -18.81 26.29 10.53
CA LEU H 81 -19.22 25.36 11.57
C LEU H 81 -19.40 26.04 12.92
N ALA H 82 -18.59 27.05 13.21
CA ALA H 82 -18.80 27.84 14.41
C ALA H 82 -20.11 28.62 14.33
N HIS H 83 -20.48 29.06 13.14
CA HIS H 83 -21.78 29.73 12.98
C HIS H 83 -22.93 28.75 13.16
N TYR H 84 -22.77 27.51 12.69
CA TYR H 84 -23.91 26.58 12.66
C TYR H 84 -24.31 26.14 14.06
N ASN H 85 -23.33 25.96 14.94
CA ASN H 85 -23.60 25.68 16.34
C ASN H 85 -23.58 26.93 17.21
N LYS H 86 -23.54 28.11 16.58
CA LYS H 86 -23.65 29.41 17.25
C LYS H 86 -22.51 29.64 18.24
N ARG H 87 -21.34 29.09 17.94
CA ARG H 87 -20.17 29.23 18.79
C ARG H 87 -19.30 30.36 18.26
N SER H 88 -18.91 31.26 19.14
CA SER H 88 -17.98 32.31 18.76
C SER H 88 -16.53 31.91 18.99
N THR H 89 -16.29 30.68 19.42
CA THR H 89 -14.96 30.17 19.68
C THR H 89 -14.75 28.92 18.84
N ILE H 90 -13.72 28.92 18.02
CA ILE H 90 -13.38 27.76 17.20
C ILE H 90 -12.35 26.94 17.97
N THR H 91 -12.68 25.70 18.27
CA THR H 91 -11.80 24.82 18.99
C THR H 91 -11.22 23.76 18.06
N SER H 92 -10.37 22.91 18.63
CA SER H 92 -9.76 21.83 17.86
C SER H 92 -10.80 20.82 17.40
N ARG H 93 -11.94 20.74 18.09
CA ARG H 93 -13.05 19.90 17.62
C ARG H 93 -13.55 20.38 16.28
N GLU H 94 -13.67 21.69 16.11
CA GLU H 94 -14.12 22.25 14.84
C GLU H 94 -13.11 21.99 13.74
N ILE H 95 -11.82 22.12 14.06
CA ILE H 95 -10.78 21.88 13.06
C ILE H 95 -10.78 20.43 12.65
N GLN H 96 -10.95 19.52 13.62
CA GLN H 96 -11.00 18.09 13.34
C GLN H 96 -12.21 17.74 12.50
N THR H 97 -13.35 18.37 12.79
CA THR H 97 -14.54 18.18 11.97
C THR H 97 -14.30 18.65 10.55
N ALA H 98 -13.62 19.79 10.39
CA ALA H 98 -13.30 20.30 9.06
C ALA H 98 -12.36 19.35 8.32
N VAL H 99 -11.43 18.72 9.04
CA VAL H 99 -10.58 17.72 8.43
C VAL H 99 -11.40 16.53 7.95
N ARG H 100 -12.33 16.07 8.78
CA ARG H 100 -13.19 14.96 8.37
C ARG H 100 -14.07 15.33 7.19
N LEU H 101 -14.45 16.58 7.07
CA LEU H 101 -15.27 16.99 5.93
C LEU H 101 -14.43 17.09 4.66
N LEU H 102 -13.44 17.98 4.66
CA LEU H 102 -12.72 18.24 3.41
C LEU H 102 -11.75 17.13 3.03
N LEU H 103 -10.99 16.62 3.99
CA LEU H 103 -10.03 15.57 3.67
C LEU H 103 -10.74 14.23 3.64
N PRO H 104 -10.72 13.50 2.53
CA PRO H 104 -11.39 12.21 2.46
C PRO H 104 -10.50 11.05 2.87
N GLY H 105 -11.14 9.96 3.28
CA GLY H 105 -10.46 8.69 3.43
C GLY H 105 -9.38 8.67 4.50
N GLU H 106 -8.20 8.21 4.10
CA GLU H 106 -7.14 7.88 5.06
C GLU H 106 -6.43 9.12 5.57
N LEU H 107 -6.25 10.15 4.73
CA LEU H 107 -5.55 11.35 5.16
C LEU H 107 -6.25 12.00 6.34
N ALA H 108 -7.59 11.94 6.35
CA ALA H 108 -8.36 12.45 7.47
C ALA H 108 -8.01 11.73 8.76
N LYS H 109 -8.01 10.39 8.75
CA LYS H 109 -7.81 9.68 10.01
C LYS H 109 -6.36 9.74 10.48
N HIS H 110 -5.39 9.71 9.56
CA HIS H 110 -4.01 9.89 9.99
C HIS H 110 -3.78 11.28 10.55
N ALA H 111 -4.39 12.29 9.91
CA ALA H 111 -4.30 13.65 10.41
C ALA H 111 -4.95 13.77 11.78
N VAL H 112 -6.09 13.10 11.98
CA VAL H 112 -6.75 13.11 13.28
C VAL H 112 -5.86 12.48 14.34
N SER H 113 -5.22 11.35 13.99
CA SER H 113 -4.35 10.67 14.94
C SER H 113 -3.18 11.55 15.36
N GLU H 114 -2.47 12.10 14.37
CA GLU H 114 -1.29 12.90 14.70
C GLU H 114 -1.67 14.24 15.34
N GLY H 115 -2.80 14.82 14.93
CA GLY H 115 -3.21 16.08 15.52
C GLY H 115 -3.72 15.94 16.94
N THR H 116 -4.48 14.89 17.23
CA THR H 116 -4.91 14.64 18.60
C THR H 116 -3.70 14.32 19.46
N LYS H 117 -2.74 13.58 18.89
CA LYS H 117 -1.44 13.41 19.53
C LYS H 117 -0.80 14.76 19.84
N ALA H 118 -0.83 15.69 18.88
CA ALA H 118 -0.26 17.01 19.09
C ALA H 118 -1.03 17.80 20.14
N VAL H 119 -2.34 17.59 20.21
CA VAL H 119 -3.16 18.23 21.24
C VAL H 119 -2.71 17.79 22.61
N THR H 120 -2.49 16.48 22.77
CA THR H 120 -1.93 15.99 24.03
C THR H 120 -0.52 16.54 24.27
N LYS H 121 0.26 16.70 23.20
CA LYS H 121 1.63 17.20 23.37
C LYS H 121 1.65 18.63 23.88
N TYR H 122 0.79 19.49 23.34
CA TYR H 122 0.70 20.85 23.89
C TYR H 122 0.01 20.84 25.25
N THR H 123 -0.93 19.92 25.47
CA THR H 123 -1.63 19.83 26.73
C THR H 123 -0.67 19.53 27.87
N SER H 124 0.35 18.71 27.59
CA SER H 124 1.43 18.48 28.53
C SER H 124 2.22 19.74 28.84
N ALA H 125 2.25 20.70 27.91
CA ALA H 125 3.00 21.93 28.15
C ALA H 125 2.08 23.00 28.70
N SER I 35 -41.10 6.04 -68.17
CA SER I 35 -41.21 4.61 -67.87
C SER I 35 -39.88 3.90 -68.12
N GLY I 36 -39.75 3.32 -69.30
CA GLY I 36 -38.54 2.62 -69.68
C GLY I 36 -38.45 1.24 -69.07
N PRO I 37 -37.27 0.61 -69.19
CA PRO I 37 -37.08 -0.72 -68.61
C PRO I 37 -37.02 -0.66 -67.10
N PRO I 38 -37.23 -1.78 -66.40
CA PRO I 38 -37.05 -1.79 -64.95
C PRO I 38 -35.59 -1.60 -64.56
N VAL I 39 -35.39 -1.40 -63.26
CA VAL I 39 -34.08 -0.98 -62.76
C VAL I 39 -33.03 -2.08 -62.81
N SER I 40 -33.44 -3.34 -63.05
CA SER I 40 -32.50 -4.45 -63.06
C SER I 40 -31.49 -4.32 -64.19
N GLU I 41 -31.95 -3.94 -65.38
CA GLU I 41 -31.06 -3.71 -66.50
C GLU I 41 -30.09 -2.56 -66.22
N LEU I 42 -30.59 -1.50 -65.58
CA LEU I 42 -29.75 -0.38 -65.21
C LEU I 42 -28.68 -0.78 -64.21
N ILE I 43 -29.01 -1.68 -63.29
CA ILE I 43 -28.01 -2.21 -62.36
C ILE I 43 -26.98 -3.08 -63.10
N THR I 44 -27.43 -3.84 -64.12
CA THR I 44 -26.48 -4.65 -64.89
C THR I 44 -25.47 -3.79 -65.65
N LYS I 45 -25.94 -2.72 -66.31
CA LYS I 45 -24.97 -1.81 -66.92
C LYS I 45 -24.15 -1.04 -65.88
N ALA I 46 -24.71 -0.77 -64.70
CA ALA I 46 -23.95 -0.08 -63.65
C ALA I 46 -22.78 -0.93 -63.16
N VAL I 47 -23.00 -2.24 -62.99
CA VAL I 47 -21.91 -3.09 -62.54
C VAL I 47 -20.97 -3.42 -63.71
N ALA I 48 -21.50 -3.48 -64.94
CA ALA I 48 -20.65 -3.76 -66.10
C ALA I 48 -19.84 -2.56 -66.56
N ALA I 49 -20.14 -1.36 -66.06
CA ALA I 49 -19.40 -0.18 -66.49
C ALA I 49 -17.96 -0.16 -65.98
N SER I 50 -17.67 -0.85 -64.88
CA SER I 50 -16.38 -0.72 -64.20
C SER I 50 -15.50 -1.95 -64.36
N LYS I 51 -15.98 -3.13 -63.95
CA LYS I 51 -15.24 -4.39 -63.95
C LYS I 51 -13.93 -4.28 -63.16
N GLU I 52 -14.07 -3.90 -61.89
CA GLU I 52 -12.95 -3.85 -60.96
C GLU I 52 -12.69 -5.27 -60.42
N ARG I 53 -11.50 -5.45 -59.83
CA ARG I 53 -11.19 -6.72 -59.16
C ARG I 53 -12.16 -7.02 -58.03
N SER I 54 -12.36 -6.05 -57.14
CA SER I 54 -13.42 -6.16 -56.15
C SER I 54 -14.73 -5.69 -56.75
N GLY I 55 -15.83 -6.22 -56.21
CA GLY I 55 -17.13 -5.82 -56.69
C GLY I 55 -17.47 -4.39 -56.31
N VAL I 56 -18.45 -3.84 -57.02
CA VAL I 56 -18.85 -2.45 -56.81
C VAL I 56 -19.59 -2.33 -55.49
N SER I 57 -19.44 -1.18 -54.84
CA SER I 57 -20.19 -0.95 -53.62
C SER I 57 -21.63 -0.59 -53.94
N LEU I 58 -22.46 -0.57 -52.91
CA LEU I 58 -23.77 0.05 -53.03
C LEU I 58 -23.63 1.53 -53.34
N ALA I 59 -22.66 2.19 -52.70
CA ALA I 59 -22.40 3.61 -52.97
C ALA I 59 -21.96 3.83 -54.41
N ALA I 60 -21.08 2.95 -54.93
CA ALA I 60 -20.61 3.10 -56.31
C ALA I 60 -21.73 2.89 -57.32
N LEU I 61 -22.61 1.90 -57.09
CA LEU I 61 -23.71 1.70 -58.01
C LEU I 61 -24.75 2.81 -57.90
N LYS I 62 -24.93 3.38 -56.70
CA LYS I 62 -25.83 4.52 -56.57
C LYS I 62 -25.28 5.75 -57.28
N LYS I 63 -23.96 5.97 -57.20
CA LYS I 63 -23.35 7.06 -57.96
C LYS I 63 -23.44 6.81 -59.46
N ALA I 64 -23.32 5.55 -59.89
CA ALA I 64 -23.46 5.22 -61.31
C ALA I 64 -24.89 5.47 -61.79
N LEU I 65 -25.89 5.12 -60.98
CA LEU I 65 -27.28 5.40 -61.35
C LEU I 65 -27.59 6.90 -61.30
N ALA I 66 -26.94 7.64 -60.40
CA ALA I 66 -27.11 9.08 -60.36
C ALA I 66 -26.50 9.73 -61.60
N ALA I 67 -25.34 9.24 -62.05
CA ALA I 67 -24.74 9.76 -63.27
C ALA I 67 -25.57 9.37 -64.50
N ALA I 68 -26.07 8.13 -64.54
CA ALA I 68 -26.90 7.71 -65.67
C ALA I 68 -28.29 8.33 -65.61
N GLY I 69 -28.80 8.58 -64.41
CA GLY I 69 -30.08 9.23 -64.25
C GLY I 69 -31.15 8.32 -63.68
N TYR I 70 -31.37 8.42 -62.38
CA TYR I 70 -32.46 7.70 -61.71
C TYR I 70 -32.74 8.39 -60.39
N ASP I 71 -34.01 8.32 -59.97
CA ASP I 71 -34.45 8.85 -58.67
C ASP I 71 -34.13 7.84 -57.56
N VAL I 72 -32.83 7.72 -57.28
CA VAL I 72 -32.34 6.75 -56.31
C VAL I 72 -32.73 7.12 -54.88
N GLU I 73 -33.00 8.41 -54.61
CA GLU I 73 -33.38 8.82 -53.26
C GLU I 73 -34.77 8.30 -52.89
N LYS I 74 -35.63 8.12 -53.88
CA LYS I 74 -36.96 7.58 -53.65
C LYS I 74 -36.98 6.05 -53.69
N ASN I 75 -36.02 5.42 -54.36
CA ASN I 75 -36.11 4.00 -54.67
C ASN I 75 -34.91 3.24 -54.12
N ASN I 76 -34.48 3.55 -52.90
CA ASN I 76 -33.45 2.74 -52.25
C ASN I 76 -33.93 1.31 -52.03
N SER I 77 -35.18 1.16 -51.58
CA SER I 77 -35.75 -0.18 -51.39
C SER I 77 -35.90 -0.90 -52.72
N ARG I 78 -36.25 -0.17 -53.79
CA ARG I 78 -36.35 -0.78 -55.12
C ARG I 78 -34.99 -1.28 -55.60
N ILE I 79 -33.93 -0.49 -55.39
CA ILE I 79 -32.58 -0.93 -55.74
C ILE I 79 -32.18 -2.15 -54.94
N LYS I 80 -32.49 -2.15 -53.63
CA LYS I 80 -32.15 -3.29 -52.77
C LYS I 80 -32.85 -4.56 -53.22
N LEU I 81 -34.16 -4.47 -53.51
CA LEU I 81 -34.90 -5.66 -53.94
C LEU I 81 -34.44 -6.12 -55.33
N GLY I 82 -34.11 -5.17 -56.21
CA GLY I 82 -33.61 -5.55 -57.52
C GLY I 82 -32.26 -6.26 -57.46
N LEU I 83 -31.34 -5.75 -56.64
CA LEU I 83 -30.04 -6.39 -56.53
C LEU I 83 -30.15 -7.75 -55.84
N LYS I 84 -31.02 -7.87 -54.84
CA LYS I 84 -31.21 -9.17 -54.19
C LYS I 84 -31.86 -10.18 -55.13
N SER I 85 -32.80 -9.71 -55.96
CA SER I 85 -33.42 -10.58 -56.96
C SER I 85 -32.41 -11.03 -58.01
N LEU I 86 -31.51 -10.13 -58.42
CA LEU I 86 -30.47 -10.51 -59.37
C LEU I 86 -29.46 -11.46 -58.75
N VAL I 87 -29.18 -11.30 -57.45
CA VAL I 87 -28.33 -12.26 -56.74
C VAL I 87 -28.98 -13.64 -56.71
N SER I 88 -30.30 -13.68 -56.48
CA SER I 88 -31.00 -14.97 -56.36
C SER I 88 -31.01 -15.74 -57.68
N LYS I 89 -30.99 -15.04 -58.82
CA LYS I 89 -30.89 -15.73 -60.11
C LYS I 89 -29.50 -16.28 -60.35
N GLY I 90 -28.49 -15.84 -59.60
CA GLY I 90 -27.14 -16.28 -59.80
C GLY I 90 -26.38 -15.55 -60.89
N THR I 91 -27.01 -14.59 -61.56
CA THR I 91 -26.31 -13.79 -62.55
C THR I 91 -25.26 -12.89 -61.91
N LEU I 92 -25.55 -12.37 -60.72
CA LEU I 92 -24.60 -11.59 -59.94
C LEU I 92 -24.29 -12.34 -58.66
N VAL I 93 -23.05 -12.21 -58.20
CA VAL I 93 -22.58 -12.84 -56.97
C VAL I 93 -22.00 -11.76 -56.06
N GLN I 94 -22.37 -11.79 -54.79
CA GLN I 94 -21.90 -10.81 -53.83
C GLN I 94 -20.51 -11.21 -53.35
N THR I 95 -19.57 -10.27 -53.41
CA THR I 95 -18.16 -10.60 -53.20
C THR I 95 -17.82 -10.68 -51.71
N LYS I 96 -17.96 -9.58 -50.99
CA LYS I 96 -17.50 -9.51 -49.60
C LYS I 96 -18.60 -9.20 -48.61
N GLY I 97 -19.52 -8.30 -48.94
CA GLY I 97 -20.57 -7.93 -48.03
C GLY I 97 -21.67 -8.98 -47.94
N THR I 98 -22.68 -8.65 -47.15
CA THR I 98 -23.85 -9.50 -46.97
C THR I 98 -25.10 -8.71 -47.33
N GLY I 99 -25.98 -9.34 -48.12
CA GLY I 99 -27.20 -8.68 -48.53
C GLY I 99 -26.98 -7.57 -49.53
N ALA I 100 -27.33 -6.34 -49.14
CA ALA I 100 -27.14 -5.18 -49.99
C ALA I 100 -25.91 -4.36 -49.60
N SER I 101 -25.15 -4.80 -48.62
CA SER I 101 -23.91 -4.13 -48.26
C SER I 101 -22.73 -4.78 -48.96
N GLY I 102 -21.62 -4.04 -49.03
CA GLY I 102 -20.39 -4.59 -49.54
C GLY I 102 -20.19 -4.54 -51.03
N SER I 103 -19.57 -5.57 -51.60
CA SER I 103 -19.15 -5.59 -52.98
C SER I 103 -20.03 -6.54 -53.79
N PHE I 104 -20.20 -6.23 -55.08
CA PHE I 104 -21.09 -6.98 -55.95
C PHE I 104 -20.44 -7.15 -57.32
N LYS I 105 -20.28 -8.39 -57.77
CA LYS I 105 -19.63 -8.67 -59.05
C LYS I 105 -20.43 -9.69 -59.84
N LEU I 106 -20.13 -9.74 -61.14
CA LEU I 106 -20.83 -10.64 -62.05
C LEU I 106 -20.36 -12.08 -61.84
N ASN I 107 -21.21 -13.03 -62.24
CA ASN I 107 -20.88 -14.44 -62.22
C ASN I 107 -19.84 -14.77 -63.31
N LYS I 108 -19.50 -16.06 -63.41
CA LYS I 108 -18.47 -16.49 -64.36
C LYS I 108 -18.90 -16.30 -65.81
N LYS I 109 -20.21 -16.30 -66.08
CA LYS I 109 -20.70 -16.07 -67.44
C LYS I 109 -22.08 -15.42 -67.41
N LYS J 38 -29.21 -45.78 -1.03
CA LYS J 38 -27.91 -46.05 -0.44
C LYS J 38 -27.62 -45.08 0.71
N PRO J 39 -26.80 -45.51 1.68
CA PRO J 39 -26.30 -44.56 2.67
C PRO J 39 -25.36 -43.56 2.03
N HIS J 40 -25.32 -42.37 2.61
CA HIS J 40 -24.41 -41.34 2.13
C HIS J 40 -22.97 -41.72 2.40
N ARG J 41 -22.09 -41.39 1.46
CA ARG J 41 -20.67 -41.58 1.65
C ARG J 41 -19.91 -40.53 0.85
N TYR J 42 -19.08 -39.75 1.53
CA TYR J 42 -18.23 -38.78 0.85
C TYR J 42 -17.05 -39.49 0.19
N ARG J 43 -16.58 -38.92 -0.90
CA ARG J 43 -15.41 -39.44 -1.55
C ARG J 43 -14.15 -39.02 -0.78
N PRO J 44 -13.08 -39.82 -0.85
CA PRO J 44 -11.87 -39.50 -0.07
C PRO J 44 -11.25 -38.18 -0.48
N GLY J 45 -10.71 -37.47 0.52
CA GLY J 45 -10.14 -36.17 0.32
C GLY J 45 -11.11 -35.03 0.57
N THR J 46 -12.40 -35.26 0.31
CA THR J 46 -13.41 -34.22 0.56
C THR J 46 -13.49 -33.89 2.03
N VAL J 47 -13.67 -34.91 2.87
CA VAL J 47 -13.66 -34.71 4.32
C VAL J 47 -12.28 -34.27 4.77
N ALA J 48 -11.24 -34.78 4.12
CA ALA J 48 -9.88 -34.38 4.45
C ALA J 48 -9.65 -32.89 4.18
N LEU J 49 -10.12 -32.41 3.04
CA LEU J 49 -10.00 -30.98 2.75
C LEU J 49 -10.87 -30.16 3.70
N ARG J 50 -12.04 -30.69 4.06
CA ARG J 50 -12.93 -30.01 4.99
C ARG J 50 -12.27 -29.85 6.36
N GLU J 51 -11.63 -30.90 6.86
CA GLU J 51 -10.97 -30.78 8.16
C GLU J 51 -9.68 -29.99 8.05
N ILE J 52 -9.05 -29.98 6.88
CA ILE J 52 -7.92 -29.08 6.66
C ILE J 52 -8.36 -27.63 6.82
N ARG J 53 -9.49 -27.28 6.21
CA ARG J 53 -10.03 -25.94 6.34
C ARG J 53 -10.44 -25.65 7.78
N ARG J 54 -11.00 -26.66 8.46
CA ARG J 54 -11.40 -26.49 9.85
C ARG J 54 -10.21 -26.23 10.76
N TYR J 55 -9.17 -27.06 10.66
CA TYR J 55 -8.06 -26.94 11.58
C TYR J 55 -7.16 -25.77 11.23
N GLN J 56 -7.14 -25.36 9.95
CA GLN J 56 -6.54 -24.07 9.64
C GLN J 56 -7.34 -22.94 10.23
N LYS J 57 -8.67 -23.07 10.23
CA LYS J 57 -9.52 -22.07 10.87
C LYS J 57 -9.39 -22.12 12.38
N SER J 58 -9.29 -23.32 12.95
CA SER J 58 -9.26 -23.46 14.39
C SER J 58 -7.90 -23.05 14.94
N THR J 59 -7.88 -22.79 16.26
CA THR J 59 -6.66 -22.39 16.96
C THR J 59 -6.29 -23.30 18.12
N GLU J 60 -7.16 -24.21 18.52
CA GLU J 60 -6.98 -24.96 19.76
C GLU J 60 -5.91 -26.04 19.60
N LEU J 61 -5.47 -26.56 20.74
CA LEU J 61 -4.55 -27.68 20.75
C LEU J 61 -5.24 -28.95 20.28
N LEU J 62 -4.49 -29.79 19.59
CA LEU J 62 -5.06 -30.95 18.91
C LEU J 62 -4.81 -32.27 19.64
N ILE J 63 -4.00 -32.28 20.68
CA ILE J 63 -3.72 -33.50 21.42
C ILE J 63 -4.29 -33.36 22.83
N ARG J 64 -4.57 -34.51 23.44
CA ARG J 64 -5.20 -34.53 24.75
C ARG J 64 -4.22 -34.08 25.82
N LYS J 65 -4.75 -33.34 26.80
CA LYS J 65 -3.90 -32.66 27.78
C LYS J 65 -3.24 -33.64 28.74
N LEU J 66 -4.04 -34.56 29.30
CA LEU J 66 -3.53 -35.45 30.35
C LEU J 66 -2.45 -36.42 29.87
N PRO J 67 -2.61 -37.16 28.75
CA PRO J 67 -1.49 -38.03 28.33
C PRO J 67 -0.26 -37.25 27.92
N PHE J 68 -0.42 -36.02 27.40
CA PHE J 68 0.74 -35.20 27.10
C PHE J 68 1.48 -34.82 28.36
N GLN J 69 0.76 -34.38 29.40
CA GLN J 69 1.39 -34.05 30.67
C GLN J 69 2.06 -35.28 31.28
N ARG J 70 1.41 -36.43 31.14
CA ARG J 70 1.96 -37.67 31.67
C ARG J 70 3.26 -38.04 30.96
N LEU J 71 3.30 -37.87 29.63
CA LEU J 71 4.52 -38.13 28.87
C LEU J 71 5.61 -37.13 29.22
N VAL J 72 5.25 -35.87 29.45
CA VAL J 72 6.24 -34.86 29.82
C VAL J 72 6.87 -35.20 31.16
N ARG J 73 6.05 -35.58 32.13
CA ARG J 73 6.57 -36.01 33.42
C ARG J 73 7.42 -37.27 33.28
N GLU J 74 6.98 -38.19 32.41
CA GLU J 74 7.69 -39.44 32.18
C GLU J 74 9.09 -39.20 31.63
N ILE J 75 9.22 -38.31 30.65
CA ILE J 75 10.52 -38.11 30.02
C ILE J 75 11.39 -37.18 30.87
N ALA J 76 10.77 -36.25 31.61
CA ALA J 76 11.57 -35.41 32.49
C ALA J 76 12.09 -36.18 33.69
N GLN J 77 11.38 -37.24 34.09
CA GLN J 77 11.86 -38.10 35.15
C GLN J 77 13.17 -38.80 34.77
N ASP J 78 13.39 -38.98 33.46
CA ASP J 78 14.59 -39.65 32.98
C ASP J 78 15.86 -38.85 33.24
N PHE J 79 15.76 -37.53 33.36
CA PHE J 79 16.94 -36.73 33.64
C PHE J 79 17.15 -36.52 35.13
N LYS J 80 16.10 -36.17 35.85
CA LYS J 80 16.21 -35.94 37.27
C LYS J 80 14.88 -36.29 37.90
N THR J 81 14.93 -36.76 39.14
CA THR J 81 13.79 -37.38 39.78
C THR J 81 12.95 -36.37 40.57
N ASP J 82 11.66 -36.69 40.71
CA ASP J 82 10.69 -35.93 41.48
C ASP J 82 10.61 -34.47 40.97
N LEU J 83 10.16 -34.33 39.74
CA LEU J 83 9.97 -33.02 39.15
C LEU J 83 8.50 -32.61 39.16
N ARG J 84 8.25 -31.39 39.60
CA ARG J 84 6.91 -30.84 39.64
C ARG J 84 6.75 -29.83 38.50
N PHE J 85 5.55 -29.78 37.95
CA PHE J 85 5.30 -29.04 36.73
C PHE J 85 4.22 -27.99 36.93
N GLN J 86 4.50 -26.76 36.53
CA GLN J 86 3.43 -25.81 36.30
C GLN J 86 2.63 -26.27 35.09
N SER J 87 1.30 -26.16 35.18
CA SER J 87 0.46 -26.51 34.04
C SER J 87 0.69 -25.57 32.88
N SER J 88 1.06 -24.32 33.17
CA SER J 88 1.41 -23.36 32.13
C SER J 88 2.63 -23.83 31.35
N ALA J 89 3.61 -24.40 32.05
CA ALA J 89 4.78 -24.95 31.38
C ALA J 89 4.39 -26.10 30.46
N VAL J 90 3.50 -26.96 30.91
CA VAL J 90 3.05 -28.09 30.11
C VAL J 90 2.29 -27.60 28.88
N MET J 91 1.45 -26.58 29.05
CA MET J 91 0.72 -26.02 27.92
C MET J 91 1.66 -25.33 26.94
N ALA J 92 2.71 -24.69 27.45
CA ALA J 92 3.71 -24.10 26.57
C ALA J 92 4.44 -25.17 25.78
N LEU J 93 4.76 -26.28 26.43
CA LEU J 93 5.37 -27.40 25.71
C LEU J 93 4.43 -27.95 24.66
N GLN J 94 3.14 -28.09 24.99
CA GLN J 94 2.16 -28.56 24.01
C GLN J 94 2.06 -27.62 22.82
N GLU J 95 2.05 -26.32 23.09
CA GLU J 95 1.89 -25.33 22.03
C GLU J 95 3.11 -25.32 21.13
N ALA J 96 4.31 -25.25 21.72
CA ALA J 96 5.53 -25.22 20.94
C ALA J 96 5.72 -26.52 20.17
N SER J 97 5.38 -27.65 20.78
CA SER J 97 5.48 -28.93 20.10
C SER J 97 4.52 -29.01 18.92
N GLU J 98 3.27 -28.58 19.11
CA GLU J 98 2.30 -28.63 18.03
C GLU J 98 2.72 -27.71 16.89
N ALA J 99 3.22 -26.53 17.21
CA ALA J 99 3.65 -25.61 16.16
C ALA J 99 4.87 -26.13 15.42
N TYR J 100 5.84 -26.70 16.15
CA TYR J 100 7.02 -27.29 15.53
C TYR J 100 6.64 -28.45 14.61
N LEU J 101 5.76 -29.32 15.09
CA LEU J 101 5.30 -30.45 14.29
C LEU J 101 4.54 -29.97 13.06
N VAL J 102 3.70 -28.95 13.22
CA VAL J 102 2.93 -28.43 12.09
C VAL J 102 3.85 -27.85 11.03
N GLY J 103 4.85 -27.06 11.45
CA GLY J 103 5.80 -26.51 10.49
C GLY J 103 6.58 -27.58 9.76
N LEU J 104 6.98 -28.63 10.50
CA LEU J 104 7.58 -29.79 9.86
C LEU J 104 6.60 -30.44 8.89
N PHE J 105 5.31 -30.39 9.19
CA PHE J 105 4.33 -31.00 8.30
C PHE J 105 4.14 -30.20 7.02
N GLU J 106 4.20 -28.87 7.10
CA GLU J 106 4.14 -28.11 5.85
C GLU J 106 5.40 -28.32 5.03
N ASP J 107 6.55 -28.49 5.69
CA ASP J 107 7.75 -28.86 4.95
C ASP J 107 7.59 -30.22 4.30
N THR J 108 6.94 -31.16 5.00
CA THR J 108 6.65 -32.47 4.43
C THR J 108 5.72 -32.36 3.23
N ASN J 109 4.73 -31.46 3.33
CA ASN J 109 3.84 -31.22 2.21
C ASN J 109 4.58 -30.67 1.01
N LEU J 110 5.50 -29.72 1.26
CA LEU J 110 6.31 -29.16 0.18
C LEU J 110 7.18 -30.23 -0.47
N ALA J 111 7.73 -31.13 0.34
CA ALA J 111 8.51 -32.23 -0.22
C ALA J 111 7.63 -33.18 -1.04
N ALA J 112 6.42 -33.45 -0.55
CA ALA J 112 5.55 -34.41 -1.24
C ALA J 112 5.08 -33.87 -2.57
N ILE J 113 4.62 -32.62 -2.60
CA ILE J 113 4.25 -32.01 -3.87
C ILE J 113 5.48 -31.82 -4.73
N HIS J 114 6.64 -31.65 -4.10
CA HIS J 114 7.89 -31.57 -4.84
C HIS J 114 8.25 -32.93 -5.42
N ALA J 115 7.89 -34.01 -4.74
CA ALA J 115 8.07 -35.36 -5.24
C ALA J 115 6.93 -35.81 -6.13
N LYS J 116 6.08 -34.88 -6.58
CA LYS J 116 4.94 -35.14 -7.46
C LYS J 116 3.96 -36.12 -6.85
N ARG J 117 3.87 -36.13 -5.52
CA ARG J 117 2.95 -37.01 -4.81
C ARG J 117 2.04 -36.18 -3.94
N VAL J 118 0.92 -36.78 -3.53
CA VAL J 118 0.01 -36.15 -2.57
C VAL J 118 0.00 -36.87 -1.23
N THR J 119 0.59 -38.05 -1.14
CA THR J 119 0.67 -38.78 0.11
C THR J 119 2.06 -38.58 0.71
N ILE J 120 2.11 -38.12 1.96
CA ILE J 120 3.37 -37.87 2.62
C ILE J 120 4.05 -39.19 2.96
N MET J 121 5.37 -39.14 3.06
CA MET J 121 6.20 -40.33 3.14
C MET J 121 7.25 -40.16 4.22
N PRO J 122 7.72 -41.25 4.84
CA PRO J 122 8.79 -41.12 5.85
C PRO J 122 10.05 -40.41 5.37
N LYS J 123 10.46 -40.68 4.14
CA LYS J 123 11.64 -40.02 3.60
C LYS J 123 11.44 -38.53 3.46
N ASP J 124 10.19 -38.07 3.33
CA ASP J 124 9.92 -36.64 3.28
C ASP J 124 10.26 -35.97 4.60
N ILE J 125 9.83 -36.57 5.72
CA ILE J 125 10.15 -35.99 7.03
C ILE J 125 11.64 -36.08 7.31
N GLN J 126 12.26 -37.21 6.93
CA GLN J 126 13.70 -37.34 7.12
C GLN J 126 14.46 -36.29 6.33
N LEU J 127 14.05 -36.07 5.08
CA LEU J 127 14.65 -35.03 4.24
C LEU J 127 14.44 -33.66 4.85
N ALA J 128 13.23 -33.36 5.32
CA ALA J 128 12.94 -32.04 5.85
C ALA J 128 13.75 -31.77 7.11
N ARG J 129 13.88 -32.78 7.97
CA ARG J 129 14.71 -32.65 9.16
C ARG J 129 16.17 -32.41 8.78
N ARG J 130 16.65 -33.12 7.76
CA ARG J 130 18.05 -32.97 7.40
C ARG J 130 18.32 -31.62 6.73
N ILE J 131 17.36 -31.13 5.94
CA ILE J 131 17.52 -29.83 5.31
C ILE J 131 17.47 -28.73 6.35
N ARG J 132 16.59 -28.86 7.34
CA ARG J 132 16.57 -27.90 8.44
C ARG J 132 17.85 -27.98 9.27
N GLY J 133 18.55 -29.11 9.21
CA GLY J 133 19.84 -29.26 9.83
C GLY J 133 19.88 -30.17 11.04
N GLU J 134 19.02 -31.18 11.09
CA GLU J 134 18.98 -32.11 12.22
C GLU J 134 18.90 -33.55 11.74
N LYS K 21 2.60 -43.72 39.01
CA LYS K 21 3.72 -42.81 39.21
C LYS K 21 4.80 -43.04 38.17
N VAL K 22 5.19 -44.31 37.98
CA VAL K 22 6.17 -44.67 36.98
C VAL K 22 5.44 -45.14 35.73
N LEU K 23 5.67 -44.45 34.62
CA LEU K 23 4.95 -44.68 33.37
C LEU K 23 5.93 -45.02 32.27
N ARG K 24 5.44 -45.75 31.26
CA ARG K 24 6.33 -46.30 30.25
C ARG K 24 6.02 -45.88 28.83
N ASP K 25 4.77 -46.05 28.37
CA ASP K 25 4.50 -46.01 26.94
C ASP K 25 3.59 -44.86 26.54
N ASN K 26 3.88 -43.67 27.07
CA ASN K 26 3.05 -42.51 26.82
C ASN K 26 3.41 -41.81 25.52
N ILE K 27 4.42 -42.29 24.80
CA ILE K 27 4.65 -41.84 23.44
C ILE K 27 3.48 -42.26 22.55
N GLN K 28 2.88 -43.42 22.84
CA GLN K 28 1.66 -43.82 22.17
C GLN K 28 0.44 -43.07 22.69
N GLY K 29 0.58 -42.34 23.80
CA GLY K 29 -0.47 -41.44 24.25
C GLY K 29 -0.73 -40.31 23.28
N ILE K 30 0.26 -39.95 22.47
CA ILE K 30 0.02 -39.08 21.33
C ILE K 30 -0.59 -39.97 20.25
N THR K 31 -1.91 -40.03 20.23
CA THR K 31 -2.62 -41.01 19.43
C THR K 31 -2.55 -40.68 17.95
N LYS K 32 -2.81 -41.70 17.13
CA LYS K 32 -2.80 -41.53 15.68
C LYS K 32 -3.80 -40.49 15.17
N PRO K 33 -5.08 -40.46 15.59
CA PRO K 33 -5.94 -39.36 15.13
C PRO K 33 -5.49 -37.98 15.56
N ALA K 34 -4.78 -37.87 16.68
CA ALA K 34 -4.18 -36.59 17.06
C ALA K 34 -3.11 -36.18 16.06
N ILE K 35 -2.33 -37.15 15.58
CA ILE K 35 -1.35 -36.90 14.53
C ILE K 35 -2.05 -36.49 13.24
N ARG K 36 -3.19 -37.13 12.95
CA ARG K 36 -3.98 -36.73 11.78
C ARG K 36 -4.49 -35.30 11.91
N ARG K 37 -4.93 -34.92 13.12
CA ARG K 37 -5.37 -33.55 13.36
C ARG K 37 -4.24 -32.57 13.13
N LEU K 38 -3.06 -32.88 13.64
CA LEU K 38 -1.89 -32.03 13.44
C LEU K 38 -1.54 -31.92 11.96
N ALA K 39 -1.68 -33.02 11.23
CA ALA K 39 -1.39 -33.02 9.80
C ALA K 39 -2.41 -32.19 9.02
N ARG K 40 -3.69 -32.27 9.41
CA ARG K 40 -4.70 -31.48 8.72
C ARG K 40 -4.55 -30.00 9.02
N ARG K 41 -4.11 -29.66 10.23
CA ARG K 41 -3.69 -28.28 10.47
C ARG K 41 -2.43 -27.95 9.70
N GLY K 42 -1.57 -28.93 9.48
CA GLY K 42 -0.41 -28.73 8.65
C GLY K 42 -0.67 -28.77 7.16
N GLY K 43 -1.92 -28.94 6.75
CA GLY K 43 -2.25 -28.95 5.35
C GLY K 43 -1.94 -30.26 4.65
N VAL K 44 -1.79 -31.34 5.39
CA VAL K 44 -1.53 -32.63 4.79
C VAL K 44 -2.85 -33.22 4.31
N LYS K 45 -2.89 -33.63 3.04
CA LYS K 45 -4.11 -34.23 2.52
C LYS K 45 -4.14 -35.73 2.75
N ARG K 46 -3.03 -36.44 2.52
CA ARG K 46 -2.97 -37.87 2.77
C ARG K 46 -1.74 -38.20 3.59
N ILE K 47 -1.92 -39.12 4.54
CA ILE K 47 -0.89 -39.51 5.49
C ILE K 47 -0.60 -40.98 5.26
N SER K 48 0.67 -41.33 5.14
CA SER K 48 0.99 -42.75 5.07
C SER K 48 0.86 -43.38 6.46
N GLY K 49 0.71 -44.71 6.47
CA GLY K 49 0.60 -45.42 7.73
C GLY K 49 1.89 -45.47 8.52
N LEU K 50 3.03 -45.34 7.85
CA LEU K 50 4.33 -45.38 8.50
C LEU K 50 4.71 -44.05 9.14
N ILE K 51 3.87 -43.04 8.97
CA ILE K 51 4.23 -41.69 9.36
C ILE K 51 4.23 -41.55 10.89
N TYR K 52 3.23 -42.16 11.53
CA TYR K 52 2.84 -41.79 12.90
C TYR K 52 3.93 -42.11 13.91
N GLU K 53 4.52 -43.30 13.83
CA GLU K 53 5.56 -43.66 14.79
C GLU K 53 6.84 -42.87 14.56
N GLU K 54 7.13 -42.53 13.30
CA GLU K 54 8.27 -41.67 13.00
C GLU K 54 8.08 -40.30 13.61
N THR K 55 6.90 -39.72 13.42
CA THR K 55 6.61 -38.42 14.01
C THR K 55 6.62 -38.49 15.53
N ARG K 56 6.21 -39.63 16.09
CA ARG K 56 6.33 -39.84 17.52
C ARG K 56 7.77 -39.76 17.96
N GLY K 57 8.67 -40.42 17.22
CA GLY K 57 10.09 -40.35 17.53
C GLY K 57 10.65 -38.95 17.35
N VAL K 58 10.17 -38.23 16.33
CA VAL K 58 10.68 -36.89 16.06
C VAL K 58 10.26 -35.93 17.16
N LEU K 59 8.97 -35.95 17.52
CA LEU K 59 8.49 -35.09 18.59
C LEU K 59 9.12 -35.49 19.91
N LYS K 60 9.39 -36.78 20.08
CA LYS K 60 10.15 -37.26 21.23
C LYS K 60 11.48 -36.55 21.30
N VAL K 61 12.34 -36.74 20.29
CA VAL K 61 13.71 -36.22 20.28
C VAL K 61 13.71 -34.72 20.53
N PHE K 62 12.78 -34.01 19.87
CA PHE K 62 12.59 -32.59 20.11
C PHE K 62 12.25 -32.32 21.57
N LEU K 63 11.37 -33.14 22.16
CA LEU K 63 10.93 -32.81 23.50
C LEU K 63 11.99 -33.14 24.54
N GLU K 64 12.77 -34.23 24.39
CA GLU K 64 13.79 -34.40 25.43
C GLU K 64 14.91 -33.40 25.26
N ASN K 65 15.17 -32.90 24.04
CA ASN K 65 16.09 -31.78 23.92
C ASN K 65 15.62 -30.58 24.72
N VAL K 66 14.37 -30.17 24.49
CA VAL K 66 13.91 -28.95 25.14
C VAL K 66 13.71 -29.15 26.64
N ILE K 67 13.30 -30.35 27.09
CA ILE K 67 13.10 -30.49 28.51
C ILE K 67 14.39 -30.82 29.22
N ARG K 68 15.40 -31.35 28.51
CA ARG K 68 16.74 -31.42 29.08
C ARG K 68 17.25 -30.03 29.38
N ASP K 69 17.03 -29.10 28.43
CA ASP K 69 17.36 -27.71 28.68
C ASP K 69 16.56 -27.16 29.85
N ALA K 70 15.26 -27.48 29.90
CA ALA K 70 14.41 -26.98 30.97
C ALA K 70 14.82 -27.51 32.33
N VAL K 71 15.17 -28.80 32.38
CA VAL K 71 15.65 -29.42 33.61
C VAL K 71 16.95 -28.76 34.07
N THR K 72 17.84 -28.47 33.11
CA THR K 72 19.10 -27.84 33.45
C THR K 72 18.87 -26.43 34.00
N TYR K 73 17.94 -25.69 33.39
CA TYR K 73 17.55 -24.40 33.94
C TYR K 73 16.98 -24.54 35.35
N THR K 74 16.13 -25.54 35.55
CA THR K 74 15.42 -25.67 36.82
C THR K 74 16.36 -26.06 37.94
N GLU K 75 17.28 -26.99 37.68
CA GLU K 75 18.29 -27.31 38.67
C GLU K 75 19.24 -26.14 38.89
N HIS K 76 19.48 -25.34 37.86
CA HIS K 76 20.28 -24.15 38.08
C HIS K 76 19.51 -23.15 38.95
N ALA K 77 18.19 -23.18 38.88
CA ALA K 77 17.36 -22.36 39.75
C ALA K 77 17.19 -22.96 41.13
N LYS K 78 17.83 -24.11 41.41
CA LYS K 78 17.72 -24.84 42.67
C LYS K 78 16.28 -25.18 42.99
N ARG K 79 15.53 -25.55 41.96
CA ARG K 79 14.11 -25.86 42.06
C ARG K 79 13.83 -27.26 41.54
N LYS K 80 12.77 -27.88 42.05
CA LYS K 80 12.19 -29.05 41.43
C LYS K 80 10.89 -28.73 40.71
N THR K 81 10.45 -27.48 40.79
CA THR K 81 9.23 -27.04 40.14
C THR K 81 9.60 -26.42 38.80
N VAL K 82 9.06 -26.97 37.73
CA VAL K 82 9.35 -26.48 36.39
C VAL K 82 8.46 -25.29 36.09
N THR K 83 9.08 -24.16 35.76
CA THR K 83 8.34 -22.96 35.41
C THR K 83 8.32 -22.77 33.90
N ALA K 84 7.24 -22.13 33.42
CA ALA K 84 7.14 -21.83 32.00
C ALA K 84 8.16 -20.78 31.58
N MET K 85 8.65 -19.99 32.53
CA MET K 85 9.76 -19.08 32.26
C MET K 85 11.00 -19.85 31.82
N ASP K 86 11.29 -20.96 32.50
CA ASP K 86 12.38 -21.84 32.10
C ASP K 86 12.10 -22.44 30.74
N VAL K 87 10.84 -22.77 30.47
CA VAL K 87 10.45 -23.36 29.19
C VAL K 87 10.69 -22.38 28.05
N VAL K 88 10.32 -21.12 28.23
CA VAL K 88 10.48 -20.18 27.13
C VAL K 88 11.95 -19.82 26.98
N TYR K 89 12.73 -19.87 28.06
CA TYR K 89 14.19 -19.76 27.92
C TYR K 89 14.72 -20.88 27.03
N ALA K 90 14.25 -22.11 27.28
CA ALA K 90 14.73 -23.26 26.51
C ALA K 90 14.32 -23.16 25.05
N LEU K 91 13.08 -22.75 24.78
CA LEU K 91 12.62 -22.65 23.40
C LEU K 91 13.33 -21.54 22.64
N LYS K 92 13.62 -20.41 23.29
CA LYS K 92 14.36 -19.42 22.53
C LYS K 92 15.83 -19.79 22.42
N ARG K 93 16.33 -20.68 23.29
CA ARG K 93 17.72 -21.08 23.17
C ARG K 93 17.93 -21.97 21.95
N GLN K 94 16.92 -22.77 21.60
CA GLN K 94 16.96 -23.58 20.39
C GLN K 94 16.43 -22.84 19.17
N GLY K 95 16.29 -21.52 19.24
CA GLY K 95 15.82 -20.74 18.11
C GLY K 95 14.39 -21.01 17.73
N ARG K 96 13.54 -21.32 18.69
CA ARG K 96 12.13 -21.60 18.47
C ARG K 96 11.28 -20.83 19.46
N THR K 97 11.51 -19.51 19.50
CA THR K 97 10.96 -18.64 20.55
C THR K 97 9.45 -18.61 20.54
N LEU K 98 8.86 -18.75 21.72
CA LEU K 98 7.42 -18.77 21.92
C LEU K 98 6.98 -17.54 22.70
N TYR K 99 5.90 -16.92 22.24
CA TYR K 99 5.33 -15.76 22.92
C TYR K 99 4.15 -16.18 23.78
N GLY K 100 3.91 -15.43 24.84
CA GLY K 100 2.71 -15.56 25.62
C GLY K 100 2.85 -16.25 26.96
N PHE K 101 4.05 -16.32 27.53
CA PHE K 101 4.24 -16.96 28.82
C PHE K 101 5.13 -16.11 29.72
N GLY K 102 4.86 -14.82 29.77
CA GLY K 102 5.51 -13.96 30.75
C GLY K 102 6.94 -13.60 30.44
N GLY K 103 7.44 -13.95 29.25
CA GLY K 103 8.80 -13.65 28.89
C GLY K 103 9.07 -12.16 28.70
N ALA L 28 58.56 -6.73 50.24
CA ALA L 28 58.22 -7.93 50.97
C ALA L 28 57.07 -8.67 50.30
N ARG L 29 56.84 -8.34 49.03
CA ARG L 29 55.75 -8.96 48.29
C ARG L 29 56.08 -10.41 47.94
N ALA L 30 55.03 -11.21 47.79
CA ALA L 30 55.19 -12.58 47.35
C ALA L 30 55.60 -12.63 45.89
N LYS L 31 56.20 -13.75 45.50
CA LYS L 31 56.59 -13.94 44.11
C LYS L 31 55.35 -14.11 43.24
N ALA L 32 55.36 -13.41 42.10
CA ALA L 32 54.19 -13.32 41.22
C ALA L 32 53.97 -14.67 40.56
N LYS L 33 52.95 -15.39 41.01
CA LYS L 33 52.63 -16.70 40.49
C LYS L 33 51.37 -16.60 39.62
N THR L 34 51.22 -17.55 38.70
CA THR L 34 50.21 -17.45 37.66
C THR L 34 49.05 -18.39 37.96
N ARG L 35 47.84 -17.90 37.68
CA ARG L 35 46.64 -18.63 38.03
C ARG L 35 46.40 -19.82 37.11
N SER L 36 46.87 -19.74 35.86
CA SER L 36 46.77 -20.90 34.97
C SER L 36 47.58 -22.07 35.49
N SER L 37 48.78 -21.79 36.02
CA SER L 37 49.55 -22.81 36.68
C SER L 37 48.89 -23.25 37.98
N ARG L 38 48.20 -22.34 38.66
CA ARG L 38 47.46 -22.69 39.87
C ARG L 38 46.36 -23.70 39.57
N ALA L 39 45.72 -23.55 38.42
CA ALA L 39 44.78 -24.54 37.94
C ALA L 39 45.42 -25.57 37.03
N GLY L 40 46.74 -25.50 36.84
CA GLY L 40 47.44 -26.42 35.96
C GLY L 40 47.01 -26.29 34.51
N LEU L 41 46.75 -25.08 34.06
CA LEU L 41 46.18 -24.84 32.75
C LEU L 41 47.13 -24.04 31.88
N GLN L 42 46.88 -24.10 30.57
CA GLN L 42 47.68 -23.36 29.61
C GLN L 42 47.00 -22.08 29.14
N PHE L 43 45.67 -22.05 29.11
CA PHE L 43 44.96 -20.85 28.70
C PHE L 43 45.08 -19.75 29.76
N PRO L 44 45.16 -18.49 29.36
CA PRO L 44 45.40 -17.42 30.33
C PRO L 44 44.16 -17.13 31.17
N VAL L 45 44.26 -17.41 32.46
CA VAL L 45 43.16 -17.12 33.38
C VAL L 45 42.95 -15.63 33.51
N GLY L 46 44.04 -14.86 33.58
CA GLY L 46 43.92 -13.41 33.73
C GLY L 46 43.30 -12.74 32.52
N ARG L 47 43.67 -13.19 31.32
CA ARG L 47 43.10 -12.61 30.11
C ARG L 47 41.60 -12.89 30.00
N VAL L 48 41.20 -14.14 30.27
CA VAL L 48 39.78 -14.50 30.21
C VAL L 48 39.00 -13.77 31.28
N HIS L 49 39.59 -13.63 32.46
CA HIS L 49 38.97 -12.88 33.55
C HIS L 49 38.79 -11.42 33.17
N ARG L 50 39.80 -10.80 32.56
CA ARG L 50 39.69 -9.42 32.11
C ARG L 50 38.64 -9.28 31.02
N LEU L 51 38.57 -10.25 30.11
CA LEU L 51 37.58 -10.20 29.03
C LEU L 51 36.17 -10.31 29.57
N LEU L 52 35.93 -11.14 30.59
CA LEU L 52 34.60 -11.16 31.20
C LEU L 52 34.34 -9.90 32.02
N ARG L 53 35.39 -9.31 32.61
CA ARG L 53 35.20 -8.08 33.36
C ARG L 53 34.78 -6.92 32.46
N LYS L 54 35.39 -6.81 31.28
CA LYS L 54 35.02 -5.75 30.35
C LYS L 54 34.08 -6.21 29.24
N GLY L 55 33.73 -7.48 29.17
CA GLY L 55 32.73 -7.91 28.22
C GLY L 55 31.31 -7.65 28.62
N ASN L 56 31.12 -7.11 29.83
CA ASN L 56 29.83 -6.67 30.36
C ASN L 56 28.82 -7.84 30.37
N TYR L 57 29.11 -8.81 31.24
CA TYR L 57 28.22 -9.93 31.46
C TYR L 57 27.61 -9.95 32.85
N SER L 58 28.34 -9.47 33.85
CA SER L 58 27.79 -9.08 35.15
C SER L 58 28.80 -8.15 35.80
N GLU L 59 28.35 -7.46 36.84
CA GLU L 59 29.24 -6.49 37.48
C GLU L 59 30.19 -7.14 38.47
N ARG L 60 29.91 -8.38 38.90
CA ARG L 60 30.87 -9.21 39.61
C ARG L 60 30.99 -10.54 38.91
N VAL L 61 32.12 -11.21 39.12
CA VAL L 61 32.32 -12.58 38.66
C VAL L 61 33.00 -13.36 39.77
N GLY L 62 32.59 -14.62 39.94
CA GLY L 62 33.26 -15.50 40.87
C GLY L 62 34.68 -15.80 40.42
N ALA L 63 35.54 -16.06 41.40
CA ALA L 63 36.96 -16.28 41.12
C ALA L 63 37.18 -17.53 40.29
N GLY L 64 36.47 -18.60 40.60
CA GLY L 64 36.66 -19.85 39.89
C GLY L 64 35.97 -19.93 38.55
N ALA L 65 35.10 -18.98 38.24
CA ALA L 65 34.39 -19.00 36.96
C ALA L 65 35.31 -18.87 35.75
N PRO L 66 36.25 -17.90 35.67
CA PRO L 66 37.15 -17.91 34.50
C PRO L 66 38.08 -19.10 34.50
N VAL L 67 38.40 -19.64 35.67
CA VAL L 67 39.19 -20.87 35.75
C VAL L 67 38.45 -22.01 35.08
N TYR L 68 37.16 -22.15 35.39
CA TYR L 68 36.34 -23.19 34.77
C TYR L 68 36.23 -22.97 33.28
N LEU L 69 36.04 -21.71 32.87
CA LEU L 69 35.91 -21.40 31.46
C LEU L 69 37.19 -21.73 30.70
N ALA L 70 38.34 -21.36 31.26
CA ALA L 70 39.61 -21.64 30.63
C ALA L 70 39.86 -23.13 30.53
N ALA L 71 39.48 -23.88 31.56
CA ALA L 71 39.65 -25.33 31.52
C ALA L 71 38.79 -25.96 30.43
N VAL L 72 37.54 -25.50 30.31
CA VAL L 72 36.64 -26.07 29.30
C VAL L 72 37.16 -25.76 27.90
N LEU L 73 37.57 -24.51 27.69
CA LEU L 73 38.11 -24.12 26.39
C LEU L 73 39.39 -24.87 26.08
N GLU L 74 40.23 -25.09 27.09
CA GLU L 74 41.46 -25.84 26.88
C GLU L 74 41.16 -27.28 26.50
N TYR L 75 40.15 -27.88 27.13
CA TYR L 75 39.77 -29.24 26.76
C TYR L 75 39.25 -29.30 25.32
N LEU L 76 38.37 -28.37 24.94
CA LEU L 76 37.84 -28.36 23.58
C LEU L 76 38.92 -28.15 22.54
N THR L 77 39.82 -27.20 22.80
CA THR L 77 40.91 -26.94 21.86
C THR L 77 41.86 -28.12 21.79
N ALA L 78 42.12 -28.77 22.92
CA ALA L 78 43.02 -29.92 22.93
C ALA L 78 42.45 -31.06 22.11
N GLU L 79 41.16 -31.36 22.28
CA GLU L 79 40.60 -32.47 21.54
C GLU L 79 40.48 -32.15 20.05
N ILE L 80 40.16 -30.90 19.70
CA ILE L 80 40.06 -30.60 18.28
C ILE L 80 41.45 -30.56 17.64
N LEU L 81 42.47 -30.14 18.39
CA LEU L 81 43.82 -30.18 17.87
C LEU L 81 44.31 -31.61 17.72
N GLU L 82 43.91 -32.50 18.62
CA GLU L 82 44.28 -33.90 18.49
C GLU L 82 43.62 -34.51 17.25
N LEU L 83 42.35 -34.18 17.01
CA LEU L 83 41.68 -34.64 15.81
C LEU L 83 42.35 -34.09 14.56
N ALA L 84 42.76 -32.82 14.61
CA ALA L 84 43.44 -32.21 13.48
C ALA L 84 44.79 -32.87 13.22
N GLY L 85 45.52 -33.20 14.28
CA GLY L 85 46.80 -33.87 14.10
C GLY L 85 46.63 -35.27 13.53
N ASN L 86 45.59 -35.98 13.96
CA ASN L 86 45.30 -37.28 13.37
C ASN L 86 44.94 -37.15 11.91
N ALA L 87 44.16 -36.13 11.55
CA ALA L 87 43.79 -35.92 10.16
C ALA L 87 45.00 -35.57 9.31
N ALA L 88 45.91 -34.75 9.83
CA ALA L 88 47.12 -34.39 9.10
C ALA L 88 48.03 -35.60 8.94
N ARG L 89 48.07 -36.47 9.95
CA ARG L 89 48.81 -37.72 9.85
C ARG L 89 48.22 -38.63 8.79
N ASP L 90 46.88 -38.64 8.68
CA ASP L 90 46.22 -39.44 7.65
C ASP L 90 46.59 -38.96 6.26
N ASN L 91 46.71 -37.65 6.07
CA ASN L 91 47.17 -37.09 4.82
C ASN L 91 48.68 -36.86 4.82
N LYS L 92 49.40 -37.52 5.73
CA LYS L 92 50.87 -37.62 5.80
C LYS L 92 51.58 -36.27 5.74
N LYS L 93 50.89 -35.20 6.17
CA LYS L 93 51.48 -33.88 6.25
C LYS L 93 51.76 -33.55 7.72
N THR L 94 52.90 -32.92 7.95
CA THR L 94 53.36 -32.66 9.31
C THR L 94 52.88 -31.32 9.85
N ARG L 95 51.94 -30.66 9.20
CA ARG L 95 51.48 -29.35 9.62
C ARG L 95 49.97 -29.27 9.50
N ILE L 96 49.35 -28.57 10.45
CA ILE L 96 47.89 -28.50 10.51
C ILE L 96 47.37 -27.62 9.39
N ILE L 97 46.43 -28.17 8.62
CA ILE L 97 45.81 -27.46 7.50
C ILE L 97 44.33 -27.34 7.84
N PRO L 98 43.67 -26.23 7.49
CA PRO L 98 42.22 -26.13 7.71
C PRO L 98 41.38 -27.14 6.98
N ARG L 99 41.90 -27.76 5.91
CA ARG L 99 41.21 -28.92 5.34
C ARG L 99 41.13 -30.05 6.36
N HIS L 100 42.21 -30.28 7.10
CA HIS L 100 42.18 -31.26 8.18
C HIS L 100 41.19 -30.84 9.26
N LEU L 101 41.06 -29.55 9.51
CA LEU L 101 40.05 -29.06 10.45
C LEU L 101 38.65 -29.38 9.98
N GLN L 102 38.38 -29.18 8.68
CA GLN L 102 37.07 -29.53 8.13
C GLN L 102 36.80 -31.03 8.25
N LEU L 103 37.80 -31.84 7.92
CA LEU L 103 37.63 -33.29 7.98
C LEU L 103 37.44 -33.76 9.41
N ALA L 104 38.05 -33.07 10.37
CA ALA L 104 37.87 -33.43 11.77
C ALA L 104 36.48 -33.02 12.28
N ILE L 105 36.09 -31.77 12.03
CA ILE L 105 34.86 -31.23 12.61
C ILE L 105 33.64 -31.89 11.97
N ARG L 106 33.63 -32.05 10.66
CA ARG L 106 32.48 -32.65 10.00
C ARG L 106 32.36 -34.15 10.26
N ASN L 107 33.36 -34.79 10.86
CA ASN L 107 33.28 -36.21 11.13
C ASN L 107 33.05 -36.54 12.61
N ASP L 108 32.97 -35.55 13.48
CA ASP L 108 32.62 -35.77 14.88
C ASP L 108 31.22 -35.25 15.13
N GLU L 109 30.36 -36.11 15.68
CA GLU L 109 28.93 -35.81 15.74
C GLU L 109 28.62 -34.70 16.74
N GLU L 110 29.21 -34.75 17.93
CA GLU L 110 28.93 -33.69 18.90
C GLU L 110 29.58 -32.38 18.51
N LEU L 111 30.76 -32.43 17.87
CA LEU L 111 31.33 -31.20 17.33
C LEU L 111 30.51 -30.66 16.17
N ASN L 112 30.03 -31.54 15.29
CA ASN L 112 29.21 -31.09 14.16
C ASN L 112 27.90 -30.51 14.63
N LYS L 113 27.28 -31.10 15.65
CA LYS L 113 26.08 -30.50 16.22
C LYS L 113 26.40 -29.21 16.94
N LEU L 114 27.60 -29.10 17.52
CA LEU L 114 28.03 -27.82 18.05
C LEU L 114 28.24 -26.80 16.94
N LEU L 115 28.79 -27.24 15.81
CA LEU L 115 29.23 -26.34 14.75
C LEU L 115 28.54 -26.63 13.42
N GLY L 116 27.23 -26.88 13.48
CA GLY L 116 26.49 -27.10 12.23
C GLY L 116 26.36 -25.86 11.38
N ARG L 117 26.14 -24.71 12.02
CA ARG L 117 25.93 -23.45 11.32
C ARG L 117 27.18 -22.59 11.30
N VAL L 118 28.36 -23.22 11.30
CA VAL L 118 29.63 -22.51 11.24
C VAL L 118 30.24 -22.75 9.87
N THR L 119 30.56 -21.66 9.17
CA THR L 119 31.19 -21.71 7.87
C THR L 119 32.69 -21.59 8.05
N ILE L 120 33.44 -22.39 7.31
CA ILE L 120 34.89 -22.49 7.49
C ILE L 120 35.60 -21.96 6.24
N ALA L 121 36.65 -21.19 6.46
CA ALA L 121 37.47 -20.70 5.36
C ALA L 121 38.41 -21.81 4.89
N GLN L 122 38.47 -22.01 3.57
CA GLN L 122 39.32 -23.00 2.91
C GLN L 122 39.04 -24.43 3.36
N GLY L 123 37.85 -24.69 3.92
CA GLY L 123 37.58 -26.03 4.44
C GLY L 123 37.18 -27.02 3.37
N GLY L 124 36.55 -26.55 2.30
CA GLY L 124 35.98 -27.48 1.35
C GLY L 124 34.78 -28.18 1.96
N VAL L 125 34.54 -29.42 1.51
CA VAL L 125 33.46 -30.24 2.00
C VAL L 125 34.00 -31.64 2.27
N LEU L 126 33.18 -32.46 2.91
CA LEU L 126 33.51 -33.87 3.01
C LEU L 126 33.43 -34.52 1.63
N PRO L 127 34.26 -35.50 1.36
CA PRO L 127 34.05 -36.30 0.15
C PRO L 127 32.79 -37.12 0.28
N ASN L 128 31.73 -36.69 -0.38
CA ASN L 128 30.42 -37.31 -0.25
C ASN L 128 29.80 -37.45 -1.62
N ILE L 129 29.51 -38.69 -2.00
CA ILE L 129 28.79 -39.00 -3.23
C ILE L 129 27.61 -39.88 -2.86
N GLN L 130 26.42 -39.47 -3.30
CA GLN L 130 25.25 -40.26 -3.02
C GLN L 130 25.27 -41.54 -3.84
N ALA L 131 24.58 -42.56 -3.34
CA ALA L 131 24.65 -43.90 -3.94
C ALA L 131 24.07 -43.90 -5.34
N VAL L 132 23.01 -43.13 -5.59
CA VAL L 132 22.44 -43.07 -6.92
C VAL L 132 23.36 -42.34 -7.89
N LEU L 133 24.25 -41.48 -7.38
CA LEU L 133 25.17 -40.78 -8.27
C LEU L 133 26.21 -41.73 -8.85
N LEU L 134 26.57 -42.76 -8.10
CA LEU L 134 27.56 -43.71 -8.59
C LEU L 134 26.94 -44.61 -9.66
N PRO L 135 27.73 -45.02 -10.64
CA PRO L 135 27.20 -45.92 -11.69
C PRO L 135 27.01 -47.34 -11.19
N LYS L 136 26.42 -48.19 -12.02
CA LYS L 136 26.18 -49.58 -11.67
C LYS L 136 27.49 -50.38 -11.64
N LYS M 31 56.81 0.94 15.98
CA LYS M 31 56.11 0.21 17.03
C LYS M 31 54.64 0.59 17.10
N ARG M 32 53.78 -0.42 17.21
CA ARG M 32 52.34 -0.25 17.20
C ARG M 32 51.78 -0.69 18.54
N SER M 33 50.46 -0.61 18.68
CA SER M 33 49.79 -1.07 19.88
C SER M 33 49.75 -2.59 19.92
N ARG M 34 49.78 -3.13 21.14
CA ARG M 34 49.74 -4.58 21.31
C ARG M 34 48.37 -5.13 20.93
N LYS M 35 48.36 -6.20 20.14
CA LYS M 35 47.14 -6.92 19.77
C LYS M 35 47.27 -8.32 20.33
N GLU M 36 46.47 -8.65 21.34
CA GLU M 36 46.57 -9.95 21.99
C GLU M 36 46.06 -11.06 21.08
N SER M 37 46.69 -12.22 21.19
CA SER M 37 46.38 -13.35 20.35
C SER M 37 46.38 -14.61 21.19
N TYR M 38 45.92 -15.71 20.59
CA TYR M 38 45.84 -17.00 21.26
C TYR M 38 46.92 -17.95 20.80
N SER M 39 47.95 -17.42 20.13
CA SER M 39 48.89 -18.26 19.40
C SER M 39 49.72 -19.12 20.33
N VAL M 40 50.23 -18.53 21.40
CA VAL M 40 51.15 -19.24 22.29
C VAL M 40 50.42 -20.35 23.05
N TYR M 41 49.17 -20.10 23.43
CA TYR M 41 48.45 -21.06 24.26
C TYR M 41 48.04 -22.27 23.44
N VAL M 42 47.52 -22.02 22.24
CA VAL M 42 47.15 -23.10 21.35
C VAL M 42 48.38 -23.85 20.87
N TYR M 43 49.50 -23.16 20.69
CA TYR M 43 50.73 -23.85 20.33
C TYR M 43 51.21 -24.76 21.45
N LYS M 44 51.10 -24.31 22.71
CA LYS M 44 51.48 -25.15 23.84
C LYS M 44 50.59 -26.37 23.95
N VAL M 45 49.27 -26.19 23.81
CA VAL M 45 48.40 -27.35 23.96
C VAL M 45 48.54 -28.27 22.76
N LEU M 46 48.84 -27.73 21.58
CA LEU M 46 49.13 -28.55 20.42
C LEU M 46 50.36 -29.39 20.64
N LYS M 47 51.42 -28.79 21.20
CA LYS M 47 52.63 -29.55 21.43
C LYS M 47 52.46 -30.59 22.53
N GLN M 48 51.62 -30.31 23.54
CA GLN M 48 51.44 -31.34 24.55
C GLN M 48 50.44 -32.41 24.10
N VAL M 49 49.68 -32.18 23.03
CA VAL M 49 48.92 -33.26 22.43
C VAL M 49 49.59 -33.82 21.17
N HIS M 50 50.44 -33.06 20.50
CA HIS M 50 51.17 -33.53 19.32
C HIS M 50 52.46 -32.76 19.22
N PRO M 51 53.54 -33.29 19.79
CA PRO M 51 54.86 -32.67 19.58
C PRO M 51 55.31 -32.71 18.13
N ASP M 52 54.83 -33.69 17.37
CA ASP M 52 55.39 -33.98 16.06
C ASP M 52 54.97 -32.99 15.00
N THR M 53 53.79 -32.40 15.11
CA THR M 53 53.21 -31.68 13.99
C THR M 53 53.47 -30.18 14.08
N GLY M 54 53.21 -29.51 12.95
CA GLY M 54 53.31 -28.07 12.85
C GLY M 54 51.95 -27.43 12.66
N ILE M 55 51.97 -26.11 12.52
CA ILE M 55 50.74 -25.32 12.46
C ILE M 55 50.85 -24.32 11.31
N SER M 56 49.75 -24.10 10.62
CA SER M 56 49.63 -23.02 9.66
C SER M 56 48.91 -21.86 10.33
N SER M 57 49.41 -20.64 10.09
CA SER M 57 48.96 -19.49 10.87
C SER M 57 47.53 -19.09 10.55
N LYS M 58 47.03 -19.47 9.37
CA LYS M 58 45.64 -19.15 9.09
C LYS M 58 44.69 -20.19 9.66
N ALA M 59 45.16 -21.43 9.84
CA ALA M 59 44.46 -22.32 10.75
C ALA M 59 44.49 -21.77 12.18
N MET M 60 45.56 -21.07 12.55
CA MET M 60 45.58 -20.39 13.84
C MET M 60 44.58 -19.24 13.90
N GLY M 61 44.38 -18.52 12.80
CA GLY M 61 43.31 -17.54 12.75
C GLY M 61 41.94 -18.17 12.95
N ILE M 62 41.75 -19.36 12.37
CA ILE M 62 40.55 -20.15 12.62
C ILE M 62 40.44 -20.51 14.09
N MET M 63 41.57 -20.85 14.74
CA MET M 63 41.55 -21.17 16.16
C MET M 63 41.15 -19.96 17.00
N ASN M 64 41.65 -18.77 16.63
CA ASN M 64 41.25 -17.56 17.32
C ASN M 64 39.75 -17.32 17.16
N SER M 65 39.24 -17.49 15.94
CA SER M 65 37.81 -17.34 15.69
C SER M 65 36.99 -18.35 16.48
N PHE M 66 37.49 -19.58 16.56
CA PHE M 66 36.81 -20.65 17.28
C PHE M 66 36.72 -20.35 18.77
N VAL M 67 37.87 -20.01 19.38
CA VAL M 67 37.91 -19.77 20.81
C VAL M 67 37.09 -18.55 21.16
N ASN M 68 37.19 -17.50 20.36
CA ASN M 68 36.39 -16.30 20.60
C ASN M 68 34.91 -16.60 20.42
N ASP M 69 34.56 -17.47 19.48
CA ASP M 69 33.17 -17.79 19.20
C ASP M 69 32.50 -18.50 20.37
N ILE M 70 33.06 -19.64 20.78
CA ILE M 70 32.45 -20.38 21.87
C ILE M 70 32.65 -19.66 23.21
N PHE M 71 33.75 -18.92 23.35
CA PHE M 71 33.93 -18.06 24.51
C PHE M 71 32.81 -17.04 24.64
N GLU M 72 32.46 -16.38 23.53
CA GLU M 72 31.35 -15.45 23.52
C GLU M 72 30.03 -16.15 23.79
N ARG M 73 29.86 -17.36 23.22
CA ARG M 73 28.62 -18.11 23.42
C ARG M 73 28.39 -18.40 24.89
N ILE M 74 29.40 -18.93 25.56
CA ILE M 74 29.27 -19.29 26.98
C ILE M 74 29.15 -18.03 27.84
N ALA M 75 29.91 -16.98 27.53
CA ALA M 75 29.84 -15.77 28.34
C ALA M 75 28.47 -15.11 28.24
N GLY M 76 27.91 -15.05 27.03
CA GLY M 76 26.57 -14.50 26.87
C GLY M 76 25.50 -15.35 27.52
N GLU M 77 25.65 -16.68 27.44
CA GLU M 77 24.69 -17.56 28.09
C GLU M 77 24.74 -17.40 29.61
N ALA M 78 25.95 -17.27 30.17
CA ALA M 78 26.09 -17.07 31.60
C ALA M 78 25.49 -15.73 32.03
N SER M 79 25.69 -14.69 31.21
CA SER M 79 25.08 -13.40 31.52
C SER M 79 23.56 -13.48 31.50
N ARG M 80 23.01 -14.23 30.53
CA ARG M 80 21.57 -14.46 30.49
C ARG M 80 21.08 -15.19 31.74
N LEU M 81 21.81 -16.21 32.17
CA LEU M 81 21.39 -16.98 33.33
C LEU M 81 21.44 -16.14 34.61
N ALA M 82 22.50 -15.33 34.77
CA ALA M 82 22.57 -14.45 35.93
C ALA M 82 21.48 -13.39 35.88
N HIS M 83 21.10 -12.97 34.68
CA HIS M 83 19.92 -12.13 34.53
C HIS M 83 18.66 -12.84 34.98
N TYR M 84 18.55 -14.14 34.70
CA TYR M 84 17.32 -14.85 35.02
C TYR M 84 17.19 -15.07 36.51
N ASN M 85 18.30 -15.34 37.19
CA ASN M 85 18.32 -15.56 38.62
C ASN M 85 18.61 -14.29 39.40
N LYS M 86 18.68 -13.15 38.70
CA LYS M 86 18.88 -11.84 39.31
C LYS M 86 20.19 -11.79 40.09
N ARG M 87 21.20 -12.48 39.56
CA ARG M 87 22.48 -12.61 40.22
C ARG M 87 23.48 -11.64 39.60
N SER M 88 24.12 -10.83 40.44
CA SER M 88 25.11 -9.87 40.02
C SER M 88 26.49 -10.48 39.82
N THR M 89 26.67 -11.75 40.16
CA THR M 89 27.97 -12.40 40.13
C THR M 89 27.90 -13.66 39.31
N ILE M 90 28.82 -13.80 38.35
CA ILE M 90 28.95 -15.03 37.58
C ILE M 90 29.88 -15.96 38.33
N THR M 91 29.36 -17.12 38.74
CA THR M 91 30.18 -18.16 39.32
C THR M 91 30.35 -19.28 38.31
N SER M 92 31.24 -20.21 38.65
CA SER M 92 31.50 -21.35 37.78
C SER M 92 30.31 -22.29 37.67
N ARG M 93 29.38 -22.22 38.64
CA ARG M 93 28.13 -22.97 38.54
C ARG M 93 27.34 -22.55 37.31
N GLU M 94 27.30 -21.24 37.05
CA GLU M 94 26.60 -20.71 35.88
C GLU M 94 27.22 -21.21 34.60
N ILE M 95 28.55 -21.15 34.51
CA ILE M 95 29.23 -21.58 33.30
C ILE M 95 29.08 -23.07 33.10
N GLN M 96 29.08 -23.82 34.20
CA GLN M 96 28.91 -25.27 34.14
C GLN M 96 27.52 -25.63 33.64
N THR M 97 26.51 -24.88 34.10
CA THR M 97 25.17 -25.00 33.55
C THR M 97 25.15 -24.69 32.06
N ALA M 98 25.84 -23.62 31.65
CA ALA M 98 25.90 -23.26 30.24
C ALA M 98 26.61 -24.33 29.41
N VAL M 99 27.56 -25.04 30.02
CA VAL M 99 28.20 -26.16 29.36
C VAL M 99 27.18 -27.27 29.11
N ARG M 100 26.30 -27.54 30.09
CA ARG M 100 25.19 -28.45 29.80
C ARG M 100 24.28 -27.94 28.68
N LEU M 101 24.00 -26.63 28.66
CA LEU M 101 23.10 -26.12 27.61
C LEU M 101 23.72 -26.23 26.23
N LEU M 102 24.96 -25.78 26.05
CA LEU M 102 25.49 -25.60 24.71
C LEU M 102 26.37 -26.74 24.24
N LEU M 103 27.33 -27.15 25.05
CA LEU M 103 28.26 -28.19 24.63
C LEU M 103 27.52 -29.52 24.61
N PRO M 104 27.51 -30.25 23.48
CA PRO M 104 26.65 -31.42 23.35
C PRO M 104 27.19 -32.62 24.11
N GLY M 105 26.38 -33.12 25.04
CA GLY M 105 26.51 -34.44 25.63
C GLY M 105 27.82 -34.85 26.28
N GLU M 106 28.49 -35.81 25.64
CA GLU M 106 29.64 -36.45 26.27
C GLU M 106 30.79 -35.47 26.43
N LEU M 107 30.95 -34.57 25.46
CA LEU M 107 31.89 -33.47 25.62
C LEU M 107 31.52 -32.60 26.82
N ALA M 108 30.23 -32.45 27.09
CA ALA M 108 29.83 -31.65 28.24
C ALA M 108 30.18 -32.34 29.55
N LYS M 109 29.93 -33.65 29.67
CA LYS M 109 30.35 -34.34 30.90
C LYS M 109 31.86 -34.32 31.07
N HIS M 110 32.60 -34.47 29.96
CA HIS M 110 34.05 -34.33 30.02
C HIS M 110 34.44 -32.96 30.54
N ALA M 111 33.92 -31.90 29.92
CA ALA M 111 34.31 -30.53 30.27
C ALA M 111 33.94 -30.22 31.71
N VAL M 112 32.84 -30.81 32.20
CA VAL M 112 32.56 -30.80 33.63
C VAL M 112 33.71 -31.43 34.40
N SER M 113 34.24 -32.57 33.92
CA SER M 113 35.31 -33.24 34.66
C SER M 113 36.59 -32.40 34.71
N GLU M 114 37.07 -31.92 33.55
CA GLU M 114 38.30 -31.10 33.59
C GLU M 114 38.08 -29.79 34.33
N GLY M 115 36.97 -29.10 34.07
CA GLY M 115 36.73 -27.84 34.73
C GLY M 115 36.55 -28.00 36.23
N THR M 116 35.87 -29.06 36.65
CA THR M 116 35.65 -29.30 38.07
C THR M 116 36.96 -29.60 38.78
N LYS M 117 37.81 -30.45 38.19
CA LYS M 117 39.07 -30.70 38.86
C LYS M 117 39.99 -29.50 38.79
N ALA M 118 39.87 -28.66 37.76
CA ALA M 118 40.63 -27.42 37.72
C ALA M 118 40.18 -26.45 38.80
N VAL M 119 38.86 -26.39 39.06
CA VAL M 119 38.33 -25.57 40.14
C VAL M 119 38.83 -26.07 41.49
N THR M 120 38.86 -27.39 41.68
CA THR M 120 39.38 -27.92 42.93
C THR M 120 40.86 -27.63 43.09
N LYS M 121 41.61 -27.70 41.98
CA LYS M 121 43.03 -27.39 42.04
C LYS M 121 43.27 -25.92 42.36
N TYR M 122 42.53 -25.02 41.73
CA TYR M 122 42.70 -23.60 42.02
C TYR M 122 42.17 -23.26 43.40
N THR M 123 41.22 -24.05 43.90
CA THR M 123 40.78 -23.93 45.28
C THR M 123 41.92 -24.26 46.24
N SER M 124 42.77 -25.20 45.85
CA SER M 124 44.03 -25.49 46.54
C SER M 124 45.16 -24.55 46.13
N ALA M 125 44.83 -23.43 45.48
CA ALA M 125 45.79 -22.41 45.02
C ALA M 125 46.87 -22.99 44.12
N LYS N 38 40.80 -43.47 -33.17
CA LYS N 38 39.51 -42.86 -32.86
C LYS N 38 39.67 -41.99 -31.61
N PRO N 39 39.14 -40.76 -31.66
CA PRO N 39 39.23 -39.88 -30.49
C PRO N 39 38.36 -40.39 -29.35
N HIS N 40 38.97 -40.57 -28.19
CA HIS N 40 38.26 -41.11 -27.04
C HIS N 40 37.23 -40.12 -26.51
N ARG N 41 36.11 -40.66 -26.04
CA ARG N 41 35.06 -39.85 -25.44
C ARG N 41 34.44 -40.62 -24.29
N TYR N 42 34.51 -40.05 -23.10
CA TYR N 42 33.89 -40.68 -21.94
C TYR N 42 32.37 -40.56 -22.02
N ARG N 43 31.69 -41.54 -21.45
CA ARG N 43 30.24 -41.48 -21.36
C ARG N 43 29.81 -40.43 -20.34
N PRO N 44 28.60 -39.87 -20.48
CA PRO N 44 28.18 -38.79 -19.58
C PRO N 44 28.11 -39.21 -18.12
N GLY N 45 28.48 -38.28 -17.24
CA GLY N 45 28.54 -38.51 -15.82
C GLY N 45 29.90 -38.96 -15.33
N THR N 46 30.67 -39.66 -16.17
CA THR N 46 31.95 -40.19 -15.75
C THR N 46 32.94 -39.07 -15.44
N VAL N 47 33.10 -38.14 -16.38
CA VAL N 47 33.94 -36.97 -16.15
C VAL N 47 33.40 -36.17 -14.99
N ALA N 48 32.09 -35.86 -15.02
CA ALA N 48 31.46 -35.03 -14.01
C ALA N 48 31.66 -35.59 -12.62
N LEU N 49 31.57 -36.91 -12.47
CA LEU N 49 31.97 -37.55 -11.22
C LEU N 49 33.45 -37.38 -10.93
N ARG N 50 34.30 -37.38 -11.96
CA ARG N 50 35.73 -37.27 -11.70
C ARG N 50 36.09 -35.89 -11.15
N GLU N 51 35.57 -34.80 -11.74
CA GLU N 51 35.82 -33.54 -11.05
C GLU N 51 34.95 -33.32 -9.83
N ILE N 52 33.85 -34.08 -9.64
CA ILE N 52 33.18 -34.07 -8.34
C ILE N 52 34.16 -34.54 -7.28
N ARG N 53 34.85 -35.64 -7.55
CA ARG N 53 35.83 -36.17 -6.62
C ARG N 53 36.99 -35.21 -6.46
N ARG N 54 37.39 -34.55 -7.55
CA ARG N 54 38.50 -33.61 -7.51
C ARG N 54 38.17 -32.39 -6.65
N TYR N 55 37.00 -31.78 -6.88
CA TYR N 55 36.65 -30.58 -6.13
C TYR N 55 36.24 -30.90 -4.71
N GLN N 56 35.74 -32.11 -4.44
CA GLN N 56 35.59 -32.53 -3.06
C GLN N 56 36.95 -32.71 -2.40
N LYS N 57 37.94 -33.19 -3.15
CA LYS N 57 39.30 -33.22 -2.62
C LYS N 57 39.87 -31.82 -2.47
N SER N 58 39.65 -30.96 -3.46
CA SER N 58 40.28 -29.66 -3.45
C SER N 58 39.60 -28.72 -2.47
N THR N 59 40.35 -27.72 -2.02
CA THR N 59 39.85 -26.66 -1.17
C THR N 59 39.88 -25.30 -1.83
N GLU N 60 40.40 -25.21 -3.04
CA GLU N 60 40.61 -23.93 -3.70
C GLU N 60 39.29 -23.31 -4.16
N LEU N 61 39.32 -22.00 -4.35
CA LEU N 61 38.12 -21.23 -4.59
C LEU N 61 37.75 -21.26 -6.07
N LEU N 62 36.49 -21.60 -6.34
CA LEU N 62 36.02 -21.89 -7.69
C LEU N 62 35.54 -20.67 -8.44
N ILE N 63 35.73 -19.47 -7.89
CA ILE N 63 35.22 -18.25 -8.48
C ILE N 63 36.38 -17.40 -8.99
N ARG N 64 36.25 -16.93 -10.22
CA ARG N 64 37.13 -15.88 -10.73
C ARG N 64 37.06 -14.66 -9.83
N LYS N 65 38.20 -14.30 -9.24
CA LYS N 65 38.21 -13.37 -8.10
C LYS N 65 37.83 -11.97 -8.54
N LEU N 66 38.43 -11.49 -9.61
CA LEU N 66 38.24 -10.11 -10.06
C LEU N 66 36.82 -9.83 -10.55
N PRO N 67 36.15 -10.69 -11.34
CA PRO N 67 34.72 -10.44 -11.61
C PRO N 67 33.86 -10.45 -10.36
N PHE N 68 34.20 -11.29 -9.38
CA PHE N 68 33.47 -11.30 -8.13
C PHE N 68 33.64 -9.97 -7.40
N GLN N 69 34.87 -9.44 -7.39
CA GLN N 69 35.11 -8.14 -6.78
C GLN N 69 34.35 -7.04 -7.51
N ARG N 70 34.27 -7.15 -8.83
CA ARG N 70 33.47 -6.22 -9.62
C ARG N 70 32.01 -6.26 -9.19
N LEU N 71 31.47 -7.46 -9.01
CA LEU N 71 30.07 -7.60 -8.59
C LEU N 71 29.85 -7.04 -7.19
N VAL N 72 30.82 -7.25 -6.29
CA VAL N 72 30.74 -6.71 -4.94
C VAL N 72 30.69 -5.19 -4.97
N ARG N 73 31.60 -4.57 -5.73
CA ARG N 73 31.64 -3.12 -5.80
C ARG N 73 30.39 -2.57 -6.48
N GLU N 74 29.86 -3.30 -7.46
CA GLU N 74 28.64 -2.88 -8.15
C GLU N 74 27.45 -2.89 -7.19
N ILE N 75 27.28 -3.98 -6.45
CA ILE N 75 26.12 -4.10 -5.58
C ILE N 75 26.24 -3.14 -4.40
N ALA N 76 27.45 -3.02 -3.84
CA ALA N 76 27.65 -2.13 -2.70
C ALA N 76 27.52 -0.66 -3.11
N GLN N 77 27.89 -0.32 -4.34
CA GLN N 77 27.67 1.03 -4.83
C GLN N 77 26.19 1.38 -4.93
N ASP N 78 25.32 0.38 -5.06
CA ASP N 78 23.89 0.64 -5.16
C ASP N 78 23.30 1.10 -3.83
N PHE N 79 24.01 0.92 -2.72
CA PHE N 79 23.58 1.42 -1.42
C PHE N 79 24.39 2.60 -0.93
N LYS N 80 25.70 2.59 -1.18
CA LYS N 80 26.55 3.70 -0.79
C LYS N 80 27.61 3.87 -1.87
N THR N 81 27.79 5.10 -2.34
CA THR N 81 28.73 5.36 -3.41
C THR N 81 30.16 5.46 -2.89
N ASP N 82 31.11 5.24 -3.80
CA ASP N 82 32.56 5.35 -3.56
C ASP N 82 32.98 4.41 -2.42
N LEU N 83 32.47 3.19 -2.43
CA LEU N 83 32.89 2.25 -1.40
C LEU N 83 34.20 1.59 -1.76
N ARG N 84 35.10 1.55 -0.79
CA ARG N 84 36.42 0.97 -0.95
C ARG N 84 36.49 -0.28 -0.09
N PHE N 85 37.22 -1.28 -0.57
CA PHE N 85 37.18 -2.59 0.03
C PHE N 85 38.58 -3.06 0.40
N GLN N 86 38.75 -3.50 1.62
CA GLN N 86 39.90 -4.34 1.92
C GLN N 86 39.74 -5.65 1.18
N SER N 87 40.84 -6.12 0.58
CA SER N 87 40.79 -7.32 -0.24
C SER N 87 40.42 -8.54 0.58
N SER N 88 40.87 -8.59 1.84
CA SER N 88 40.51 -9.69 2.72
C SER N 88 39.02 -9.73 2.98
N ALA N 89 38.39 -8.56 3.07
CA ALA N 89 36.93 -8.52 3.22
C ALA N 89 36.24 -9.11 2.00
N VAL N 90 36.75 -8.79 0.80
CA VAL N 90 36.21 -9.34 -0.43
C VAL N 90 36.40 -10.86 -0.46
N MET N 91 37.57 -11.31 0.00
CA MET N 91 37.83 -12.75 0.08
C MET N 91 36.85 -13.42 1.03
N ALA N 92 36.64 -12.84 2.21
CA ALA N 92 35.75 -13.44 3.20
C ALA N 92 34.32 -13.49 2.68
N LEU N 93 33.88 -12.41 2.02
CA LEU N 93 32.61 -12.40 1.30
C LEU N 93 32.54 -13.52 0.28
N GLN N 94 33.66 -13.79 -0.38
CA GLN N 94 33.71 -14.91 -1.31
C GLN N 94 33.41 -16.23 -0.61
N GLU N 95 34.26 -16.66 0.35
CA GLU N 95 34.05 -18.04 0.84
C GLU N 95 32.75 -18.17 1.60
N ALA N 96 32.24 -17.07 2.18
CA ALA N 96 30.88 -17.08 2.68
C ALA N 96 29.88 -17.35 1.57
N SER N 97 30.09 -16.72 0.40
CA SER N 97 29.15 -16.86 -0.71
C SER N 97 29.12 -18.30 -1.22
N GLU N 98 30.28 -18.89 -1.52
CA GLU N 98 30.11 -20.26 -2.00
C GLU N 98 29.89 -21.25 -0.87
N ALA N 99 30.13 -20.88 0.39
CA ALA N 99 29.66 -21.76 1.47
C ALA N 99 28.14 -21.88 1.42
N TYR N 100 27.47 -20.74 1.28
CA TYR N 100 26.02 -20.74 1.14
C TYR N 100 25.60 -21.48 -0.12
N LEU N 101 26.28 -21.23 -1.23
CA LEU N 101 25.92 -21.85 -2.49
C LEU N 101 26.11 -23.36 -2.46
N VAL N 102 27.24 -23.83 -1.95
CA VAL N 102 27.49 -25.27 -1.89
C VAL N 102 26.46 -25.95 -1.02
N GLY N 103 26.24 -25.43 0.21
CA GLY N 103 25.24 -26.03 1.08
C GLY N 103 23.86 -26.06 0.47
N LEU N 104 23.53 -25.00 -0.29
CA LEU N 104 22.34 -25.02 -1.12
C LEU N 104 22.37 -26.16 -2.13
N PHE N 105 23.53 -26.44 -2.73
CA PHE N 105 23.55 -27.49 -3.74
C PHE N 105 23.44 -28.89 -3.14
N GLU N 106 24.01 -29.15 -1.96
CA GLU N 106 23.71 -30.46 -1.39
C GLU N 106 22.25 -30.56 -0.98
N ASP N 107 21.65 -29.45 -0.52
CA ASP N 107 20.22 -29.48 -0.20
C ASP N 107 19.40 -29.80 -1.44
N THR N 108 19.69 -29.13 -2.55
CA THR N 108 18.93 -29.35 -3.77
C THR N 108 19.22 -30.70 -4.39
N ASN N 109 20.45 -31.21 -4.22
CA ASN N 109 20.76 -32.53 -4.74
C ASN N 109 19.99 -33.60 -3.98
N LEU N 110 19.89 -33.44 -2.66
CA LEU N 110 19.04 -34.33 -1.88
C LEU N 110 17.58 -34.20 -2.27
N ALA N 111 17.13 -32.98 -2.58
CA ALA N 111 15.77 -32.80 -3.05
C ALA N 111 15.54 -33.48 -4.40
N ALA N 112 16.53 -33.42 -5.29
CA ALA N 112 16.36 -33.99 -6.62
C ALA N 112 16.36 -35.51 -6.57
N ILE N 113 17.27 -36.10 -5.79
CA ILE N 113 17.25 -37.55 -5.66
C ILE N 113 16.04 -37.99 -4.86
N HIS N 114 15.52 -37.10 -4.01
CA HIS N 114 14.26 -37.35 -3.33
C HIS N 114 13.13 -37.46 -4.33
N ALA N 115 13.16 -36.64 -5.37
CA ALA N 115 12.17 -36.69 -6.44
C ALA N 115 12.52 -37.68 -7.53
N LYS N 116 13.45 -38.60 -7.24
CA LYS N 116 13.86 -39.68 -8.15
C LYS N 116 14.42 -39.15 -9.47
N ARG N 117 15.07 -37.99 -9.42
CA ARG N 117 15.69 -37.42 -10.61
C ARG N 117 17.16 -37.14 -10.33
N VAL N 118 17.92 -37.01 -11.42
CA VAL N 118 19.35 -36.73 -11.31
C VAL N 118 19.73 -35.38 -11.89
N THR N 119 18.86 -34.76 -12.69
CA THR N 119 19.12 -33.46 -13.27
C THR N 119 18.40 -32.42 -12.42
N ILE N 120 19.14 -31.43 -11.92
CA ILE N 120 18.57 -30.49 -10.96
C ILE N 120 17.73 -29.44 -11.68
N MET N 121 16.65 -29.03 -11.02
CA MET N 121 15.69 -28.05 -11.51
C MET N 121 15.73 -26.84 -10.59
N PRO N 122 15.38 -25.66 -11.09
CA PRO N 122 15.30 -24.48 -10.21
C PRO N 122 14.21 -24.57 -9.17
N LYS N 123 13.18 -25.39 -9.40
CA LYS N 123 12.15 -25.58 -8.38
C LYS N 123 12.72 -26.29 -7.17
N ASP N 124 13.73 -27.13 -7.37
CA ASP N 124 14.46 -27.71 -6.25
C ASP N 124 15.11 -26.63 -5.41
N ILE N 125 15.67 -25.62 -6.07
CA ILE N 125 16.31 -24.51 -5.38
C ILE N 125 15.27 -23.70 -4.63
N GLN N 126 14.11 -23.49 -5.25
CA GLN N 126 13.01 -22.78 -4.59
C GLN N 126 12.53 -23.55 -3.36
N LEU N 127 12.44 -24.87 -3.48
CA LEU N 127 12.05 -25.72 -2.36
C LEU N 127 13.05 -25.62 -1.22
N ALA N 128 14.34 -25.67 -1.55
CA ALA N 128 15.37 -25.61 -0.53
C ALA N 128 15.37 -24.25 0.17
N ARG N 129 15.20 -23.17 -0.59
CA ARG N 129 15.13 -21.84 -0.01
C ARG N 129 13.90 -21.69 0.88
N ARG N 130 12.77 -22.24 0.46
CA ARG N 130 11.56 -22.11 1.25
C ARG N 130 11.63 -22.93 2.53
N ILE N 131 12.21 -24.13 2.46
CA ILE N 131 12.34 -24.96 3.64
C ILE N 131 13.34 -24.37 4.61
N ARG N 132 14.43 -23.79 4.09
CA ARG N 132 15.36 -23.09 4.97
C ARG N 132 14.80 -21.80 5.53
N GLY N 133 13.65 -21.32 5.03
CA GLY N 133 13.09 -20.09 5.52
C GLY N 133 13.73 -18.84 4.95
N GLU N 134 14.18 -18.91 3.70
CA GLU N 134 14.78 -17.74 3.05
C GLU N 134 13.72 -16.90 2.36
N LYS O 21 32.54 4.72 -14.93
CA LYS O 21 32.87 4.72 -13.51
C LYS O 21 31.93 3.75 -12.79
N VAL O 22 30.63 3.89 -13.05
CA VAL O 22 29.64 3.01 -12.46
C VAL O 22 29.64 1.68 -13.19
N LEU O 23 29.04 0.66 -12.60
CA LEU O 23 28.99 -0.68 -13.17
C LEU O 23 27.55 -1.08 -13.42
N ARG O 24 27.33 -1.87 -14.46
CA ARG O 24 25.98 -2.23 -14.84
C ARG O 24 25.79 -3.74 -14.89
N ASP O 25 26.82 -4.48 -15.29
CA ASP O 25 26.71 -5.94 -15.42
C ASP O 25 28.00 -6.58 -14.91
N ASN O 26 27.93 -7.17 -13.72
CA ASN O 26 28.97 -8.07 -13.26
C ASN O 26 28.39 -9.36 -12.72
N ILE O 27 27.06 -9.53 -12.76
CA ILE O 27 26.45 -10.78 -12.37
C ILE O 27 26.81 -11.88 -13.36
N GLN O 28 27.08 -11.51 -14.61
CA GLN O 28 27.56 -12.48 -15.59
C GLN O 28 29.05 -12.78 -15.43
N GLY O 29 29.75 -12.03 -14.57
CA GLY O 29 31.11 -12.39 -14.20
C GLY O 29 31.20 -13.69 -13.43
N ILE O 30 30.09 -14.13 -12.84
CA ILE O 30 29.99 -15.48 -12.28
C ILE O 30 29.56 -16.37 -13.43
N THR O 31 30.54 -16.96 -14.12
CA THR O 31 30.30 -17.69 -15.35
C THR O 31 29.58 -19.01 -15.07
N LYS O 32 28.96 -19.54 -16.14
CA LYS O 32 28.39 -20.88 -16.08
C LYS O 32 29.40 -21.98 -15.70
N PRO O 33 30.63 -22.02 -16.24
CA PRO O 33 31.58 -23.05 -15.74
C PRO O 33 31.93 -22.89 -14.26
N ALA O 34 31.96 -21.67 -13.72
CA ALA O 34 32.19 -21.51 -12.28
C ALA O 34 31.05 -22.12 -11.47
N ILE O 35 29.82 -21.90 -11.93
CA ILE O 35 28.64 -22.49 -11.29
C ILE O 35 28.70 -24.01 -11.40
N ARG O 36 29.16 -24.50 -12.55
CA ARG O 36 29.31 -25.94 -12.74
C ARG O 36 30.35 -26.51 -11.78
N ARG O 37 31.46 -25.80 -11.59
CA ARG O 37 32.47 -26.22 -10.63
C ARG O 37 31.91 -26.28 -9.22
N LEU O 38 31.12 -25.28 -8.84
CA LEU O 38 30.54 -25.27 -7.51
C LEU O 38 29.55 -26.41 -7.33
N ALA O 39 28.77 -26.72 -8.36
CA ALA O 39 27.84 -27.83 -8.29
C ALA O 39 28.57 -29.17 -8.20
N ARG O 40 29.73 -29.28 -8.85
CA ARG O 40 30.55 -30.47 -8.67
C ARG O 40 31.07 -30.54 -7.23
N ARG O 41 31.43 -29.39 -6.65
CA ARG O 41 31.72 -29.36 -5.23
C ARG O 41 30.48 -29.64 -4.41
N GLY O 42 29.31 -29.26 -4.90
CA GLY O 42 28.08 -29.65 -4.25
C GLY O 42 27.64 -31.07 -4.52
N GLY O 43 28.40 -31.81 -5.34
CA GLY O 43 28.04 -33.17 -5.66
C GLY O 43 27.00 -33.30 -6.75
N VAL O 44 26.67 -32.22 -7.43
CA VAL O 44 25.70 -32.27 -8.53
C VAL O 44 26.46 -32.64 -9.79
N LYS O 45 25.99 -33.69 -10.47
CA LYS O 45 26.63 -34.13 -11.70
C LYS O 45 25.94 -33.63 -12.96
N ARG O 46 24.63 -33.39 -12.91
CA ARG O 46 23.89 -32.96 -14.08
C ARG O 46 23.06 -31.73 -13.74
N ILE O 47 23.25 -30.68 -14.53
CA ILE O 47 22.74 -29.34 -14.22
C ILE O 47 21.87 -28.89 -15.38
N SER O 48 20.66 -28.43 -15.09
CA SER O 48 19.84 -27.87 -16.15
C SER O 48 20.38 -26.50 -16.57
N GLY O 49 19.98 -26.08 -17.77
CA GLY O 49 20.38 -24.77 -18.26
C GLY O 49 19.65 -23.63 -17.60
N LEU O 50 18.47 -23.89 -17.04
CA LEU O 50 17.70 -22.89 -16.32
C LEU O 50 18.32 -22.56 -14.97
N ILE O 51 19.30 -23.36 -14.52
CA ILE O 51 19.82 -23.25 -13.18
C ILE O 51 20.58 -21.94 -12.99
N TYR O 52 21.45 -21.61 -13.95
CA TYR O 52 22.58 -20.71 -13.70
C TYR O 52 22.15 -19.29 -13.35
N GLU O 53 21.22 -18.72 -14.13
CA GLU O 53 20.83 -17.34 -13.88
C GLU O 53 19.96 -17.23 -12.64
N GLU O 54 19.14 -18.23 -12.38
CA GLU O 54 18.32 -18.23 -11.17
C GLU O 54 19.21 -18.32 -9.93
N THR O 55 20.25 -19.15 -9.99
CA THR O 55 21.23 -19.19 -8.92
C THR O 55 21.99 -17.89 -8.80
N ARG O 56 22.26 -17.22 -9.92
CA ARG O 56 22.87 -15.90 -9.86
C ARG O 56 21.99 -14.93 -9.09
N GLY O 57 20.69 -14.95 -9.35
CA GLY O 57 19.77 -14.11 -8.61
C GLY O 57 19.74 -14.45 -7.14
N VAL O 58 19.76 -15.74 -6.80
CA VAL O 58 19.71 -16.17 -5.42
C VAL O 58 20.97 -15.73 -4.66
N LEU O 59 22.14 -15.96 -5.26
CA LEU O 59 23.37 -15.56 -4.60
C LEU O 59 23.44 -14.05 -4.50
N LYS O 60 22.93 -13.34 -5.52
CA LYS O 60 22.87 -11.89 -5.47
C LYS O 60 22.02 -11.42 -4.31
N VAL O 61 20.89 -12.10 -4.07
CA VAL O 61 20.02 -11.80 -2.93
C VAL O 61 20.78 -11.94 -1.63
N PHE O 62 21.51 -13.05 -1.49
CA PHE O 62 22.40 -13.23 -0.34
C PHE O 62 23.41 -12.10 -0.25
N LEU O 63 23.87 -11.61 -1.40
CA LEU O 63 24.87 -10.55 -1.42
C LEU O 63 24.34 -9.23 -0.87
N GLU O 64 23.14 -8.77 -1.26
CA GLU O 64 22.79 -7.50 -0.64
C GLU O 64 22.35 -7.73 0.79
N ASN O 65 21.83 -8.93 1.11
CA ASN O 65 21.49 -9.26 2.48
C ASN O 65 22.70 -9.15 3.40
N VAL O 66 23.88 -9.51 2.91
CA VAL O 66 25.07 -9.34 3.74
C VAL O 66 25.67 -7.94 3.60
N ILE O 67 25.66 -7.35 2.39
CA ILE O 67 26.45 -6.15 2.21
C ILE O 67 25.72 -4.92 2.73
N ARG O 68 24.39 -4.97 2.85
CA ARG O 68 23.65 -3.91 3.51
C ARG O 68 24.10 -3.75 4.94
N ASP O 69 24.15 -4.86 5.66
CA ASP O 69 24.64 -4.84 7.03
C ASP O 69 26.10 -4.45 7.09
N ALA O 70 26.90 -4.93 6.12
CA ALA O 70 28.31 -4.59 6.09
C ALA O 70 28.52 -3.10 5.93
N VAL O 71 27.76 -2.49 5.02
CA VAL O 71 27.80 -1.04 4.82
C VAL O 71 27.33 -0.33 6.08
N THR O 72 26.31 -0.88 6.74
CA THR O 72 25.78 -0.26 7.96
C THR O 72 26.83 -0.22 9.06
N TYR O 73 27.53 -1.34 9.25
CA TYR O 73 28.66 -1.36 10.18
C TYR O 73 29.75 -0.40 9.75
N THR O 74 30.04 -0.34 8.45
CA THR O 74 31.15 0.48 7.96
C THR O 74 30.88 1.96 8.19
N GLU O 75 29.67 2.41 7.88
CA GLU O 75 29.34 3.80 8.13
C GLU O 75 29.21 4.08 9.62
N HIS O 76 28.76 3.09 10.40
CA HIS O 76 28.64 3.33 11.82
C HIS O 76 30.00 3.39 12.49
N ALA O 77 31.02 2.81 11.85
CA ALA O 77 32.39 2.96 12.30
C ALA O 77 33.00 4.29 11.88
N LYS O 78 32.23 5.13 11.17
CA LYS O 78 32.71 6.39 10.58
C LYS O 78 33.87 6.16 9.61
N ARG O 79 33.88 4.99 8.98
CA ARG O 79 34.83 4.62 7.95
C ARG O 79 34.15 4.61 6.60
N LYS O 80 34.89 4.99 5.57
CA LYS O 80 34.36 4.91 4.22
C LYS O 80 34.81 3.63 3.52
N THR O 81 35.88 3.02 4.01
CA THR O 81 36.42 1.79 3.45
C THR O 81 35.91 0.61 4.26
N VAL O 82 35.42 -0.41 3.57
CA VAL O 82 34.89 -1.60 4.21
C VAL O 82 36.04 -2.42 4.78
N THR O 83 35.89 -2.86 6.03
CA THR O 83 36.89 -3.69 6.68
C THR O 83 36.32 -5.08 6.96
N ALA O 84 37.22 -6.03 7.16
CA ALA O 84 36.86 -7.45 7.13
C ALA O 84 36.13 -7.90 8.37
N MET O 85 36.46 -7.37 9.55
CA MET O 85 35.74 -7.80 10.74
C MET O 85 34.29 -7.35 10.72
N ASP O 86 33.99 -6.28 9.98
CA ASP O 86 32.61 -5.89 9.74
C ASP O 86 31.89 -6.97 8.96
N VAL O 87 32.56 -7.53 7.95
CA VAL O 87 32.02 -8.67 7.21
C VAL O 87 31.83 -9.87 8.12
N VAL O 88 32.79 -10.09 9.03
CA VAL O 88 32.67 -11.19 9.99
C VAL O 88 31.43 -11.03 10.85
N TYR O 89 31.18 -9.80 11.29
CA TYR O 89 29.98 -9.53 12.07
C TYR O 89 28.73 -9.82 11.25
N ALA O 90 28.66 -9.24 10.06
CA ALA O 90 27.47 -9.36 9.21
C ALA O 90 27.20 -10.80 8.84
N LEU O 91 28.24 -11.61 8.70
CA LEU O 91 28.01 -13.02 8.45
C LEU O 91 27.57 -13.77 9.69
N LYS O 92 28.02 -13.39 10.90
CA LYS O 92 27.48 -14.17 11.99
C LYS O 92 26.07 -13.73 12.35
N ARG O 93 25.62 -12.56 11.86
CA ARG O 93 24.21 -12.20 12.05
C ARG O 93 23.28 -13.13 11.29
N GLN O 94 23.69 -13.62 10.13
CA GLN O 94 22.80 -14.49 9.37
C GLN O 94 22.88 -15.94 9.81
N GLY O 95 23.45 -16.23 10.97
CA GLY O 95 23.65 -17.60 11.37
C GLY O 95 24.68 -18.30 10.52
N ARG O 96 25.60 -17.55 9.94
CA ARG O 96 26.58 -18.03 8.97
C ARG O 96 27.97 -17.64 9.42
N THR O 97 28.29 -18.02 10.66
CA THR O 97 29.54 -17.61 11.30
C THR O 97 30.74 -18.15 10.55
N LEU O 98 31.72 -17.29 10.30
CA LEU O 98 32.89 -17.62 9.50
C LEU O 98 34.12 -17.61 10.39
N TYR O 99 34.96 -18.63 10.23
CA TYR O 99 36.17 -18.73 11.03
C TYR O 99 37.40 -18.35 10.21
N GLY O 100 38.34 -17.69 10.88
CA GLY O 100 39.61 -17.35 10.27
C GLY O 100 39.81 -15.90 9.91
N PHE O 101 38.86 -15.02 10.25
CA PHE O 101 39.07 -13.60 10.04
C PHE O 101 38.61 -12.73 11.20
N GLY O 102 37.99 -13.31 12.23
CA GLY O 102 37.58 -12.53 13.38
C GLY O 102 38.78 -12.02 14.13
N GLY O 103 38.90 -10.69 14.23
CA GLY O 103 40.08 -10.08 14.80
C GLY O 103 41.14 -9.83 13.74
N ALA P 28 11.36 26.18 45.25
CA ALA P 28 12.46 25.29 45.58
C ALA P 28 12.67 24.26 44.48
N ARG P 29 11.63 23.49 44.19
CA ARG P 29 11.69 22.44 43.17
C ARG P 29 10.49 22.58 42.24
N ALA P 30 10.74 22.37 40.95
CA ALA P 30 9.66 22.36 39.97
C ALA P 30 8.84 21.08 40.09
N LYS P 31 7.67 21.09 39.48
CA LYS P 31 6.87 19.88 39.40
C LYS P 31 7.59 18.85 38.53
N ALA P 32 7.53 17.59 38.97
CA ALA P 32 8.21 16.54 38.22
C ALA P 32 7.44 16.19 36.96
N LYS P 33 8.05 16.44 35.81
CA LYS P 33 7.44 16.19 34.52
C LYS P 33 8.26 15.12 33.81
N THR P 34 7.59 14.08 33.36
CA THR P 34 8.28 12.86 32.97
C THR P 34 9.02 13.03 31.65
N ARG P 35 10.08 12.24 31.48
CA ARG P 35 10.77 12.21 30.20
C ARG P 35 9.91 11.56 29.13
N SER P 36 8.95 10.72 29.54
CA SER P 36 7.95 10.23 28.60
C SER P 36 7.09 11.38 28.08
N SER P 37 6.76 12.33 28.95
CA SER P 37 6.07 13.54 28.50
C SER P 37 7.00 14.41 27.67
N ARG P 38 8.28 14.43 28.02
CA ARG P 38 9.25 15.23 27.28
C ARG P 38 9.37 14.76 25.84
N ALA P 39 9.38 13.44 25.64
CA ALA P 39 9.17 12.92 24.30
C ALA P 39 7.73 13.03 23.89
N GLY P 40 6.81 13.01 24.84
CA GLY P 40 5.40 12.93 24.50
C GLY P 40 5.01 11.58 23.93
N LEU P 41 5.60 10.51 24.43
CA LEU P 41 5.26 9.17 23.97
C LEU P 41 4.81 8.33 25.16
N GLN P 42 4.05 7.27 24.88
CA GLN P 42 3.43 6.50 25.94
C GLN P 42 4.38 5.56 26.67
N PHE P 43 5.41 5.03 26.00
CA PHE P 43 6.26 4.05 26.65
C PHE P 43 7.13 4.71 27.72
N PRO P 44 7.31 4.07 28.87
CA PRO P 44 8.00 4.72 30.00
C PRO P 44 9.49 4.86 29.74
N VAL P 45 9.95 6.10 29.66
CA VAL P 45 11.37 6.36 29.42
C VAL P 45 12.21 5.96 30.62
N GLY P 46 11.74 6.27 31.83
CA GLY P 46 12.50 5.95 33.02
C GLY P 46 12.64 4.45 33.25
N ARG P 47 11.57 3.71 32.98
CA ARG P 47 11.64 2.24 33.10
C ARG P 47 12.62 1.65 32.10
N VAL P 48 12.61 2.14 30.87
CA VAL P 48 13.51 1.62 29.85
C VAL P 48 14.96 1.96 30.17
N HIS P 49 15.20 3.19 30.64
CA HIS P 49 16.54 3.59 31.06
C HIS P 49 17.02 2.75 32.23
N ARG P 50 16.13 2.49 33.19
CA ARG P 50 16.45 1.64 34.32
C ARG P 50 16.79 0.22 33.88
N LEU P 51 16.03 -0.33 32.94
CA LEU P 51 16.30 -1.67 32.43
C LEU P 51 17.63 -1.75 31.70
N LEU P 52 17.92 -0.75 30.88
CA LEU P 52 19.20 -0.73 30.18
C LEU P 52 20.37 -0.53 31.15
N ARG P 53 20.14 0.20 32.25
CA ARG P 53 21.17 0.31 33.27
C ARG P 53 21.41 -1.02 33.96
N LYS P 54 20.34 -1.77 34.23
CA LYS P 54 20.45 -3.03 34.95
C LYS P 54 20.44 -4.24 34.01
N GLY P 55 20.51 -4.03 32.71
CA GLY P 55 20.63 -5.11 31.76
C GLY P 55 22.02 -5.37 31.23
N ASN P 56 23.01 -4.58 31.67
CA ASN P 56 24.43 -4.79 31.38
C ASN P 56 24.73 -4.74 29.89
N TYR P 57 24.48 -3.58 29.29
CA TYR P 57 24.79 -3.38 27.88
C TYR P 57 25.89 -2.35 27.64
N SER P 58 25.98 -1.33 28.50
CA SER P 58 27.15 -0.46 28.53
C SER P 58 27.23 0.20 29.89
N GLU P 59 28.44 0.70 30.20
CA GLU P 59 28.66 1.34 31.48
C GLU P 59 28.08 2.75 31.52
N ARG P 60 27.89 3.39 30.37
CA ARG P 60 27.06 4.58 30.24
C ARG P 60 26.15 4.42 29.04
N VAL P 61 24.98 5.05 29.09
CA VAL P 61 24.06 5.07 27.96
C VAL P 61 23.70 6.52 27.66
N GLY P 62 23.63 6.87 26.37
CA GLY P 62 23.17 8.18 25.98
C GLY P 62 21.71 8.39 26.36
N ALA P 63 21.38 9.65 26.66
CA ALA P 63 20.03 9.95 27.15
C ALA P 63 18.98 9.76 26.06
N GLY P 64 19.32 10.09 24.82
CA GLY P 64 18.35 9.96 23.75
C GLY P 64 18.12 8.57 23.24
N ALA P 65 19.03 7.64 23.54
CA ALA P 65 18.89 6.26 23.05
C ALA P 65 17.66 5.54 23.60
N PRO P 66 17.34 5.56 24.90
CA PRO P 66 16.09 4.90 25.32
C PRO P 66 14.85 5.62 24.82
N VAL P 67 14.96 6.92 24.58
CA VAL P 67 13.87 7.65 23.94
C VAL P 67 13.64 7.10 22.55
N TYR P 68 14.72 6.88 21.81
CA TYR P 68 14.64 6.28 20.49
C TYR P 68 14.04 4.89 20.56
N LEU P 69 14.44 4.13 21.58
CA LEU P 69 13.90 2.80 21.79
C LEU P 69 12.41 2.83 22.00
N ALA P 70 11.94 3.71 22.90
CA ALA P 70 10.53 3.80 23.19
C ALA P 70 9.75 4.25 21.96
N ALA P 71 10.34 5.15 21.17
CA ALA P 71 9.69 5.62 19.96
C ALA P 71 9.51 4.50 18.95
N VAL P 72 10.58 3.73 18.70
CA VAL P 72 10.46 2.69 17.68
C VAL P 72 9.57 1.56 18.16
N LEU P 73 9.61 1.24 19.46
CA LEU P 73 8.71 0.23 20.00
C LEU P 73 7.26 0.68 19.90
N GLU P 74 6.98 1.94 20.19
CA GLU P 74 5.60 2.38 20.11
C GLU P 74 5.14 2.48 18.66
N TYR P 75 6.05 2.78 17.73
CA TYR P 75 5.71 2.73 16.31
C TYR P 75 5.32 1.32 15.89
N LEU P 76 6.12 0.33 16.27
CA LEU P 76 5.87 -1.03 15.82
C LEU P 76 4.64 -1.63 16.52
N THR P 77 4.45 -1.32 17.80
CA THR P 77 3.23 -1.75 18.46
C THR P 77 2.02 -1.08 17.87
N ALA P 78 2.15 0.19 17.47
CA ALA P 78 1.03 0.89 16.83
C ALA P 78 0.65 0.24 15.51
N GLU P 79 1.64 -0.11 14.69
CA GLU P 79 1.29 -0.71 13.40
C GLU P 79 0.74 -2.13 13.57
N ILE P 80 1.29 -2.92 14.52
CA ILE P 80 0.74 -4.25 14.67
C ILE P 80 -0.63 -4.18 15.34
N LEU P 81 -0.89 -3.13 16.10
CA LEU P 81 -2.21 -2.96 16.68
C LEU P 81 -3.22 -2.49 15.65
N GLU P 82 -2.79 -1.67 14.68
CA GLU P 82 -3.60 -1.40 13.50
C GLU P 82 -3.96 -2.69 12.79
N LEU P 83 -2.98 -3.56 12.57
CA LEU P 83 -3.23 -4.81 11.86
C LEU P 83 -4.21 -5.68 12.64
N ALA P 84 -4.03 -5.75 13.96
CA ALA P 84 -4.88 -6.58 14.80
C ALA P 84 -6.30 -6.05 14.87
N GLY P 85 -6.45 -4.72 15.00
CA GLY P 85 -7.78 -4.15 15.01
C GLY P 85 -8.49 -4.32 13.69
N ASN P 86 -7.75 -4.20 12.59
CA ASN P 86 -8.33 -4.45 11.27
C ASN P 86 -8.77 -5.89 11.13
N ALA P 87 -7.96 -6.83 11.60
CA ALA P 87 -8.33 -8.24 11.53
C ALA P 87 -9.54 -8.54 12.40
N ALA P 88 -9.59 -7.95 13.59
CA ALA P 88 -10.71 -8.16 14.50
C ALA P 88 -12.00 -7.61 13.92
N ARG P 89 -11.94 -6.44 13.29
CA ARG P 89 -13.09 -5.89 12.62
C ARG P 89 -13.47 -6.72 11.40
N ASP P 90 -12.49 -7.35 10.75
CA ASP P 90 -12.81 -8.32 9.72
C ASP P 90 -13.49 -9.55 10.30
N ASN P 91 -13.10 -9.96 11.50
CA ASN P 91 -13.73 -11.08 12.17
C ASN P 91 -14.88 -10.65 13.05
N LYS P 92 -15.25 -9.37 13.00
CA LYS P 92 -16.43 -8.80 13.67
C LYS P 92 -16.31 -8.92 15.19
N LYS P 93 -15.08 -8.78 15.71
CA LYS P 93 -14.83 -8.88 17.13
C LYS P 93 -14.30 -7.56 17.66
N THR P 94 -14.80 -7.17 18.82
CA THR P 94 -14.35 -5.92 19.42
C THR P 94 -12.97 -6.06 20.03
N ARG P 95 -12.67 -7.21 20.62
CA ARG P 95 -11.43 -7.41 21.33
C ARG P 95 -10.52 -8.34 20.55
N ILE P 96 -9.23 -7.98 20.50
CA ILE P 96 -8.28 -8.74 19.70
C ILE P 96 -7.97 -10.07 20.35
N ILE P 97 -7.73 -11.08 19.52
CA ILE P 97 -7.41 -12.43 20.00
C ILE P 97 -6.12 -12.88 19.32
N PRO P 98 -5.45 -13.89 19.88
CA PRO P 98 -4.23 -14.39 19.24
C PRO P 98 -4.40 -14.92 17.83
N ARG P 99 -5.60 -15.37 17.43
CA ARG P 99 -5.82 -15.70 16.04
C ARG P 99 -5.68 -14.49 15.14
N HIS P 100 -6.23 -13.34 15.59
CA HIS P 100 -6.04 -12.08 14.87
C HIS P 100 -4.57 -11.72 14.80
N LEU P 101 -3.85 -11.97 15.89
CA LEU P 101 -2.42 -11.67 15.93
C LEU P 101 -1.64 -12.53 14.94
N GLN P 102 -1.99 -13.81 14.87
CA GLN P 102 -1.35 -14.72 13.91
C GLN P 102 -1.61 -14.28 12.49
N LEU P 103 -2.88 -14.01 12.17
CA LEU P 103 -3.24 -13.63 10.81
C LEU P 103 -2.63 -12.30 10.43
N ALA P 104 -2.47 -11.39 11.41
CA ALA P 104 -1.84 -10.11 11.13
C ALA P 104 -0.33 -10.26 10.94
N ILE P 105 0.33 -11.01 11.82
CA ILE P 105 1.78 -11.08 11.79
C ILE P 105 2.29 -11.94 10.65
N ARG P 106 1.47 -12.85 10.11
CA ARG P 106 1.93 -13.67 9.02
C ARG P 106 1.70 -13.04 7.66
N ASN P 107 0.79 -12.08 7.56
CA ASN P 107 0.47 -11.47 6.29
C ASN P 107 1.19 -10.15 6.04
N ASP P 108 2.08 -9.72 6.94
CA ASP P 108 2.98 -8.61 6.68
C ASP P 108 4.38 -9.20 6.48
N GLU P 109 4.91 -9.06 5.27
CA GLU P 109 6.14 -9.74 4.89
C GLU P 109 7.34 -9.26 5.71
N GLU P 110 7.40 -7.97 6.02
CA GLU P 110 8.46 -7.49 6.90
C GLU P 110 8.27 -8.01 8.30
N LEU P 111 7.03 -8.05 8.79
CA LEU P 111 6.79 -8.64 10.10
C LEU P 111 6.96 -10.15 10.08
N ASN P 112 6.52 -10.81 9.00
CA ASN P 112 6.62 -12.27 8.94
C ASN P 112 8.07 -12.72 8.89
N LYS P 113 8.87 -12.11 8.02
CA LYS P 113 10.28 -12.45 7.97
C LYS P 113 11.06 -11.83 9.12
N LEU P 114 10.47 -10.86 9.82
CA LEU P 114 11.00 -10.46 11.11
C LEU P 114 10.82 -11.57 12.14
N LEU P 115 9.68 -12.26 12.09
CA LEU P 115 9.28 -13.21 13.11
C LEU P 115 8.92 -14.58 12.54
N GLY P 116 9.75 -15.09 11.62
CA GLY P 116 9.51 -16.41 11.08
C GLY P 116 9.69 -17.52 12.11
N ARG P 117 10.64 -17.35 13.02
CA ARG P 117 10.94 -18.34 14.03
C ARG P 117 10.29 -18.04 15.38
N VAL P 118 9.43 -17.03 15.45
CA VAL P 118 8.76 -16.63 16.68
C VAL P 118 7.37 -17.20 16.66
N THR P 119 6.99 -17.86 17.76
CA THR P 119 5.73 -18.60 17.82
C THR P 119 4.77 -17.92 18.79
N ILE P 120 3.50 -17.91 18.43
CA ILE P 120 2.45 -17.21 19.17
C ILE P 120 1.57 -18.25 19.85
N ALA P 121 1.25 -18.01 21.11
CA ALA P 121 0.37 -18.91 21.85
C ALA P 121 -1.03 -18.91 21.26
N GLN P 122 -1.52 -20.10 20.90
CA GLN P 122 -2.86 -20.32 20.32
C GLN P 122 -3.10 -19.50 19.05
N GLY P 123 -2.04 -19.27 18.27
CA GLY P 123 -2.21 -18.50 17.05
C GLY P 123 -2.84 -19.28 15.93
N GLY P 124 -2.62 -20.58 15.88
CA GLY P 124 -3.08 -21.32 14.73
C GLY P 124 -2.15 -21.09 13.54
N VAL P 125 -2.70 -21.32 12.36
CA VAL P 125 -1.93 -21.23 11.12
C VAL P 125 -2.70 -20.38 10.13
N LEU P 126 -1.99 -19.99 9.07
CA LEU P 126 -2.66 -19.33 7.96
C LEU P 126 -3.56 -20.31 7.24
N PRO P 127 -4.70 -19.86 6.74
CA PRO P 127 -5.46 -20.68 5.79
C PRO P 127 -4.70 -20.77 4.49
N ASN P 128 -4.16 -21.95 4.19
CA ASN P 128 -3.33 -22.12 3.01
C ASN P 128 -3.47 -23.54 2.50
N ILE P 129 -3.87 -23.68 1.24
CA ILE P 129 -4.05 -24.98 0.60
C ILE P 129 -3.31 -24.93 -0.72
N GLN P 130 -2.48 -25.95 -0.97
CA GLN P 130 -1.79 -26.04 -2.24
C GLN P 130 -2.76 -26.32 -3.37
N ALA P 131 -2.37 -25.93 -4.58
CA ALA P 131 -3.28 -26.00 -5.72
C ALA P 131 -3.62 -27.44 -6.08
N VAL P 132 -2.63 -28.35 -6.02
CA VAL P 132 -2.89 -29.73 -6.38
C VAL P 132 -3.71 -30.45 -5.33
N LEU P 133 -3.81 -29.90 -4.12
CA LEU P 133 -4.70 -30.47 -3.12
C LEU P 133 -6.17 -30.27 -3.50
N LEU P 134 -6.46 -29.24 -4.28
CA LEU P 134 -7.81 -29.01 -4.74
C LEU P 134 -8.21 -30.05 -5.79
N PRO P 135 -9.48 -30.42 -5.84
CA PRO P 135 -9.93 -31.41 -6.82
C PRO P 135 -9.91 -30.86 -8.24
N LYS P 136 -10.07 -31.78 -9.19
CA LYS P 136 -10.02 -31.52 -10.64
C LYS P 136 -8.72 -30.83 -11.06
N LYS Q 31 0.08 -10.64 51.14
CA LYS Q 31 1.11 -9.76 50.59
C LYS Q 31 1.72 -10.36 49.34
N ARG Q 32 1.82 -9.55 48.29
CA ARG Q 32 2.41 -9.96 47.03
C ARG Q 32 3.57 -9.03 46.67
N SER Q 33 4.26 -9.38 45.59
CA SER Q 33 5.39 -8.61 45.09
C SER Q 33 5.03 -7.99 43.75
N ARG Q 34 5.46 -6.75 43.56
CA ARG Q 34 5.10 -6.02 42.34
C ARG Q 34 5.87 -6.57 41.14
N LYS Q 35 5.15 -6.80 40.05
CA LYS Q 35 5.70 -7.39 38.83
C LYS Q 35 5.44 -6.43 37.67
N GLU Q 36 6.45 -6.24 36.83
CA GLU Q 36 6.37 -5.28 35.75
C GLU Q 36 5.54 -5.83 34.59
N SER Q 37 4.78 -4.95 33.94
CA SER Q 37 4.10 -5.29 32.71
C SER Q 37 4.07 -4.08 31.81
N TYR Q 38 3.87 -4.33 30.52
CA TYR Q 38 3.77 -3.28 29.52
C TYR Q 38 2.32 -3.07 29.10
N SER Q 39 1.39 -3.49 29.95
CA SER Q 39 -0.02 -3.58 29.58
C SER Q 39 -0.62 -2.21 29.36
N VAL Q 40 -0.41 -1.30 30.32
CA VAL Q 40 -1.13 -0.04 30.33
C VAL Q 40 -0.67 0.86 29.19
N TYR Q 41 0.60 0.78 28.80
CA TYR Q 41 1.08 1.61 27.70
C TYR Q 41 0.55 1.09 26.37
N VAL Q 42 0.46 -0.24 26.23
CA VAL Q 42 -0.21 -0.85 25.10
C VAL Q 42 -1.67 -0.42 25.07
N TYR Q 43 -2.28 -0.22 26.23
CA TYR Q 43 -3.67 0.19 26.26
C TYR Q 43 -3.83 1.65 25.81
N LYS Q 44 -2.94 2.54 26.26
CA LYS Q 44 -2.97 3.92 25.76
C LYS Q 44 -2.74 3.95 24.27
N VAL Q 45 -1.78 3.17 23.77
CA VAL Q 45 -1.50 3.14 22.34
C VAL Q 45 -2.70 2.59 21.57
N LEU Q 46 -3.33 1.55 22.11
CA LEU Q 46 -4.48 0.92 21.46
C LEU Q 46 -5.64 1.89 21.35
N LYS Q 47 -5.94 2.62 22.41
CA LYS Q 47 -7.03 3.58 22.32
C LYS Q 47 -6.62 4.81 21.53
N GLN Q 48 -5.33 5.09 21.42
CA GLN Q 48 -4.86 6.12 20.50
C GLN Q 48 -5.09 5.71 19.05
N VAL Q 49 -4.89 4.43 18.75
CA VAL Q 49 -4.97 3.99 17.37
C VAL Q 49 -6.32 3.41 17.02
N HIS Q 50 -7.04 2.85 18.01
CA HIS Q 50 -8.34 2.23 17.78
C HIS Q 50 -9.14 2.36 19.06
N PRO Q 51 -9.88 3.45 19.23
CA PRO Q 51 -10.76 3.58 20.41
C PRO Q 51 -11.84 2.53 20.47
N ASP Q 52 -12.28 2.01 19.32
CA ASP Q 52 -13.37 1.06 19.25
C ASP Q 52 -12.95 -0.37 19.55
N THR Q 53 -11.67 -0.63 19.67
CA THR Q 53 -11.15 -1.99 19.70
C THR Q 53 -10.73 -2.36 21.12
N GLY Q 54 -11.23 -3.49 21.60
CA GLY Q 54 -10.84 -4.03 22.88
C GLY Q 54 -9.60 -4.88 22.78
N ILE Q 55 -9.38 -5.70 23.80
CA ILE Q 55 -8.18 -6.52 23.88
C ILE Q 55 -8.44 -7.65 24.87
N SER Q 56 -7.91 -8.83 24.55
CA SER Q 56 -7.88 -9.95 25.49
C SER Q 56 -6.56 -9.93 26.25
N SER Q 57 -6.59 -10.45 27.48
CA SER Q 57 -5.44 -10.35 28.35
C SER Q 57 -4.27 -11.21 27.89
N LYS Q 58 -4.55 -12.34 27.22
CA LYS Q 58 -3.43 -13.15 26.77
C LYS Q 58 -2.80 -12.58 25.51
N ALA Q 59 -3.58 -11.86 24.69
CA ALA Q 59 -2.99 -11.07 23.62
C ALA Q 59 -2.13 -9.94 24.18
N MET Q 60 -2.56 -9.36 25.31
CA MET Q 60 -1.73 -8.42 26.04
C MET Q 60 -0.44 -9.07 26.51
N GLY Q 61 -0.51 -10.31 26.98
CA GLY Q 61 0.71 -11.03 27.34
C GLY Q 61 1.60 -11.26 26.12
N ILE Q 62 1.00 -11.48 24.96
CA ILE Q 62 1.78 -11.68 23.75
C ILE Q 62 2.51 -10.40 23.36
N MET Q 63 1.83 -9.25 23.49
CA MET Q 63 2.52 -7.96 23.37
C MET Q 63 3.62 -7.79 24.41
N ASN Q 64 3.40 -8.29 25.62
CA ASN Q 64 4.42 -8.18 26.66
C ASN Q 64 5.67 -8.96 26.26
N SER Q 65 5.47 -10.18 25.75
CA SER Q 65 6.55 -10.99 25.22
C SER Q 65 7.22 -10.30 24.04
N PHE Q 66 6.42 -9.63 23.21
CA PHE Q 66 6.94 -8.93 22.04
C PHE Q 66 7.89 -7.82 22.44
N VAL Q 67 7.43 -6.94 23.33
CA VAL Q 67 8.24 -5.77 23.68
C VAL Q 67 9.47 -6.21 24.46
N ASN Q 68 9.35 -7.25 25.29
CA ASN Q 68 10.53 -7.77 25.99
C ASN Q 68 11.54 -8.35 25.01
N ASP Q 69 11.06 -9.18 24.07
CA ASP Q 69 11.95 -9.87 23.14
C ASP Q 69 12.68 -8.89 22.27
N ILE Q 70 11.96 -7.92 21.70
CA ILE Q 70 12.61 -6.91 20.88
C ILE Q 70 13.52 -6.02 21.73
N PHE Q 71 13.15 -5.80 23.01
CA PHE Q 71 13.97 -4.96 23.88
C PHE Q 71 15.36 -5.53 24.07
N GLU Q 72 15.47 -6.80 24.52
CA GLU Q 72 16.83 -7.33 24.62
C GLU Q 72 17.46 -7.69 23.28
N ARG Q 73 16.69 -7.92 22.20
CA ARG Q 73 17.34 -8.02 20.89
C ARG Q 73 18.11 -6.75 20.56
N ILE Q 74 17.42 -5.61 20.61
CA ILE Q 74 18.04 -4.33 20.32
C ILE Q 74 19.12 -4.01 21.34
N ALA Q 75 18.90 -4.39 22.60
CA ALA Q 75 19.86 -4.07 23.65
C ALA Q 75 21.17 -4.82 23.48
N GLY Q 76 21.09 -6.11 23.16
CA GLY Q 76 22.29 -6.86 22.85
C GLY Q 76 22.96 -6.38 21.58
N GLU Q 77 22.17 -5.95 20.59
CA GLU Q 77 22.74 -5.39 19.37
C GLU Q 77 23.55 -4.15 19.69
N ALA Q 78 22.97 -3.25 20.51
CA ALA Q 78 23.64 -2.02 20.88
C ALA Q 78 24.89 -2.30 21.69
N SER Q 79 24.83 -3.29 22.58
CA SER Q 79 25.99 -3.64 23.38
C SER Q 79 27.13 -4.19 22.52
N ARG Q 80 26.81 -5.09 21.59
CA ARG Q 80 27.86 -5.68 20.76
C ARG Q 80 28.40 -4.69 19.75
N LEU Q 81 27.55 -3.81 19.23
CA LEU Q 81 28.03 -2.70 18.40
C LEU Q 81 28.93 -1.77 19.20
N ALA Q 82 28.58 -1.51 20.46
CA ALA Q 82 29.42 -0.70 21.32
C ALA Q 82 30.76 -1.37 21.59
N HIS Q 83 30.78 -2.70 21.64
CA HIS Q 83 32.03 -3.41 21.75
C HIS Q 83 32.84 -3.36 20.46
N TYR Q 84 32.16 -3.35 19.31
CA TYR Q 84 32.89 -3.41 18.04
C TYR Q 84 33.72 -2.15 17.82
N ASN Q 85 33.17 -0.99 18.12
CA ASN Q 85 33.92 0.25 18.03
C ASN Q 85 34.55 0.65 19.33
N LYS Q 86 34.58 -0.27 20.32
CA LYS Q 86 35.09 -0.07 21.69
C LYS Q 86 34.50 1.16 22.37
N ARG Q 87 33.27 1.51 22.00
CA ARG Q 87 32.57 2.66 22.55
C ARG Q 87 31.87 2.23 23.83
N SER Q 88 32.25 2.83 24.96
CA SER Q 88 31.68 2.40 26.23
C SER Q 88 30.34 3.08 26.53
N THR Q 89 29.87 3.95 25.65
CA THR Q 89 28.59 4.62 25.83
C THR Q 89 27.73 4.41 24.60
N ILE Q 90 26.50 3.95 24.81
CA ILE Q 90 25.57 3.69 23.72
C ILE Q 90 24.68 4.91 23.55
N THR Q 91 24.74 5.53 22.37
CA THR Q 91 23.95 6.70 22.05
C THR Q 91 22.88 6.35 21.04
N SER Q 92 22.12 7.38 20.65
CA SER Q 92 21.04 7.20 19.70
C SER Q 92 21.52 6.79 18.32
N ARG Q 93 22.75 7.16 17.96
CA ARG Q 93 23.34 6.69 16.71
C ARG Q 93 23.48 5.17 16.73
N GLU Q 94 23.90 4.61 17.86
CA GLU Q 94 24.10 3.18 17.98
C GLU Q 94 22.80 2.42 17.85
N ILE Q 95 21.77 2.87 18.56
CA ILE Q 95 20.49 2.16 18.50
C ILE Q 95 19.82 2.36 17.16
N GLN Q 96 20.05 3.52 16.53
CA GLN Q 96 19.55 3.73 15.16
C GLN Q 96 20.21 2.74 14.20
N THR Q 97 21.52 2.55 14.36
CA THR Q 97 22.23 1.55 13.57
C THR Q 97 21.67 0.16 13.80
N ALA Q 98 21.39 -0.16 15.07
CA ALA Q 98 20.92 -1.50 15.41
C ALA Q 98 19.53 -1.78 14.86
N VAL Q 99 18.62 -0.80 14.97
CA VAL Q 99 17.28 -1.02 14.46
C VAL Q 99 17.30 -1.04 12.94
N ARG Q 100 18.25 -0.33 12.33
CA ARG Q 100 18.42 -0.46 10.89
C ARG Q 100 18.93 -1.84 10.52
N LEU Q 101 19.76 -2.43 11.38
CA LEU Q 101 20.22 -3.80 11.13
C LEU Q 101 19.09 -4.80 11.23
N LEU Q 102 18.37 -4.82 12.34
CA LEU Q 102 17.44 -5.93 12.51
C LEU Q 102 16.13 -5.72 11.77
N LEU Q 103 15.53 -4.56 11.92
CA LEU Q 103 14.22 -4.35 11.32
C LEU Q 103 14.41 -4.04 9.83
N PRO Q 104 13.64 -4.68 8.95
CA PRO Q 104 13.85 -4.47 7.51
C PRO Q 104 13.09 -3.26 6.96
N GLY Q 105 13.84 -2.36 6.33
CA GLY Q 105 13.32 -1.41 5.35
C GLY Q 105 12.23 -0.42 5.75
N GLU Q 106 11.02 -0.69 5.23
CA GLU Q 106 9.86 0.18 5.43
C GLU Q 106 9.57 0.41 6.91
N LEU Q 107 9.45 -0.68 7.67
CA LEU Q 107 9.31 -0.56 9.11
C LEU Q 107 10.53 0.11 9.72
N ALA Q 108 11.71 -0.23 9.21
CA ALA Q 108 12.96 0.36 9.71
C ALA Q 108 13.00 1.86 9.46
N LYS Q 109 12.69 2.29 8.24
CA LYS Q 109 12.82 3.71 7.94
C LYS Q 109 11.74 4.54 8.61
N HIS Q 110 10.51 4.02 8.72
CA HIS Q 110 9.51 4.79 9.46
C HIS Q 110 9.78 4.77 10.97
N ALA Q 111 10.38 3.69 11.48
CA ALA Q 111 10.84 3.71 12.86
C ALA Q 111 11.94 4.74 13.04
N VAL Q 112 12.82 4.86 12.04
CA VAL Q 112 13.86 5.90 12.05
C VAL Q 112 13.21 7.27 12.09
N SER Q 113 12.15 7.48 11.31
CA SER Q 113 11.47 8.76 11.29
C SER Q 113 10.82 9.08 12.64
N GLU Q 114 10.12 8.10 13.21
CA GLU Q 114 9.50 8.27 14.51
C GLU Q 114 10.52 8.59 15.59
N GLY Q 115 11.58 7.80 15.64
CA GLY Q 115 12.62 8.03 16.62
C GLY Q 115 13.37 9.33 16.40
N THR Q 116 13.54 9.72 15.14
CA THR Q 116 14.28 10.94 14.85
C THR Q 116 13.50 12.15 15.32
N LYS Q 117 12.21 12.24 14.97
CA LYS Q 117 11.42 13.36 15.44
C LYS Q 117 11.24 13.31 16.95
N ALA Q 118 11.23 12.10 17.54
CA ALA Q 118 11.17 11.98 18.98
C ALA Q 118 12.42 12.55 19.65
N VAL Q 119 13.59 12.24 19.09
CA VAL Q 119 14.81 12.68 19.76
C VAL Q 119 15.05 14.16 19.50
N THR Q 120 14.59 14.70 18.37
CA THR Q 120 14.67 16.15 18.20
C THR Q 120 13.71 16.88 19.13
N LYS Q 121 12.50 16.35 19.34
CA LYS Q 121 11.63 17.07 20.27
C LYS Q 121 12.07 16.86 21.71
N TYR Q 122 12.81 15.79 22.00
CA TYR Q 122 13.43 15.69 23.31
C TYR Q 122 14.61 16.63 23.42
N THR Q 123 15.33 16.84 22.31
CA THR Q 123 16.42 17.80 22.30
C THR Q 123 15.90 19.20 22.58
N SER Q 124 14.75 19.54 22.01
CA SER Q 124 14.07 20.76 22.40
C SER Q 124 13.49 20.66 23.81
N ALA Q 125 13.22 19.45 24.30
CA ALA Q 125 12.68 19.30 25.66
C ALA Q 125 13.81 19.38 26.68
N SER T 35 14.67 -75.10 -23.52
CA SER T 35 14.33 -74.42 -24.76
C SER T 35 12.83 -74.19 -24.86
N GLY T 36 12.12 -75.15 -25.47
CA GLY T 36 10.70 -75.06 -25.63
C GLY T 36 10.30 -74.10 -26.73
N PRO T 37 9.02 -73.73 -26.76
CA PRO T 37 8.54 -72.78 -27.76
C PRO T 37 9.03 -71.37 -27.45
N PRO T 38 9.03 -70.46 -28.44
CA PRO T 38 9.43 -69.08 -28.16
C PRO T 38 8.45 -68.33 -27.26
N VAL T 39 8.76 -67.05 -26.99
CA VAL T 39 7.91 -66.27 -26.10
C VAL T 39 6.60 -65.86 -26.74
N SER T 40 6.47 -66.02 -28.06
CA SER T 40 5.28 -65.56 -28.77
C SER T 40 4.04 -66.37 -28.38
N GLU T 41 4.19 -67.69 -28.20
CA GLU T 41 3.08 -68.50 -27.73
C GLU T 41 2.68 -68.11 -26.32
N LEU T 42 3.66 -67.77 -25.49
CA LEU T 42 3.38 -67.29 -24.14
C LEU T 42 2.59 -65.99 -24.17
N ILE T 43 2.99 -65.07 -25.05
CA ILE T 43 2.32 -63.76 -25.13
C ILE T 43 0.89 -63.92 -25.65
N THR T 44 0.69 -64.76 -26.68
CA THR T 44 -0.67 -64.93 -27.19
C THR T 44 -1.54 -65.71 -26.23
N LYS T 45 -0.95 -66.61 -25.42
CA LYS T 45 -1.72 -67.26 -24.36
C LYS T 45 -2.10 -66.26 -23.28
N ALA T 46 -1.20 -65.33 -22.96
CA ALA T 46 -1.50 -64.31 -21.96
C ALA T 46 -2.61 -63.37 -22.44
N VAL T 47 -2.60 -63.02 -23.73
CA VAL T 47 -3.64 -62.11 -24.22
C VAL T 47 -4.96 -62.86 -24.44
N ALA T 48 -4.93 -64.17 -24.68
CA ALA T 48 -6.18 -64.93 -24.82
C ALA T 48 -6.69 -65.48 -23.49
N ALA T 49 -5.92 -65.37 -22.41
CA ALA T 49 -6.34 -65.93 -21.14
C ALA T 49 -7.48 -65.13 -20.50
N SER T 50 -7.45 -63.80 -20.63
CA SER T 50 -8.37 -62.95 -19.89
C SER T 50 -9.53 -62.43 -20.72
N LYS T 51 -9.25 -61.71 -21.80
CA LYS T 51 -10.23 -61.10 -22.70
C LYS T 51 -11.18 -60.19 -21.93
N GLU T 52 -10.58 -59.14 -21.40
CA GLU T 52 -11.32 -58.05 -20.76
C GLU T 52 -11.84 -57.13 -21.85
N ARG T 53 -12.76 -56.21 -21.51
CA ARG T 53 -13.19 -55.19 -22.45
C ARG T 53 -12.02 -54.31 -22.90
N SER T 54 -11.10 -54.01 -21.99
CA SER T 54 -9.82 -53.42 -22.35
C SER T 54 -8.80 -54.52 -22.56
N GLY T 55 -7.71 -54.18 -23.26
CA GLY T 55 -6.67 -55.14 -23.53
C GLY T 55 -5.86 -55.49 -22.30
N VAL T 56 -5.13 -56.61 -22.39
CA VAL T 56 -4.25 -57.00 -21.30
C VAL T 56 -3.03 -56.08 -21.31
N SER T 57 -2.52 -55.78 -20.12
CA SER T 57 -1.43 -54.84 -20.01
C SER T 57 -0.10 -55.57 -19.96
N LEU T 58 0.98 -54.78 -20.03
CA LEU T 58 2.33 -55.33 -19.96
C LEU T 58 2.57 -55.98 -18.60
N ALA T 59 2.20 -55.29 -17.52
CA ALA T 59 2.38 -55.85 -16.18
C ALA T 59 1.51 -57.08 -15.98
N ALA T 60 0.27 -57.05 -16.48
CA ALA T 60 -0.62 -58.19 -16.35
C ALA T 60 -0.12 -59.38 -17.15
N LEU T 61 0.40 -59.15 -18.35
CA LEU T 61 0.93 -60.27 -19.12
C LEU T 61 2.22 -60.81 -18.52
N LYS T 62 3.06 -59.94 -17.94
CA LYS T 62 4.25 -60.42 -17.26
C LYS T 62 3.89 -61.26 -16.04
N LYS T 63 2.87 -60.84 -15.29
CA LYS T 63 2.39 -61.66 -14.17
C LYS T 63 1.80 -62.97 -14.66
N ALA T 64 1.13 -62.95 -15.82
CA ALA T 64 0.58 -64.17 -16.40
C ALA T 64 1.68 -65.14 -16.80
N LEU T 65 2.77 -64.63 -17.37
CA LEU T 65 3.87 -65.53 -17.75
C LEU T 65 4.68 -65.98 -16.54
N ALA T 66 4.75 -65.15 -15.50
CA ALA T 66 5.38 -65.58 -14.25
C ALA T 66 4.57 -66.69 -13.60
N ALA T 67 3.24 -66.59 -13.64
CA ALA T 67 2.40 -67.67 -13.16
C ALA T 67 2.52 -68.91 -14.04
N ALA T 68 2.57 -68.71 -15.36
CA ALA T 68 2.71 -69.84 -16.29
C ALA T 68 4.12 -70.42 -16.24
N GLY T 69 5.11 -69.59 -15.90
CA GLY T 69 6.47 -70.06 -15.74
C GLY T 69 7.40 -69.57 -16.83
N TYR T 70 8.13 -68.49 -16.52
CA TYR T 70 9.14 -67.89 -17.40
C TYR T 70 9.91 -66.88 -16.57
N ASP T 71 11.22 -66.83 -16.80
CA ASP T 71 12.06 -65.85 -16.10
C ASP T 71 11.94 -64.53 -16.86
N VAL T 72 10.90 -63.76 -16.51
CA VAL T 72 10.62 -62.51 -17.21
C VAL T 72 11.53 -61.38 -16.76
N GLU T 73 12.28 -61.56 -15.68
CA GLU T 73 13.08 -60.46 -15.12
C GLU T 73 14.25 -60.09 -16.01
N LYS T 74 14.83 -61.06 -16.72
CA LYS T 74 15.93 -60.80 -17.63
C LYS T 74 15.48 -60.69 -19.08
N ASN T 75 14.21 -61.02 -19.36
CA ASN T 75 13.71 -61.06 -20.73
C ASN T 75 12.75 -59.91 -21.01
N ASN T 76 12.88 -58.81 -20.25
CA ASN T 76 12.04 -57.64 -20.48
C ASN T 76 12.25 -57.08 -21.88
N SER T 77 13.51 -56.99 -22.31
CA SER T 77 13.79 -56.62 -23.70
C SER T 77 13.26 -57.67 -24.66
N ARG T 78 13.38 -58.96 -24.30
CA ARG T 78 12.89 -60.04 -25.15
C ARG T 78 11.37 -59.96 -25.30
N ILE T 79 10.66 -59.76 -24.20
CA ILE T 79 9.20 -59.64 -24.27
C ILE T 79 8.79 -58.38 -25.01
N LYS T 80 9.52 -57.27 -24.81
CA LYS T 80 9.20 -56.03 -25.52
C LYS T 80 9.37 -56.20 -27.03
N LEU T 81 10.48 -56.79 -27.46
CA LEU T 81 10.70 -56.98 -28.90
C LEU T 81 9.71 -57.98 -29.47
N GLY T 82 9.39 -59.04 -28.72
CA GLY T 82 8.40 -59.99 -29.19
C GLY T 82 7.02 -59.40 -29.34
N LEU T 83 6.58 -58.62 -28.34
CA LEU T 83 5.26 -58.02 -28.41
C LEU T 83 5.19 -56.96 -29.52
N LYS T 84 6.27 -56.19 -29.69
CA LYS T 84 6.29 -55.20 -30.76
C LYS T 84 6.28 -55.87 -32.13
N SER T 85 7.01 -56.98 -32.27
CA SER T 85 7.01 -57.72 -33.52
C SER T 85 5.63 -58.28 -33.85
N LEU T 86 4.96 -58.87 -32.87
CA LEU T 86 3.64 -59.43 -33.13
C LEU T 86 2.58 -58.35 -33.29
N VAL T 87 2.82 -57.15 -32.73
CA VAL T 87 2.00 -55.99 -33.07
C VAL T 87 2.17 -55.65 -34.54
N SER T 88 3.42 -55.66 -35.02
CA SER T 88 3.67 -55.34 -36.43
C SER T 88 3.12 -56.40 -37.36
N LYS T 89 2.94 -57.64 -36.89
CA LYS T 89 2.27 -58.65 -37.70
C LYS T 89 0.78 -58.39 -37.87
N GLY T 90 0.19 -57.55 -37.02
CA GLY T 90 -1.24 -57.37 -37.02
C GLY T 90 -2.00 -58.40 -36.22
N THR T 91 -1.31 -59.33 -35.55
CA THR T 91 -1.98 -60.31 -34.72
C THR T 91 -2.58 -59.67 -33.48
N LEU T 92 -1.93 -58.66 -32.93
CA LEU T 92 -2.41 -57.92 -31.79
C LEU T 92 -2.48 -56.43 -32.13
N VAL T 93 -3.42 -55.74 -31.48
CA VAL T 93 -3.54 -54.29 -31.58
C VAL T 93 -3.40 -53.71 -30.19
N GLN T 94 -2.61 -52.64 -30.07
CA GLN T 94 -2.38 -52.00 -28.79
C GLN T 94 -3.58 -51.13 -28.47
N THR T 95 -4.13 -51.30 -27.26
CA THR T 95 -5.42 -50.71 -26.93
C THR T 95 -5.29 -49.21 -26.68
N LYS T 96 -4.54 -48.83 -25.66
CA LYS T 96 -4.43 -47.43 -25.28
C LYS T 96 -3.00 -46.90 -25.29
N GLY T 97 -2.03 -47.72 -24.90
CA GLY T 97 -0.66 -47.28 -24.80
C GLY T 97 0.03 -47.18 -26.14
N THR T 98 1.33 -46.89 -26.08
CA THR T 98 2.18 -46.80 -27.25
C THR T 98 3.40 -47.67 -27.05
N GLY T 99 3.72 -48.49 -28.05
CA GLY T 99 4.87 -49.36 -27.94
C GLY T 99 4.61 -50.49 -26.97
N ALA T 100 5.48 -50.65 -25.98
CA ALA T 100 5.35 -51.71 -25.00
C ALA T 100 4.61 -51.27 -23.74
N SER T 101 4.17 -50.01 -23.66
CA SER T 101 3.37 -49.54 -22.55
C SER T 101 1.89 -49.64 -22.89
N GLY T 102 1.06 -49.72 -21.86
CA GLY T 102 -0.38 -49.70 -22.04
C GLY T 102 -1.05 -51.05 -22.07
N SER T 103 -2.19 -51.14 -22.75
CA SER T 103 -2.96 -52.37 -22.86
C SER T 103 -2.84 -52.95 -24.26
N PHE T 104 -3.05 -54.25 -24.35
CA PHE T 104 -2.77 -55.01 -25.57
C PHE T 104 -3.89 -56.02 -25.79
N LYS T 105 -4.49 -56.01 -26.98
CA LYS T 105 -5.60 -56.92 -27.26
C LYS T 105 -5.48 -57.49 -28.67
N LEU T 106 -6.05 -58.68 -28.82
CA LEU T 106 -5.89 -59.48 -30.03
C LEU T 106 -6.73 -58.88 -31.18
N ASN T 107 -6.42 -59.32 -32.40
CA ASN T 107 -7.06 -58.83 -33.62
C ASN T 107 -8.52 -59.25 -33.68
N LYS T 108 -9.19 -58.84 -34.76
CA LYS T 108 -10.59 -59.19 -34.96
C LYS T 108 -10.77 -60.68 -35.17
N LYS T 109 -9.87 -61.31 -35.92
CA LYS T 109 -9.97 -62.73 -36.21
C LYS T 109 -8.61 -63.41 -36.07
#